data_4MID
# 
_entry.id   4MID 
# 
_audit_conform.dict_name       mmcif_pdbx.dic 
_audit_conform.dict_version    5.399 
_audit_conform.dict_location   http://mmcif.pdb.org/dictionaries/ascii/mmcif_pdbx.dic 
# 
loop_
_database_2.database_id 
_database_2.database_code 
_database_2.pdbx_database_accession 
_database_2.pdbx_DOI 
PDB   4MID         pdb_00004mid 10.2210/pdb4mid/pdb 
RCSB  RCSB081947   ?            ?                   
WWPDB D_1000081947 ?            ?                   
# 
loop_
_pdbx_audit_revision_history.ordinal 
_pdbx_audit_revision_history.data_content_type 
_pdbx_audit_revision_history.major_revision 
_pdbx_audit_revision_history.minor_revision 
_pdbx_audit_revision_history.revision_date 
1 'Structure model' 1 0 2014-05-07 
2 'Structure model' 1 1 2014-09-03 
3 'Structure model' 1 2 2017-11-15 
4 'Structure model' 1 3 2019-07-17 
5 'Structure model' 1 4 2024-11-20 
# 
_pdbx_audit_revision_details.ordinal             1 
_pdbx_audit_revision_details.revision_ordinal    1 
_pdbx_audit_revision_details.data_content_type   'Structure model' 
_pdbx_audit_revision_details.provider            repository 
_pdbx_audit_revision_details.type                'Initial release' 
_pdbx_audit_revision_details.description         ? 
_pdbx_audit_revision_details.details             ? 
# 
loop_
_pdbx_audit_revision_group.ordinal 
_pdbx_audit_revision_group.revision_ordinal 
_pdbx_audit_revision_group.data_content_type 
_pdbx_audit_revision_group.group 
1 2 'Structure model' 'Database references'    
2 3 'Structure model' 'Refinement description' 
3 4 'Structure model' 'Data collection'        
4 4 'Structure model' 'Refinement description' 
5 5 'Structure model' 'Data collection'        
6 5 'Structure model' 'Database references'    
7 5 'Structure model' 'Derived calculations'   
8 5 'Structure model' 'Structure summary'      
# 
loop_
_pdbx_audit_revision_category.ordinal 
_pdbx_audit_revision_category.revision_ordinal 
_pdbx_audit_revision_category.data_content_type 
_pdbx_audit_revision_category.category 
1 3 'Structure model' software                  
2 4 'Structure model' software                  
3 5 'Structure model' chem_comp_atom            
4 5 'Structure model' chem_comp_bond            
5 5 'Structure model' database_2                
6 5 'Structure model' pdbx_entry_details        
7 5 'Structure model' pdbx_modification_feature 
8 5 'Structure model' struct_conn               
# 
loop_
_pdbx_audit_revision_item.ordinal 
_pdbx_audit_revision_item.revision_ordinal 
_pdbx_audit_revision_item.data_content_type 
_pdbx_audit_revision_item.item 
1  4 'Structure model' '_software.classification'                     
2  4 'Structure model' '_software.name'                               
3  4 'Structure model' '_software.version'                            
4  5 'Structure model' '_database_2.pdbx_DOI'                         
5  5 'Structure model' '_database_2.pdbx_database_accession'          
6  5 'Structure model' '_pdbx_entry_details.has_protein_modification' 
7  5 'Structure model' '_struct_conn.pdbx_dist_value'                 
8  5 'Structure model' '_struct_conn.ptnr1_auth_seq_id'               
9  5 'Structure model' '_struct_conn.ptnr1_label_seq_id'              
10 5 'Structure model' '_struct_conn.ptnr2_auth_seq_id'               
11 5 'Structure model' '_struct_conn.ptnr2_label_seq_id'              
12 5 'Structure model' '_struct_conn.ptnr2_symmetry'                  
# 
_pdbx_database_status.status_code                     REL 
_pdbx_database_status.entry_id                        4MID 
_pdbx_database_status.recvd_initial_deposition_date   2013-08-30 
_pdbx_database_status.deposit_site                    RCSB 
_pdbx_database_status.process_site                    RCSB 
_pdbx_database_status.status_code_sf                  REL 
_pdbx_database_status.status_code_mr                  ? 
_pdbx_database_status.SG_entry                        ? 
_pdbx_database_status.status_code_cs                  ? 
_pdbx_database_status.methods_development_category    ? 
_pdbx_database_status.pdb_format_compatible           Y 
_pdbx_database_status.status_code_nmr_data            ? 
# 
_audit_author.name           'Esquivies, L.' 
_audit_author.pdbx_ordinal   1 
# 
_citation.id                        primary 
_citation.title                     'An Activin A/BMP2 Chimera, AB204, Displays Bone-Healing Properties Superior to Those of BMP2.' 
_citation.journal_abbrev            'J.Bone Miner.Res.' 
_citation.journal_volume            29 
_citation.page_first                1950 
_citation.page_last                 1959 
_citation.year                      2014 
_citation.journal_id_ASTM           JBMREJ 
_citation.country                   US 
_citation.journal_id_ISSN           0884-0431 
_citation.journal_id_CSD            2228 
_citation.book_publisher            ? 
_citation.pdbx_database_id_PubMed   24692083 
_citation.pdbx_database_id_DOI      10.1002/jbmr.2238 
# 
loop_
_citation_author.citation_id 
_citation_author.name 
_citation_author.ordinal 
_citation_author.identifier_ORCID 
primary 'Yoon, B.H.'      1 ? 
primary 'Esquivies, L.'   2 ? 
primary 'Ahn, C.'         3 ? 
primary 'Gray, P.C.'      4 ? 
primary 'Ye, S.K.'        5 ? 
primary 'Kwiatkowski, W.' 6 ? 
primary 'Choe, S.'        7 ? 
# 
loop_
_entity.id 
_entity.type 
_entity.src_method 
_entity.pdbx_description 
_entity.formula_weight 
_entity.pdbx_number_of_molecules 
_entity.pdbx_ec 
_entity.pdbx_mutation 
_entity.pdbx_fragment 
_entity.details 
1 polymer man 'AB204 Activin A/BMP2 chimera' 13090.076 1  ? ? ? ? 
2 water   nat water                          18.015    20 ? ? ? ? 
# 
_entity_poly.entity_id                      1 
_entity_poly.type                           'polypeptide(L)' 
_entity_poly.nstd_linkage                   no 
_entity_poly.nstd_monomer                   no 
_entity_poly.pdbx_seq_one_letter_code       
;MQAKHKQRKRLKSSCKRHPLYVDFSDVGWNDWIIAPSGYHANYCDGECPFPLADHLNSTNHAIVQTLVNSVNSKIPKACC
VPTKLRPMSMLYYDDGQNIIKKDIQNMIVEECGCS
;
_entity_poly.pdbx_seq_one_letter_code_can   
;MQAKHKQRKRLKSSCKRHPLYVDFSDVGWNDWIIAPSGYHANYCDGECPFPLADHLNSTNHAIVQTLVNSVNSKIPKACC
VPTKLRPMSMLYYDDGQNIIKKDIQNMIVEECGCS
;
_entity_poly.pdbx_strand_id                 A 
_entity_poly.pdbx_target_identifier         ? 
# 
_pdbx_entity_nonpoly.entity_id   2 
_pdbx_entity_nonpoly.name        water 
_pdbx_entity_nonpoly.comp_id     HOH 
# 
loop_
_entity_poly_seq.entity_id 
_entity_poly_seq.num 
_entity_poly_seq.mon_id 
_entity_poly_seq.hetero 
1 1   MET n 
1 2   GLN n 
1 3   ALA n 
1 4   LYS n 
1 5   HIS n 
1 6   LYS n 
1 7   GLN n 
1 8   ARG n 
1 9   LYS n 
1 10  ARG n 
1 11  LEU n 
1 12  LYS n 
1 13  SER n 
1 14  SER n 
1 15  CYS n 
1 16  LYS n 
1 17  ARG n 
1 18  HIS n 
1 19  PRO n 
1 20  LEU n 
1 21  TYR n 
1 22  VAL n 
1 23  ASP n 
1 24  PHE n 
1 25  SER n 
1 26  ASP n 
1 27  VAL n 
1 28  GLY n 
1 29  TRP n 
1 30  ASN n 
1 31  ASP n 
1 32  TRP n 
1 33  ILE n 
1 34  ILE n 
1 35  ALA n 
1 36  PRO n 
1 37  SER n 
1 38  GLY n 
1 39  TYR n 
1 40  HIS n 
1 41  ALA n 
1 42  ASN n 
1 43  TYR n 
1 44  CYS n 
1 45  ASP n 
1 46  GLY n 
1 47  GLU n 
1 48  CYS n 
1 49  PRO n 
1 50  PHE n 
1 51  PRO n 
1 52  LEU n 
1 53  ALA n 
1 54  ASP n 
1 55  HIS n 
1 56  LEU n 
1 57  ASN n 
1 58  SER n 
1 59  THR n 
1 60  ASN n 
1 61  HIS n 
1 62  ALA n 
1 63  ILE n 
1 64  VAL n 
1 65  GLN n 
1 66  THR n 
1 67  LEU n 
1 68  VAL n 
1 69  ASN n 
1 70  SER n 
1 71  VAL n 
1 72  ASN n 
1 73  SER n 
1 74  LYS n 
1 75  ILE n 
1 76  PRO n 
1 77  LYS n 
1 78  ALA n 
1 79  CYS n 
1 80  CYS n 
1 81  VAL n 
1 82  PRO n 
1 83  THR n 
1 84  LYS n 
1 85  LEU n 
1 86  ARG n 
1 87  PRO n 
1 88  MET n 
1 89  SER n 
1 90  MET n 
1 91  LEU n 
1 92  TYR n 
1 93  TYR n 
1 94  ASP n 
1 95  ASP n 
1 96  GLY n 
1 97  GLN n 
1 98  ASN n 
1 99  ILE n 
1 100 ILE n 
1 101 LYS n 
1 102 LYS n 
1 103 ASP n 
1 104 ILE n 
1 105 GLN n 
1 106 ASN n 
1 107 MET n 
1 108 ILE n 
1 109 VAL n 
1 110 GLU n 
1 111 GLU n 
1 112 CYS n 
1 113 GLY n 
1 114 CYS n 
1 115 SER n 
# 
_entity_src_gen.entity_id                          1 
_entity_src_gen.pdbx_src_id                        1 
_entity_src_gen.pdbx_alt_source_flag               sample 
_entity_src_gen.pdbx_seq_type                      ? 
_entity_src_gen.pdbx_beg_seq_num                   ? 
_entity_src_gen.pdbx_end_seq_num                   ? 
_entity_src_gen.gene_src_common_name               ? 
_entity_src_gen.gene_src_genus                     ? 
_entity_src_gen.pdbx_gene_src_gene                 ? 
_entity_src_gen.gene_src_species                   ? 
_entity_src_gen.gene_src_strain                    ? 
_entity_src_gen.gene_src_tissue                    ? 
_entity_src_gen.gene_src_tissue_fraction           ? 
_entity_src_gen.gene_src_details                   ? 
_entity_src_gen.pdbx_gene_src_fragment             ? 
_entity_src_gen.pdbx_gene_src_scientific_name      'Homo sapiens' 
_entity_src_gen.pdbx_gene_src_ncbi_taxonomy_id     9606 
_entity_src_gen.pdbx_gene_src_variant              ? 
_entity_src_gen.pdbx_gene_src_cell_line            ? 
_entity_src_gen.pdbx_gene_src_atcc                 ? 
_entity_src_gen.pdbx_gene_src_organ                ? 
_entity_src_gen.pdbx_gene_src_organelle            ? 
_entity_src_gen.pdbx_gene_src_cell                 ? 
_entity_src_gen.pdbx_gene_src_cellular_location    ? 
_entity_src_gen.host_org_common_name               ? 
_entity_src_gen.pdbx_host_org_scientific_name      'Escherichia coli' 
_entity_src_gen.pdbx_host_org_ncbi_taxonomy_id     511693 
_entity_src_gen.host_org_genus                     ? 
_entity_src_gen.pdbx_host_org_gene                 ? 
_entity_src_gen.pdbx_host_org_organ                ? 
_entity_src_gen.host_org_species                   ? 
_entity_src_gen.pdbx_host_org_tissue               ? 
_entity_src_gen.pdbx_host_org_tissue_fraction      ? 
_entity_src_gen.pdbx_host_org_strain               BL21 
_entity_src_gen.pdbx_host_org_variant              ? 
_entity_src_gen.pdbx_host_org_cell_line            ? 
_entity_src_gen.pdbx_host_org_atcc                 ? 
_entity_src_gen.pdbx_host_org_culture_collection   ? 
_entity_src_gen.pdbx_host_org_cell                 ? 
_entity_src_gen.pdbx_host_org_organelle            ? 
_entity_src_gen.pdbx_host_org_cellular_location    ? 
_entity_src_gen.pdbx_host_org_vector_type          plasmid 
_entity_src_gen.pdbx_host_org_vector               ? 
_entity_src_gen.host_org_details                   ? 
_entity_src_gen.expression_system_id               ? 
_entity_src_gen.plasmid_name                       pET21a 
_entity_src_gen.plasmid_details                    ? 
_entity_src_gen.pdbx_description                   ? 
# 
loop_
_chem_comp.id 
_chem_comp.type 
_chem_comp.mon_nstd_flag 
_chem_comp.name 
_chem_comp.pdbx_synonyms 
_chem_comp.formula 
_chem_comp.formula_weight 
ALA 'L-peptide linking' y ALANINE         ? 'C3 H7 N O2'     89.093  
ARG 'L-peptide linking' y ARGININE        ? 'C6 H15 N4 O2 1' 175.209 
ASN 'L-peptide linking' y ASPARAGINE      ? 'C4 H8 N2 O3'    132.118 
ASP 'L-peptide linking' y 'ASPARTIC ACID' ? 'C4 H7 N O4'     133.103 
CYS 'L-peptide linking' y CYSTEINE        ? 'C3 H7 N O2 S'   121.158 
GLN 'L-peptide linking' y GLUTAMINE       ? 'C5 H10 N2 O3'   146.144 
GLU 'L-peptide linking' y 'GLUTAMIC ACID' ? 'C5 H9 N O4'     147.129 
GLY 'peptide linking'   y GLYCINE         ? 'C2 H5 N O2'     75.067  
HIS 'L-peptide linking' y HISTIDINE       ? 'C6 H10 N3 O2 1' 156.162 
HOH non-polymer         . WATER           ? 'H2 O'           18.015  
ILE 'L-peptide linking' y ISOLEUCINE      ? 'C6 H13 N O2'    131.173 
LEU 'L-peptide linking' y LEUCINE         ? 'C6 H13 N O2'    131.173 
LYS 'L-peptide linking' y LYSINE          ? 'C6 H15 N2 O2 1' 147.195 
MET 'L-peptide linking' y METHIONINE      ? 'C5 H11 N O2 S'  149.211 
PHE 'L-peptide linking' y PHENYLALANINE   ? 'C9 H11 N O2'    165.189 
PRO 'L-peptide linking' y PROLINE         ? 'C5 H9 N O2'     115.130 
SER 'L-peptide linking' y SERINE          ? 'C3 H7 N O3'     105.093 
THR 'L-peptide linking' y THREONINE       ? 'C4 H9 N O3'     119.119 
TRP 'L-peptide linking' y TRYPTOPHAN      ? 'C11 H12 N2 O2'  204.225 
TYR 'L-peptide linking' y TYROSINE        ? 'C9 H11 N O3'    181.189 
VAL 'L-peptide linking' y VALINE          ? 'C5 H11 N O2'    117.146 
# 
loop_
_pdbx_poly_seq_scheme.asym_id 
_pdbx_poly_seq_scheme.entity_id 
_pdbx_poly_seq_scheme.seq_id 
_pdbx_poly_seq_scheme.mon_id 
_pdbx_poly_seq_scheme.ndb_seq_num 
_pdbx_poly_seq_scheme.pdb_seq_num 
_pdbx_poly_seq_scheme.auth_seq_num 
_pdbx_poly_seq_scheme.pdb_mon_id 
_pdbx_poly_seq_scheme.auth_mon_id 
_pdbx_poly_seq_scheme.pdb_strand_id 
_pdbx_poly_seq_scheme.pdb_ins_code 
_pdbx_poly_seq_scheme.hetero 
A 1 1   MET 1   0   ?   ?   ?   A . n 
A 1 2   GLN 2   1   ?   ?   ?   A . n 
A 1 3   ALA 3   2   ?   ?   ?   A . n 
A 1 4   LYS 4   3   ?   ?   ?   A . n 
A 1 5   HIS 5   4   ?   ?   ?   A . n 
A 1 6   LYS 6   5   ?   ?   ?   A . n 
A 1 7   GLN 7   6   ?   ?   ?   A . n 
A 1 8   ARG 8   7   ?   ?   ?   A . n 
A 1 9   LYS 9   8   ?   ?   ?   A . n 
A 1 10  ARG 10  9   ?   ?   ?   A . n 
A 1 11  LEU 11  10  10  LEU LEU A . n 
A 1 12  LYS 12  11  11  LYS LYS A . n 
A 1 13  SER 13  12  12  SER SER A . n 
A 1 14  SER 14  13  13  SER SER A . n 
A 1 15  CYS 15  14  14  CYS CYS A . n 
A 1 16  LYS 16  15  15  LYS LYS A . n 
A 1 17  ARG 17  16  16  ARG ARG A . n 
A 1 18  HIS 18  17  17  HIS HIS A . n 
A 1 19  PRO 19  18  18  PRO PRO A . n 
A 1 20  LEU 20  19  19  LEU LEU A . n 
A 1 21  TYR 21  20  20  TYR TYR A . n 
A 1 22  VAL 22  21  21  VAL VAL A . n 
A 1 23  ASP 23  22  22  ASP ASP A . n 
A 1 24  PHE 24  23  23  PHE PHE A . n 
A 1 25  SER 25  24  24  SER SER A . n 
A 1 26  ASP 26  25  25  ASP ASP A . n 
A 1 27  VAL 27  26  26  VAL VAL A . n 
A 1 28  GLY 28  27  27  GLY GLY A . n 
A 1 29  TRP 29  28  28  TRP TRP A . n 
A 1 30  ASN 30  29  29  ASN ASN A . n 
A 1 31  ASP 31  30  30  ASP ASP A . n 
A 1 32  TRP 32  31  31  TRP TRP A . n 
A 1 33  ILE 33  32  32  ILE ILE A . n 
A 1 34  ILE 34  33  33  ILE ILE A . n 
A 1 35  ALA 35  34  34  ALA ALA A . n 
A 1 36  PRO 36  35  35  PRO PRO A . n 
A 1 37  SER 37  36  36  SER SER A . n 
A 1 38  GLY 38  37  37  GLY GLY A . n 
A 1 39  TYR 39  38  38  TYR TYR A . n 
A 1 40  HIS 40  39  39  HIS HIS A . n 
A 1 41  ALA 41  40  40  ALA ALA A . n 
A 1 42  ASN 42  41  41  ASN ASN A . n 
A 1 43  TYR 43  42  42  TYR TYR A . n 
A 1 44  CYS 44  43  43  CYS CYS A . n 
A 1 45  ASP 45  44  44  ASP ASP A . n 
A 1 46  GLY 46  45  45  GLY GLY A . n 
A 1 47  GLU 47  46  46  GLU GLU A . n 
A 1 48  CYS 48  47  47  CYS CYS A . n 
A 1 49  PRO 49  48  48  PRO PRO A . n 
A 1 50  PHE 50  49  49  PHE PHE A . n 
A 1 51  PRO 51  50  50  PRO PRO A . n 
A 1 52  LEU 52  51  51  LEU LEU A . n 
A 1 53  ALA 53  52  52  ALA ALA A . n 
A 1 54  ASP 54  53  53  ASP ASP A . n 
A 1 55  HIS 55  54  54  HIS HIS A . n 
A 1 56  LEU 56  55  55  LEU LEU A . n 
A 1 57  ASN 57  56  56  ASN ASN A . n 
A 1 58  SER 58  57  57  SER SER A . n 
A 1 59  THR 59  58  58  THR THR A . n 
A 1 60  ASN 60  59  59  ASN ASN A . n 
A 1 61  HIS 61  60  60  HIS HIS A . n 
A 1 62  ALA 62  61  61  ALA ALA A . n 
A 1 63  ILE 63  62  62  ILE ILE A . n 
A 1 64  VAL 64  63  63  VAL VAL A . n 
A 1 65  GLN 65  64  64  GLN GLN A . n 
A 1 66  THR 66  65  65  THR THR A . n 
A 1 67  LEU 67  66  66  LEU LEU A . n 
A 1 68  VAL 68  67  67  VAL VAL A . n 
A 1 69  ASN 69  68  68  ASN ASN A . n 
A 1 70  SER 70  69  69  SER SER A . n 
A 1 71  VAL 71  70  70  VAL VAL A . n 
A 1 72  ASN 72  71  71  ASN ASN A . n 
A 1 73  SER 73  72  72  SER SER A . n 
A 1 74  LYS 74  73  73  LYS LYS A . n 
A 1 75  ILE 75  74  74  ILE ILE A . n 
A 1 76  PRO 76  75  75  PRO PRO A . n 
A 1 77  LYS 77  76  76  LYS LYS A . n 
A 1 78  ALA 78  77  77  ALA ALA A . n 
A 1 79  CYS 79  78  78  CYS CYS A . n 
A 1 80  CYS 80  79  79  CYS CYS A . n 
A 1 81  VAL 81  80  80  VAL VAL A . n 
A 1 82  PRO 82  81  81  PRO PRO A . n 
A 1 83  THR 83  82  82  THR THR A . n 
A 1 84  LYS 84  83  83  LYS LYS A . n 
A 1 85  LEU 85  84  84  LEU LEU A . n 
A 1 86  ARG 86  85  85  ARG ARG A . n 
A 1 87  PRO 87  86  86  PRO PRO A . n 
A 1 88  MET 88  87  87  MET MET A . n 
A 1 89  SER 89  88  88  SER SER A . n 
A 1 90  MET 90  89  89  MET MET A . n 
A 1 91  LEU 91  90  90  LEU LEU A . n 
A 1 92  TYR 92  91  91  TYR TYR A . n 
A 1 93  TYR 93  92  92  TYR TYR A . n 
A 1 94  ASP 94  93  93  ASP ASP A . n 
A 1 95  ASP 95  94  94  ASP ASP A . n 
A 1 96  GLY 96  95  95  GLY GLY A . n 
A 1 97  GLN 97  96  96  GLN GLN A . n 
A 1 98  ASN 98  97  97  ASN ASN A . n 
A 1 99  ILE 99  98  98  ILE ILE A . n 
A 1 100 ILE 100 99  99  ILE ILE A . n 
A 1 101 LYS 101 100 100 LYS LYS A . n 
A 1 102 LYS 102 101 101 LYS LYS A . n 
A 1 103 ASP 103 102 102 ASP ASP A . n 
A 1 104 ILE 104 103 103 ILE ILE A . n 
A 1 105 GLN 105 104 104 GLN GLN A . n 
A 1 106 ASN 106 105 105 ASN ASN A . n 
A 1 107 MET 107 106 106 MET MET A . n 
A 1 108 ILE 108 107 107 ILE ILE A . n 
A 1 109 VAL 109 108 108 VAL VAL A . n 
A 1 110 GLU 110 109 109 GLU GLU A . n 
A 1 111 GLU 111 110 110 GLU GLU A . n 
A 1 112 CYS 112 111 111 CYS CYS A . n 
A 1 113 GLY 113 112 112 GLY GLY A . n 
A 1 114 CYS 114 113 113 CYS CYS A . n 
A 1 115 SER 115 114 114 SER SER A . n 
# 
loop_
_pdbx_nonpoly_scheme.asym_id 
_pdbx_nonpoly_scheme.entity_id 
_pdbx_nonpoly_scheme.mon_id 
_pdbx_nonpoly_scheme.ndb_seq_num 
_pdbx_nonpoly_scheme.pdb_seq_num 
_pdbx_nonpoly_scheme.auth_seq_num 
_pdbx_nonpoly_scheme.pdb_mon_id 
_pdbx_nonpoly_scheme.auth_mon_id 
_pdbx_nonpoly_scheme.pdb_strand_id 
_pdbx_nonpoly_scheme.pdb_ins_code 
B 2 HOH 1  201 1  HOH HOH A . 
B 2 HOH 2  202 2  HOH HOH A . 
B 2 HOH 3  203 3  HOH HOH A . 
B 2 HOH 4  204 4  HOH HOH A . 
B 2 HOH 5  205 5  HOH HOH A . 
B 2 HOH 6  206 6  HOH HOH A . 
B 2 HOH 7  207 7  HOH HOH A . 
B 2 HOH 8  208 8  HOH HOH A . 
B 2 HOH 9  209 9  HOH HOH A . 
B 2 HOH 10 210 10 HOH HOH A . 
B 2 HOH 11 211 11 HOH HOH A . 
B 2 HOH 12 212 12 HOH HOH A . 
B 2 HOH 13 213 13 HOH HOH A . 
B 2 HOH 14 214 14 HOH HOH A . 
B 2 HOH 15 215 15 HOH HOH A . 
B 2 HOH 16 216 16 HOH HOH A . 
B 2 HOH 17 217 17 HOH HOH A . 
B 2 HOH 18 218 18 HOH HOH A . 
B 2 HOH 19 219 19 HOH HOH A . 
B 2 HOH 20 220 20 HOH HOH A . 
# 
loop_
_software.name 
_software.classification 
_software.version 
_software.citation_id 
_software.pdbx_ordinal 
PHENIX refinement       1.8.1_1168 ? 1 
REFMAC refinement       5.7.0032   ? 2 
XDS    'data reduction' .          ? 3 
SCALA  'data scaling'   .          ? 4 
BALBES phasing          .          ? 5 
# 
_cell.entry_id           4MID 
_cell.length_a           32.615 
_cell.length_b           32.615 
_cell.length_c           147.358 
_cell.angle_alpha        90.00 
_cell.angle_beta         90.00 
_cell.angle_gamma        120.00 
_cell.Z_PDB              6 
_cell.pdbx_unique_axis   ? 
# 
_symmetry.entry_id                         4MID 
_symmetry.space_group_name_H-M             'P 31 2 1' 
_symmetry.pdbx_full_space_group_name_H-M   ? 
_symmetry.cell_setting                     ? 
_symmetry.Int_Tables_number                152 
# 
_exptl.entry_id          4MID 
_exptl.method            'X-RAY DIFFRACTION' 
_exptl.crystals_number   1 
# 
_exptl_crystal.id                    1 
_exptl_crystal.density_meas          ? 
_exptl_crystal.density_Matthews      1.73 
_exptl_crystal.density_percent_sol   28.84 
_exptl_crystal.description           ? 
# 
_exptl_crystal_grow.crystal_id      1 
_exptl_crystal_grow.method          'VAPOR DIFFUSION, HANGING DROP' 
_exptl_crystal_grow.temp            288 
_exptl_crystal_grow.temp_details    ? 
_exptl_crystal_grow.pH              8.5 
_exptl_crystal_grow.pdbx_pH_range   ? 
_exptl_crystal_grow.pdbx_details    
'0.2 M LiSO4, 0.1 M Tris, 30% PEG 4000, pH 8.5, VAPOR DIFFUSION, HANGING DROP, temperature 288K' 
# 
_diffrn.id                     1 
_diffrn.ambient_temp           100 
_diffrn.ambient_temp_details   ? 
_diffrn.crystal_id             1 
# 
_diffrn_detector.diffrn_id              1 
_diffrn_detector.detector               'IMAGE PLATE' 
_diffrn_detector.type                   'RIGAKU RAXIS IV++' 
_diffrn_detector.pdbx_collection_date   2012-05-12 
_diffrn_detector.details                ? 
# 
_diffrn_radiation.diffrn_id                        1 
_diffrn_radiation.wavelength_id                    1 
_diffrn_radiation.pdbx_monochromatic_or_laue_m_l   M 
_diffrn_radiation.monochromator                    Mirrors 
_diffrn_radiation.pdbx_diffrn_protocol             'SINGLE WAVELENGTH' 
_diffrn_radiation.pdbx_scattering_type             x-ray 
# 
_diffrn_radiation_wavelength.id           1 
_diffrn_radiation_wavelength.wavelength   1.54 
_diffrn_radiation_wavelength.wt           1.0 
# 
_diffrn_source.diffrn_id                   1 
_diffrn_source.source                      'ROTATING ANODE' 
_diffrn_source.type                        'RIGAKU MICROMAX-007 HF' 
_diffrn_source.pdbx_synchrotron_site       ? 
_diffrn_source.pdbx_synchrotron_beamline   ? 
_diffrn_source.pdbx_wavelength             ? 
_diffrn_source.pdbx_wavelength_list        1.54 
# 
_reflns.pdbx_diffrn_id               1 
_reflns.pdbx_ordinal                 1 
_reflns.entry_id                     4MID 
_reflns.observed_criterion_sigma_I   0 
_reflns.observed_criterion_sigma_F   0 
_reflns.d_resolution_low             147.358 
_reflns.d_resolution_high            2.139 
_reflns.number_obs                   5395 
_reflns.number_all                   5395 
_reflns.percent_possible_obs         97.2 
_reflns.pdbx_Rmerge_I_obs            0.059 
_reflns.pdbx_Rsym_value              0.059 
_reflns.pdbx_netI_over_sigmaI        23.2 
_reflns.B_iso_Wilson_estimate        ? 
_reflns.pdbx_redundancy              8.1 
# 
_reflns_shell.pdbx_diffrn_id         1 
_reflns_shell.pdbx_ordinal           1 
_reflns_shell.d_res_high             2.139 
_reflns_shell.d_res_low              2.194 
_reflns_shell.percent_possible_all   76.7 
_reflns_shell.Rmerge_I_obs           0.248 
_reflns_shell.pdbx_Rsym_value        0.248 
_reflns_shell.meanI_over_sigI_obs    2.8 
_reflns_shell.pdbx_redundancy        2.2 
# 
_refine.pdbx_refine_id                           'X-RAY DIFFRACTION' 
_refine.entry_id                                 4MID 
_refine.pdbx_diffrn_id                           1 
_refine.pdbx_TLS_residual_ADP_flag               ? 
_refine.ls_number_reflns_obs                     5342 
_refine.ls_number_reflns_all                     5106 
_refine.pdbx_ls_sigma_I                          ? 
_refine.pdbx_ls_sigma_F                          1.39 
_refine.pdbx_data_cutoff_high_absF               ? 
_refine.pdbx_data_cutoff_low_absF                ? 
_refine.pdbx_data_cutoff_high_rms_absF           ? 
_refine.ls_d_res_low                             28.245 
_refine.ls_d_res_high                            2.139 
_refine.ls_percent_reflns_obs                    96.25 
_refine.ls_R_factor_obs                          0.2213 
_refine.ls_R_factor_all                          ? 
_refine.ls_R_factor_R_work                       0.2190 
_refine.ls_R_factor_R_free                       0.2643 
_refine.ls_R_factor_R_free_error                 ? 
_refine.ls_R_factor_R_free_error_details         ? 
_refine.ls_percent_reflns_R_free                 4.57 
_refine.ls_number_reflns_R_free                  244 
_refine.ls_number_parameters                     ? 
_refine.ls_number_restraints                     ? 
_refine.occupancy_min                            ? 
_refine.occupancy_max                            ? 
_refine.correlation_coeff_Fo_to_Fc               0.925 
_refine.correlation_coeff_Fo_to_Fc_free          0.918 
_refine.B_iso_mean                               44.821 
_refine.aniso_B[1][1]                            11.97 
_refine.aniso_B[2][2]                            11.97 
_refine.aniso_B[3][3]                            -23.94 
_refine.aniso_B[1][2]                            0.00 
_refine.aniso_B[1][3]                            0.00 
_refine.aniso_B[2][3]                            0.00 
_refine.solvent_model_details                    'FLAT BULK SOLVENT MODEL' 
_refine.solvent_model_param_ksol                 ? 
_refine.solvent_model_param_bsol                 ? 
_refine.pdbx_solvent_vdw_probe_radii             1.11 
_refine.pdbx_solvent_ion_probe_radii             ? 
_refine.pdbx_solvent_shrinkage_radii             0.90 
_refine.pdbx_ls_cross_valid_method               ? 
_refine.details                                  'HYDROGENS HAVE BEEN ADDED IN THE RIDING POSITIONS' 
_refine.pdbx_starting_model                      ? 
_refine.pdbx_method_to_determine_struct          'MOLECULAR REPLACEMENT' 
_refine.pdbx_isotropic_thermal_model             ? 
_refine.pdbx_stereochemistry_target_values       ML 
_refine.pdbx_stereochem_target_val_spec_case     ? 
_refine.pdbx_R_Free_selection_details            ? 
_refine.pdbx_overall_ESU_R                       ? 
_refine.pdbx_overall_ESU_R_Free                  ? 
_refine.overall_SU_ML                            0.24 
_refine.pdbx_overall_phase_error                 27.68 
_refine.overall_SU_B                             ? 
_refine.overall_SU_R_Cruickshank_DPI             ? 
_refine.pdbx_overall_SU_R_free_Cruickshank_DPI   ? 
_refine.pdbx_overall_SU_R_Blow_DPI               ? 
_refine.pdbx_overall_SU_R_free_Blow_DPI          ? 
# 
_refine_hist.pdbx_refine_id                   'X-RAY DIFFRACTION' 
_refine_hist.cycle_id                         LAST 
_refine_hist.pdbx_number_atoms_protein        822 
_refine_hist.pdbx_number_atoms_nucleic_acid   0 
_refine_hist.pdbx_number_atoms_ligand         0 
_refine_hist.number_atoms_solvent             20 
_refine_hist.number_atoms_total               842 
_refine_hist.d_res_high                       2.139 
_refine_hist.d_res_low                        28.245 
# 
loop_
_refine_ls_restr.type 
_refine_ls_restr.dev_ideal 
_refine_ls_restr.dev_ideal_target 
_refine_ls_restr.weight 
_refine_ls_restr.number 
_refine_ls_restr.pdbx_refine_id 
_refine_ls_restr.pdbx_restraint_function 
f_bond_d           0.003  ? ? 847  'X-RAY DIFFRACTION' ? 
f_angle_d          0.767  ? ? 1147 'X-RAY DIFFRACTION' ? 
f_dihedral_angle_d 14.453 ? ? 310  'X-RAY DIFFRACTION' ? 
f_chiral_restr     0.048  ? ? 125  'X-RAY DIFFRACTION' ? 
f_plane_restr      0.005  ? ? 149  'X-RAY DIFFRACTION' ? 
# 
loop_
_refine_ls_shell.pdbx_refine_id 
_refine_ls_shell.pdbx_total_number_of_bins_used 
_refine_ls_shell.d_res_high 
_refine_ls_shell.d_res_low 
_refine_ls_shell.number_reflns_R_work 
_refine_ls_shell.R_factor_R_work 
_refine_ls_shell.percent_reflns_obs 
_refine_ls_shell.R_factor_R_free 
_refine_ls_shell.R_factor_R_free_error 
_refine_ls_shell.percent_reflns_R_free 
_refine_ls_shell.number_reflns_R_free 
_refine_ls_shell.number_reflns_all 
_refine_ls_shell.R_factor_all 
'X-RAY DIFFRACTION' . 2.1388 2.6944  2384 0.2361 92.00  0.3113 . . 114 . . 
'X-RAY DIFFRACTION' . 2.6944 28.2479 2714 0.2145 100.00 0.2537 . . 130 . . 
# 
_struct.entry_id                  4MID 
_struct.title                     'Crystal Structure of Activin A/BMP2 chimera' 
_struct.pdbx_model_details        ? 
_struct.pdbx_CASP_flag            ? 
_struct.pdbx_model_type_details   ? 
# 
_struct_keywords.entry_id        4MID 
_struct_keywords.pdbx_keywords   CYTOKINE 
_struct_keywords.text            'cysteine knot, cytokine, ActRII, BMPRIa, Secreted' 
# 
loop_
_struct_asym.id 
_struct_asym.pdbx_blank_PDB_chainid_flag 
_struct_asym.pdbx_modified 
_struct_asym.entity_id 
_struct_asym.details 
A N N 1 ? 
B N N 2 ? 
# 
_struct_ref.id                         1 
_struct_ref.db_name                    PDB 
_struct_ref.db_code                    4MID 
_struct_ref.pdbx_db_accession          4MID 
_struct_ref.entity_id                  1 
_struct_ref.pdbx_align_begin           ? 
_struct_ref.pdbx_seq_one_letter_code   ? 
_struct_ref.pdbx_db_isoform            ? 
# 
_struct_ref_seq.align_id                      1 
_struct_ref_seq.ref_id                        1 
_struct_ref_seq.pdbx_PDB_id_code              4MID 
_struct_ref_seq.pdbx_strand_id                A 
_struct_ref_seq.seq_align_beg                 1 
_struct_ref_seq.pdbx_seq_align_beg_ins_code   ? 
_struct_ref_seq.seq_align_end                 115 
_struct_ref_seq.pdbx_seq_align_end_ins_code   ? 
_struct_ref_seq.pdbx_db_accession             4MID 
_struct_ref_seq.db_align_beg                  0 
_struct_ref_seq.pdbx_db_align_beg_ins_code    ? 
_struct_ref_seq.db_align_end                  114 
_struct_ref_seq.pdbx_db_align_end_ins_code    ? 
_struct_ref_seq.pdbx_auth_seq_align_beg       0 
_struct_ref_seq.pdbx_auth_seq_align_end       114 
# 
_pdbx_struct_assembly.id                   1 
_pdbx_struct_assembly.details              author_and_software_defined_assembly 
_pdbx_struct_assembly.method_details       PISA 
_pdbx_struct_assembly.oligomeric_details   dimeric 
_pdbx_struct_assembly.oligomeric_count     2 
# 
loop_
_pdbx_struct_assembly_prop.biol_id 
_pdbx_struct_assembly_prop.type 
_pdbx_struct_assembly_prop.value 
_pdbx_struct_assembly_prop.details 
1 'ABSA (A^2)' 2520  ? 
1 MORE         -26   ? 
1 'SSA (A^2)'  11700 ? 
# 
_pdbx_struct_assembly_gen.assembly_id       1 
_pdbx_struct_assembly_gen.oper_expression   1,2 
_pdbx_struct_assembly_gen.asym_id_list      A,B 
# 
loop_
_pdbx_struct_oper_list.id 
_pdbx_struct_oper_list.type 
_pdbx_struct_oper_list.name 
_pdbx_struct_oper_list.symmetry_operation 
_pdbx_struct_oper_list.matrix[1][1] 
_pdbx_struct_oper_list.matrix[1][2] 
_pdbx_struct_oper_list.matrix[1][3] 
_pdbx_struct_oper_list.vector[1] 
_pdbx_struct_oper_list.matrix[2][1] 
_pdbx_struct_oper_list.matrix[2][2] 
_pdbx_struct_oper_list.matrix[2][3] 
_pdbx_struct_oper_list.vector[2] 
_pdbx_struct_oper_list.matrix[3][1] 
_pdbx_struct_oper_list.matrix[3][2] 
_pdbx_struct_oper_list.matrix[3][3] 
_pdbx_struct_oper_list.vector[3] 
1 'identity operation'         1_555 x,y,z      1.0000000000 0.0000000000 0.0000000000  0.0000000000 0.0000000000 1.0000000000  0.0000000000  0.0000000000  0.0000000000  0.0000000000  1.0000000000  0.0000000000  
2 'crystal symmetry operation' 4_465 y-1,x+1,-z 0.5278420702 0.3206443192 -0.7864921929 7.3144484005 0.3206443192 -0.9327071944 -0.1650591109 -9.9086287704 -0.7864921929 -0.1650591109 -0.5951348758 10.1694289315 
# 
_struct_biol.id        1 
_struct_biol.details   
;The second part of the biological assembly is generated by  
Y-1,X,-Z
;
# 
loop_
_struct_conf.conf_type_id 
_struct_conf.id 
_struct_conf.pdbx_PDB_helix_id 
_struct_conf.beg_label_comp_id 
_struct_conf.beg_label_asym_id 
_struct_conf.beg_label_seq_id 
_struct_conf.pdbx_beg_PDB_ins_code 
_struct_conf.end_label_comp_id 
_struct_conf.end_label_asym_id 
_struct_conf.end_label_seq_id 
_struct_conf.pdbx_end_PDB_ins_code 
_struct_conf.beg_auth_comp_id 
_struct_conf.beg_auth_asym_id 
_struct_conf.beg_auth_seq_id 
_struct_conf.end_auth_comp_id 
_struct_conf.end_auth_asym_id 
_struct_conf.end_auth_seq_id 
_struct_conf.pdbx_PDB_helix_class 
_struct_conf.details 
_struct_conf.pdbx_PDB_helix_length 
HELX_P HELX_P1 1 ALA A 53 ? ASN A 57 ? ALA A 52 ASN A 56 5 ? 5  
HELX_P HELX_P2 2 THR A 59 ? ASN A 72 ? THR A 58 ASN A 71 1 ? 14 
# 
_struct_conf_type.id          HELX_P 
_struct_conf_type.criteria    ? 
_struct_conf_type.reference   ? 
# 
loop_
_struct_conn.id 
_struct_conn.conn_type_id 
_struct_conn.pdbx_leaving_atom_flag 
_struct_conn.pdbx_PDB_id 
_struct_conn.ptnr1_label_asym_id 
_struct_conn.ptnr1_label_comp_id 
_struct_conn.ptnr1_label_seq_id 
_struct_conn.ptnr1_label_atom_id 
_struct_conn.pdbx_ptnr1_label_alt_id 
_struct_conn.pdbx_ptnr1_PDB_ins_code 
_struct_conn.pdbx_ptnr1_standard_comp_id 
_struct_conn.ptnr1_symmetry 
_struct_conn.ptnr2_label_asym_id 
_struct_conn.ptnr2_label_comp_id 
_struct_conn.ptnr2_label_seq_id 
_struct_conn.ptnr2_label_atom_id 
_struct_conn.pdbx_ptnr2_label_alt_id 
_struct_conn.pdbx_ptnr2_PDB_ins_code 
_struct_conn.ptnr1_auth_asym_id 
_struct_conn.ptnr1_auth_comp_id 
_struct_conn.ptnr1_auth_seq_id 
_struct_conn.ptnr2_auth_asym_id 
_struct_conn.ptnr2_auth_comp_id 
_struct_conn.ptnr2_auth_seq_id 
_struct_conn.ptnr2_symmetry 
_struct_conn.pdbx_ptnr3_label_atom_id 
_struct_conn.pdbx_ptnr3_label_seq_id 
_struct_conn.pdbx_ptnr3_label_comp_id 
_struct_conn.pdbx_ptnr3_label_asym_id 
_struct_conn.pdbx_ptnr3_label_alt_id 
_struct_conn.pdbx_ptnr3_PDB_ins_code 
_struct_conn.details 
_struct_conn.pdbx_dist_value 
_struct_conn.pdbx_value_order 
_struct_conn.pdbx_role 
disulf1 disulf ? ? A CYS 15 SG ? ? ? 1_555 A CYS 80  SG ? ? A CYS 14 A CYS 79  1_555 ? ? ? ? ? ? ? 2.027 ? ? 
disulf2 disulf ? ? A CYS 44 SG ? ? ? 1_555 A CYS 112 SG ? ? A CYS 43 A CYS 111 1_555 ? ? ? ? ? ? ? 2.026 ? ? 
disulf3 disulf ? ? A CYS 48 SG ? ? ? 1_555 A CYS 114 SG ? ? A CYS 47 A CYS 113 1_555 ? ? ? ? ? ? ? 2.029 ? ? 
disulf4 disulf ? ? A CYS 79 SG ? ? ? 1_555 A CYS 79  SG ? ? A CYS 78 A CYS 78  4_465 ? ? ? ? ? ? ? 2.030 ? ? 
# 
_struct_conn_type.id          disulf 
_struct_conn_type.criteria    ? 
_struct_conn_type.reference   ? 
# 
loop_
_pdbx_modification_feature.ordinal 
_pdbx_modification_feature.label_comp_id 
_pdbx_modification_feature.label_asym_id 
_pdbx_modification_feature.label_seq_id 
_pdbx_modification_feature.label_alt_id 
_pdbx_modification_feature.modified_residue_label_comp_id 
_pdbx_modification_feature.modified_residue_label_asym_id 
_pdbx_modification_feature.modified_residue_label_seq_id 
_pdbx_modification_feature.modified_residue_label_alt_id 
_pdbx_modification_feature.auth_comp_id 
_pdbx_modification_feature.auth_asym_id 
_pdbx_modification_feature.auth_seq_id 
_pdbx_modification_feature.PDB_ins_code 
_pdbx_modification_feature.symmetry 
_pdbx_modification_feature.modified_residue_auth_comp_id 
_pdbx_modification_feature.modified_residue_auth_asym_id 
_pdbx_modification_feature.modified_residue_auth_seq_id 
_pdbx_modification_feature.modified_residue_PDB_ins_code 
_pdbx_modification_feature.modified_residue_symmetry 
_pdbx_modification_feature.comp_id_linking_atom 
_pdbx_modification_feature.modified_residue_id_linking_atom 
_pdbx_modification_feature.modified_residue_id 
_pdbx_modification_feature.ref_pcm_id 
_pdbx_modification_feature.ref_comp_id 
_pdbx_modification_feature.type 
_pdbx_modification_feature.category 
1 CYS A 15 ? CYS A 80  ? CYS A 14 ? 1_555 CYS A 79  ? 1_555 SG SG . . . None 'Disulfide bridge' 
2 CYS A 44 ? CYS A 112 ? CYS A 43 ? 1_555 CYS A 111 ? 1_555 SG SG . . . None 'Disulfide bridge' 
3 CYS A 48 ? CYS A 114 ? CYS A 47 ? 1_555 CYS A 113 ? 1_555 SG SG . . . None 'Disulfide bridge' 
4 CYS A 79 ? CYS A 79  ? CYS A 78 ? 1_555 CYS A 78  ? 4_465 SG SG . . . None 'Disulfide bridge' 
# 
loop_
_struct_mon_prot_cis.pdbx_id 
_struct_mon_prot_cis.label_comp_id 
_struct_mon_prot_cis.label_seq_id 
_struct_mon_prot_cis.label_asym_id 
_struct_mon_prot_cis.label_alt_id 
_struct_mon_prot_cis.pdbx_PDB_ins_code 
_struct_mon_prot_cis.auth_comp_id 
_struct_mon_prot_cis.auth_seq_id 
_struct_mon_prot_cis.auth_asym_id 
_struct_mon_prot_cis.pdbx_label_comp_id_2 
_struct_mon_prot_cis.pdbx_label_seq_id_2 
_struct_mon_prot_cis.pdbx_label_asym_id_2 
_struct_mon_prot_cis.pdbx_PDB_ins_code_2 
_struct_mon_prot_cis.pdbx_auth_comp_id_2 
_struct_mon_prot_cis.pdbx_auth_seq_id_2 
_struct_mon_prot_cis.pdbx_auth_asym_id_2 
_struct_mon_prot_cis.pdbx_PDB_model_num 
_struct_mon_prot_cis.pdbx_omega_angle 
1 ALA 35 A . ? ALA 34 A PRO 36 A ? PRO 35 A 1 -0.68 
2 PHE 50 A . ? PHE 49 A PRO 51 A ? PRO 50 A 1 7.30  
# 
loop_
_struct_sheet.id 
_struct_sheet.type 
_struct_sheet.number_strands 
_struct_sheet.details 
A ? 2 ? 
B ? 2 ? 
C ? 3 ? 
# 
loop_
_struct_sheet_order.sheet_id 
_struct_sheet_order.range_id_1 
_struct_sheet_order.range_id_2 
_struct_sheet_order.offset 
_struct_sheet_order.sense 
A 1 2 ? anti-parallel 
B 1 2 ? anti-parallel 
C 1 2 ? anti-parallel 
C 2 3 ? anti-parallel 
# 
loop_
_struct_sheet_range.sheet_id 
_struct_sheet_range.id 
_struct_sheet_range.beg_label_comp_id 
_struct_sheet_range.beg_label_asym_id 
_struct_sheet_range.beg_label_seq_id 
_struct_sheet_range.pdbx_beg_PDB_ins_code 
_struct_sheet_range.end_label_comp_id 
_struct_sheet_range.end_label_asym_id 
_struct_sheet_range.end_label_seq_id 
_struct_sheet_range.pdbx_end_PDB_ins_code 
_struct_sheet_range.beg_auth_comp_id 
_struct_sheet_range.beg_auth_asym_id 
_struct_sheet_range.beg_auth_seq_id 
_struct_sheet_range.end_auth_comp_id 
_struct_sheet_range.end_auth_asym_id 
_struct_sheet_range.end_auth_seq_id 
A 1 LYS A 16 ? HIS A 18  ? LYS A 15 HIS A 17  
A 2 TYR A 43 ? ASP A 45  ? TYR A 42 ASP A 44  
B 1 TYR A 21 ? ASP A 23  ? TYR A 20 ASP A 22  
B 2 GLY A 38 ? HIS A 40  ? GLY A 37 HIS A 39  
C 1 ILE A 33 ? ALA A 35  ? ILE A 32 ALA A 34  
C 2 CYS A 79 ? TYR A 93  ? CYS A 78 TYR A 92  
C 3 ILE A 99 ? SER A 115 ? ILE A 98 SER A 114 
# 
loop_
_pdbx_struct_sheet_hbond.sheet_id 
_pdbx_struct_sheet_hbond.range_id_1 
_pdbx_struct_sheet_hbond.range_id_2 
_pdbx_struct_sheet_hbond.range_1_label_atom_id 
_pdbx_struct_sheet_hbond.range_1_label_comp_id 
_pdbx_struct_sheet_hbond.range_1_label_asym_id 
_pdbx_struct_sheet_hbond.range_1_label_seq_id 
_pdbx_struct_sheet_hbond.range_1_PDB_ins_code 
_pdbx_struct_sheet_hbond.range_1_auth_atom_id 
_pdbx_struct_sheet_hbond.range_1_auth_comp_id 
_pdbx_struct_sheet_hbond.range_1_auth_asym_id 
_pdbx_struct_sheet_hbond.range_1_auth_seq_id 
_pdbx_struct_sheet_hbond.range_2_label_atom_id 
_pdbx_struct_sheet_hbond.range_2_label_comp_id 
_pdbx_struct_sheet_hbond.range_2_label_asym_id 
_pdbx_struct_sheet_hbond.range_2_label_seq_id 
_pdbx_struct_sheet_hbond.range_2_PDB_ins_code 
_pdbx_struct_sheet_hbond.range_2_auth_atom_id 
_pdbx_struct_sheet_hbond.range_2_auth_comp_id 
_pdbx_struct_sheet_hbond.range_2_auth_asym_id 
_pdbx_struct_sheet_hbond.range_2_auth_seq_id 
A 1 2 N HIS A 18 ? N HIS A 17 O TYR A 43  ? O TYR A 42 
B 1 2 N VAL A 22 ? N VAL A 21 O TYR A 39  ? O TYR A 38 
C 1 2 N ALA A 35 ? N ALA A 34 O LEU A 91  ? O LEU A 90 
C 2 3 N TYR A 92 ? N TYR A 91 O ILE A 100 ? O ILE A 99 
# 
_pdbx_entry_details.entry_id                   4MID 
_pdbx_entry_details.nonpolymer_details         ? 
_pdbx_entry_details.sequence_details           
;THE CHIMERA SEQUENCE MATCHES TO HUMAN BMP2 P12643 AND HUMAN ACTIVIN/INHIBIN A CHAIN. MATCHING TO THE ABOVE TWO ARE NOT DISTINCTLY SEPARATED AT ANY CERTAIN RESIDUE THUS NO DBREF IS GIVEN.
;
_pdbx_entry_details.compound_details           ? 
_pdbx_entry_details.source_details             ? 
_pdbx_entry_details.has_ligand_of_interest     ? 
_pdbx_entry_details.has_protein_modification   Y 
# 
loop_
_pdbx_validate_close_contact.id 
_pdbx_validate_close_contact.PDB_model_num 
_pdbx_validate_close_contact.auth_atom_id_1 
_pdbx_validate_close_contact.auth_asym_id_1 
_pdbx_validate_close_contact.auth_comp_id_1 
_pdbx_validate_close_contact.auth_seq_id_1 
_pdbx_validate_close_contact.PDB_ins_code_1 
_pdbx_validate_close_contact.label_alt_id_1 
_pdbx_validate_close_contact.auth_atom_id_2 
_pdbx_validate_close_contact.auth_asym_id_2 
_pdbx_validate_close_contact.auth_comp_id_2 
_pdbx_validate_close_contact.auth_seq_id_2 
_pdbx_validate_close_contact.PDB_ins_code_2 
_pdbx_validate_close_contact.label_alt_id_2 
_pdbx_validate_close_contact.dist 
1 1 OD1 A ASP 44 ? ? O A HOH 216 ? ? 2.17 
2 1 OD2 A ASP 22 ? ? O A HOH 217 ? ? 2.17 
# 
_pdbx_validate_torsion.id              1 
_pdbx_validate_torsion.PDB_model_num   1 
_pdbx_validate_torsion.auth_comp_id    ASN 
_pdbx_validate_torsion.auth_asym_id    A 
_pdbx_validate_torsion.auth_seq_id     41 
_pdbx_validate_torsion.PDB_ins_code    ? 
_pdbx_validate_torsion.label_alt_id    ? 
_pdbx_validate_torsion.phi             60.95 
_pdbx_validate_torsion.psi             173.01 
# 
loop_
_pdbx_refine_tls.pdbx_refine_id 
_pdbx_refine_tls.id 
_pdbx_refine_tls.details 
_pdbx_refine_tls.method 
_pdbx_refine_tls.origin_x 
_pdbx_refine_tls.origin_y 
_pdbx_refine_tls.origin_z 
_pdbx_refine_tls.T[1][1] 
_pdbx_refine_tls.T[2][2] 
_pdbx_refine_tls.T[3][3] 
_pdbx_refine_tls.T[1][2] 
_pdbx_refine_tls.T[1][3] 
_pdbx_refine_tls.T[2][3] 
_pdbx_refine_tls.L[1][1] 
_pdbx_refine_tls.L[2][2] 
_pdbx_refine_tls.L[3][3] 
_pdbx_refine_tls.L[1][2] 
_pdbx_refine_tls.L[1][3] 
_pdbx_refine_tls.L[2][3] 
_pdbx_refine_tls.S[1][1] 
_pdbx_refine_tls.S[1][2] 
_pdbx_refine_tls.S[1][3] 
_pdbx_refine_tls.S[2][1] 
_pdbx_refine_tls.S[2][2] 
_pdbx_refine_tls.S[2][3] 
_pdbx_refine_tls.S[3][1] 
_pdbx_refine_tls.S[3][2] 
_pdbx_refine_tls.S[3][3] 
'X-RAY DIFFRACTION' 1 ? refined -5.7066 6.4595   -2.9202 0.2306 0.2433 0.3560 -0.0107 -0.0274 -0.0033 3.2573 6.7678 5.1460 1.1319  -0.7542 -2.0331 0.2388  -0.0092 -0.1741 -0.0495 -0.2596 1.0828  0.0702  -0.3162 0.2218 
'X-RAY DIFFRACTION' 2 ? refined 1.3004  -16.7320 6.8998  0.3443 0.2682 0.5472 -0.0548 0.0518  -0.0978 5.1551 6.6959 2.0645 -2.2609 -0.8854 -2.4862 -0.2649 0.7209  -0.7724 -0.3861 -0.0162 0.5437  0.2032  -0.3436 0.3795 
'X-RAY DIFFRACTION' 3 ? refined 4.6423  9.4016   -3.5667 0.2157 0.2811 0.3398 -0.0163 -0.0096 -0.0066 3.2562 8.5290 4.3385 1.2131  -1.1108 -4.1233 -0.0530 0.0247  0.2220  -0.1135 -0.0339 -0.5375 -0.0309 0.4089  0.1156  
# 
loop_
_pdbx_refine_tls_group.pdbx_refine_id 
_pdbx_refine_tls_group.id 
_pdbx_refine_tls_group.refine_tls_id 
_pdbx_refine_tls_group.beg_auth_asym_id 
_pdbx_refine_tls_group.beg_auth_seq_id 
_pdbx_refine_tls_group.beg_label_asym_id 
_pdbx_refine_tls_group.beg_label_seq_id 
_pdbx_refine_tls_group.end_auth_asym_id 
_pdbx_refine_tls_group.end_auth_seq_id 
_pdbx_refine_tls_group.end_label_asym_id 
_pdbx_refine_tls_group.end_label_seq_id 
_pdbx_refine_tls_group.selection 
_pdbx_refine_tls_group.selection_details 
'X-RAY DIFFRACTION' 1 1 ? ? ? ? ? ? ? ? ? 
;chain 'A' and (resid 10 through 44 )
;
'X-RAY DIFFRACTION' 2 2 ? ? ? ? ? ? ? ? ? 
;chain 'A' and (resid 45 through 77 )
;
'X-RAY DIFFRACTION' 3 3 ? ? ? ? ? ? ? ? ? 
;chain 'A' and (resid 78 through 114 )
;
# 
loop_
_pdbx_unobs_or_zero_occ_residues.id 
_pdbx_unobs_or_zero_occ_residues.PDB_model_num 
_pdbx_unobs_or_zero_occ_residues.polymer_flag 
_pdbx_unobs_or_zero_occ_residues.occupancy_flag 
_pdbx_unobs_or_zero_occ_residues.auth_asym_id 
_pdbx_unobs_or_zero_occ_residues.auth_comp_id 
_pdbx_unobs_or_zero_occ_residues.auth_seq_id 
_pdbx_unobs_or_zero_occ_residues.PDB_ins_code 
_pdbx_unobs_or_zero_occ_residues.label_asym_id 
_pdbx_unobs_or_zero_occ_residues.label_comp_id 
_pdbx_unobs_or_zero_occ_residues.label_seq_id 
1  1 Y 1 A MET 0 ? A MET 1  
2  1 Y 1 A GLN 1 ? A GLN 2  
3  1 Y 1 A ALA 2 ? A ALA 3  
4  1 Y 1 A LYS 3 ? A LYS 4  
5  1 Y 1 A HIS 4 ? A HIS 5  
6  1 Y 1 A LYS 5 ? A LYS 6  
7  1 Y 1 A GLN 6 ? A GLN 7  
8  1 Y 1 A ARG 7 ? A ARG 8  
9  1 Y 1 A LYS 8 ? A LYS 9  
10 1 Y 1 A ARG 9 ? A ARG 10 
# 
loop_
_chem_comp_atom.comp_id 
_chem_comp_atom.atom_id 
_chem_comp_atom.type_symbol 
_chem_comp_atom.pdbx_aromatic_flag 
_chem_comp_atom.pdbx_stereo_config 
_chem_comp_atom.pdbx_ordinal 
ALA N    N N N 1   
ALA CA   C N S 2   
ALA C    C N N 3   
ALA O    O N N 4   
ALA CB   C N N 5   
ALA OXT  O N N 6   
ALA H    H N N 7   
ALA H2   H N N 8   
ALA HA   H N N 9   
ALA HB1  H N N 10  
ALA HB2  H N N 11  
ALA HB3  H N N 12  
ALA HXT  H N N 13  
ARG N    N N N 14  
ARG CA   C N S 15  
ARG C    C N N 16  
ARG O    O N N 17  
ARG CB   C N N 18  
ARG CG   C N N 19  
ARG CD   C N N 20  
ARG NE   N N N 21  
ARG CZ   C N N 22  
ARG NH1  N N N 23  
ARG NH2  N N N 24  
ARG OXT  O N N 25  
ARG H    H N N 26  
ARG H2   H N N 27  
ARG HA   H N N 28  
ARG HB2  H N N 29  
ARG HB3  H N N 30  
ARG HG2  H N N 31  
ARG HG3  H N N 32  
ARG HD2  H N N 33  
ARG HD3  H N N 34  
ARG HE   H N N 35  
ARG HH11 H N N 36  
ARG HH12 H N N 37  
ARG HH21 H N N 38  
ARG HH22 H N N 39  
ARG HXT  H N N 40  
ASN N    N N N 41  
ASN CA   C N S 42  
ASN C    C N N 43  
ASN O    O N N 44  
ASN CB   C N N 45  
ASN CG   C N N 46  
ASN OD1  O N N 47  
ASN ND2  N N N 48  
ASN OXT  O N N 49  
ASN H    H N N 50  
ASN H2   H N N 51  
ASN HA   H N N 52  
ASN HB2  H N N 53  
ASN HB3  H N N 54  
ASN HD21 H N N 55  
ASN HD22 H N N 56  
ASN HXT  H N N 57  
ASP N    N N N 58  
ASP CA   C N S 59  
ASP C    C N N 60  
ASP O    O N N 61  
ASP CB   C N N 62  
ASP CG   C N N 63  
ASP OD1  O N N 64  
ASP OD2  O N N 65  
ASP OXT  O N N 66  
ASP H    H N N 67  
ASP H2   H N N 68  
ASP HA   H N N 69  
ASP HB2  H N N 70  
ASP HB3  H N N 71  
ASP HD2  H N N 72  
ASP HXT  H N N 73  
CYS N    N N N 74  
CYS CA   C N R 75  
CYS C    C N N 76  
CYS O    O N N 77  
CYS CB   C N N 78  
CYS SG   S N N 79  
CYS OXT  O N N 80  
CYS H    H N N 81  
CYS H2   H N N 82  
CYS HA   H N N 83  
CYS HB2  H N N 84  
CYS HB3  H N N 85  
CYS HG   H N N 86  
CYS HXT  H N N 87  
GLN N    N N N 88  
GLN CA   C N S 89  
GLN C    C N N 90  
GLN O    O N N 91  
GLN CB   C N N 92  
GLN CG   C N N 93  
GLN CD   C N N 94  
GLN OE1  O N N 95  
GLN NE2  N N N 96  
GLN OXT  O N N 97  
GLN H    H N N 98  
GLN H2   H N N 99  
GLN HA   H N N 100 
GLN HB2  H N N 101 
GLN HB3  H N N 102 
GLN HG2  H N N 103 
GLN HG3  H N N 104 
GLN HE21 H N N 105 
GLN HE22 H N N 106 
GLN HXT  H N N 107 
GLU N    N N N 108 
GLU CA   C N S 109 
GLU C    C N N 110 
GLU O    O N N 111 
GLU CB   C N N 112 
GLU CG   C N N 113 
GLU CD   C N N 114 
GLU OE1  O N N 115 
GLU OE2  O N N 116 
GLU OXT  O N N 117 
GLU H    H N N 118 
GLU H2   H N N 119 
GLU HA   H N N 120 
GLU HB2  H N N 121 
GLU HB3  H N N 122 
GLU HG2  H N N 123 
GLU HG3  H N N 124 
GLU HE2  H N N 125 
GLU HXT  H N N 126 
GLY N    N N N 127 
GLY CA   C N N 128 
GLY C    C N N 129 
GLY O    O N N 130 
GLY OXT  O N N 131 
GLY H    H N N 132 
GLY H2   H N N 133 
GLY HA2  H N N 134 
GLY HA3  H N N 135 
GLY HXT  H N N 136 
HIS N    N N N 137 
HIS CA   C N S 138 
HIS C    C N N 139 
HIS O    O N N 140 
HIS CB   C N N 141 
HIS CG   C Y N 142 
HIS ND1  N Y N 143 
HIS CD2  C Y N 144 
HIS CE1  C Y N 145 
HIS NE2  N Y N 146 
HIS OXT  O N N 147 
HIS H    H N N 148 
HIS H2   H N N 149 
HIS HA   H N N 150 
HIS HB2  H N N 151 
HIS HB3  H N N 152 
HIS HD1  H N N 153 
HIS HD2  H N N 154 
HIS HE1  H N N 155 
HIS HE2  H N N 156 
HIS HXT  H N N 157 
HOH O    O N N 158 
HOH H1   H N N 159 
HOH H2   H N N 160 
ILE N    N N N 161 
ILE CA   C N S 162 
ILE C    C N N 163 
ILE O    O N N 164 
ILE CB   C N S 165 
ILE CG1  C N N 166 
ILE CG2  C N N 167 
ILE CD1  C N N 168 
ILE OXT  O N N 169 
ILE H    H N N 170 
ILE H2   H N N 171 
ILE HA   H N N 172 
ILE HB   H N N 173 
ILE HG12 H N N 174 
ILE HG13 H N N 175 
ILE HG21 H N N 176 
ILE HG22 H N N 177 
ILE HG23 H N N 178 
ILE HD11 H N N 179 
ILE HD12 H N N 180 
ILE HD13 H N N 181 
ILE HXT  H N N 182 
LEU N    N N N 183 
LEU CA   C N S 184 
LEU C    C N N 185 
LEU O    O N N 186 
LEU CB   C N N 187 
LEU CG   C N N 188 
LEU CD1  C N N 189 
LEU CD2  C N N 190 
LEU OXT  O N N 191 
LEU H    H N N 192 
LEU H2   H N N 193 
LEU HA   H N N 194 
LEU HB2  H N N 195 
LEU HB3  H N N 196 
LEU HG   H N N 197 
LEU HD11 H N N 198 
LEU HD12 H N N 199 
LEU HD13 H N N 200 
LEU HD21 H N N 201 
LEU HD22 H N N 202 
LEU HD23 H N N 203 
LEU HXT  H N N 204 
LYS N    N N N 205 
LYS CA   C N S 206 
LYS C    C N N 207 
LYS O    O N N 208 
LYS CB   C N N 209 
LYS CG   C N N 210 
LYS CD   C N N 211 
LYS CE   C N N 212 
LYS NZ   N N N 213 
LYS OXT  O N N 214 
LYS H    H N N 215 
LYS H2   H N N 216 
LYS HA   H N N 217 
LYS HB2  H N N 218 
LYS HB3  H N N 219 
LYS HG2  H N N 220 
LYS HG3  H N N 221 
LYS HD2  H N N 222 
LYS HD3  H N N 223 
LYS HE2  H N N 224 
LYS HE3  H N N 225 
LYS HZ1  H N N 226 
LYS HZ2  H N N 227 
LYS HZ3  H N N 228 
LYS HXT  H N N 229 
MET N    N N N 230 
MET CA   C N S 231 
MET C    C N N 232 
MET O    O N N 233 
MET CB   C N N 234 
MET CG   C N N 235 
MET SD   S N N 236 
MET CE   C N N 237 
MET OXT  O N N 238 
MET H    H N N 239 
MET H2   H N N 240 
MET HA   H N N 241 
MET HB2  H N N 242 
MET HB3  H N N 243 
MET HG2  H N N 244 
MET HG3  H N N 245 
MET HE1  H N N 246 
MET HE2  H N N 247 
MET HE3  H N N 248 
MET HXT  H N N 249 
PHE N    N N N 250 
PHE CA   C N S 251 
PHE C    C N N 252 
PHE O    O N N 253 
PHE CB   C N N 254 
PHE CG   C Y N 255 
PHE CD1  C Y N 256 
PHE CD2  C Y N 257 
PHE CE1  C Y N 258 
PHE CE2  C Y N 259 
PHE CZ   C Y N 260 
PHE OXT  O N N 261 
PHE H    H N N 262 
PHE H2   H N N 263 
PHE HA   H N N 264 
PHE HB2  H N N 265 
PHE HB3  H N N 266 
PHE HD1  H N N 267 
PHE HD2  H N N 268 
PHE HE1  H N N 269 
PHE HE2  H N N 270 
PHE HZ   H N N 271 
PHE HXT  H N N 272 
PRO N    N N N 273 
PRO CA   C N S 274 
PRO C    C N N 275 
PRO O    O N N 276 
PRO CB   C N N 277 
PRO CG   C N N 278 
PRO CD   C N N 279 
PRO OXT  O N N 280 
PRO H    H N N 281 
PRO HA   H N N 282 
PRO HB2  H N N 283 
PRO HB3  H N N 284 
PRO HG2  H N N 285 
PRO HG3  H N N 286 
PRO HD2  H N N 287 
PRO HD3  H N N 288 
PRO HXT  H N N 289 
SER N    N N N 290 
SER CA   C N S 291 
SER C    C N N 292 
SER O    O N N 293 
SER CB   C N N 294 
SER OG   O N N 295 
SER OXT  O N N 296 
SER H    H N N 297 
SER H2   H N N 298 
SER HA   H N N 299 
SER HB2  H N N 300 
SER HB3  H N N 301 
SER HG   H N N 302 
SER HXT  H N N 303 
THR N    N N N 304 
THR CA   C N S 305 
THR C    C N N 306 
THR O    O N N 307 
THR CB   C N R 308 
THR OG1  O N N 309 
THR CG2  C N N 310 
THR OXT  O N N 311 
THR H    H N N 312 
THR H2   H N N 313 
THR HA   H N N 314 
THR HB   H N N 315 
THR HG1  H N N 316 
THR HG21 H N N 317 
THR HG22 H N N 318 
THR HG23 H N N 319 
THR HXT  H N N 320 
TRP N    N N N 321 
TRP CA   C N S 322 
TRP C    C N N 323 
TRP O    O N N 324 
TRP CB   C N N 325 
TRP CG   C Y N 326 
TRP CD1  C Y N 327 
TRP CD2  C Y N 328 
TRP NE1  N Y N 329 
TRP CE2  C Y N 330 
TRP CE3  C Y N 331 
TRP CZ2  C Y N 332 
TRP CZ3  C Y N 333 
TRP CH2  C Y N 334 
TRP OXT  O N N 335 
TRP H    H N N 336 
TRP H2   H N N 337 
TRP HA   H N N 338 
TRP HB2  H N N 339 
TRP HB3  H N N 340 
TRP HD1  H N N 341 
TRP HE1  H N N 342 
TRP HE3  H N N 343 
TRP HZ2  H N N 344 
TRP HZ3  H N N 345 
TRP HH2  H N N 346 
TRP HXT  H N N 347 
TYR N    N N N 348 
TYR CA   C N S 349 
TYR C    C N N 350 
TYR O    O N N 351 
TYR CB   C N N 352 
TYR CG   C Y N 353 
TYR CD1  C Y N 354 
TYR CD2  C Y N 355 
TYR CE1  C Y N 356 
TYR CE2  C Y N 357 
TYR CZ   C Y N 358 
TYR OH   O N N 359 
TYR OXT  O N N 360 
TYR H    H N N 361 
TYR H2   H N N 362 
TYR HA   H N N 363 
TYR HB2  H N N 364 
TYR HB3  H N N 365 
TYR HD1  H N N 366 
TYR HD2  H N N 367 
TYR HE1  H N N 368 
TYR HE2  H N N 369 
TYR HH   H N N 370 
TYR HXT  H N N 371 
VAL N    N N N 372 
VAL CA   C N S 373 
VAL C    C N N 374 
VAL O    O N N 375 
VAL CB   C N N 376 
VAL CG1  C N N 377 
VAL CG2  C N N 378 
VAL OXT  O N N 379 
VAL H    H N N 380 
VAL H2   H N N 381 
VAL HA   H N N 382 
VAL HB   H N N 383 
VAL HG11 H N N 384 
VAL HG12 H N N 385 
VAL HG13 H N N 386 
VAL HG21 H N N 387 
VAL HG22 H N N 388 
VAL HG23 H N N 389 
VAL HXT  H N N 390 
# 
loop_
_chem_comp_bond.comp_id 
_chem_comp_bond.atom_id_1 
_chem_comp_bond.atom_id_2 
_chem_comp_bond.value_order 
_chem_comp_bond.pdbx_aromatic_flag 
_chem_comp_bond.pdbx_stereo_config 
_chem_comp_bond.pdbx_ordinal 
ALA N   CA   sing N N 1   
ALA N   H    sing N N 2   
ALA N   H2   sing N N 3   
ALA CA  C    sing N N 4   
ALA CA  CB   sing N N 5   
ALA CA  HA   sing N N 6   
ALA C   O    doub N N 7   
ALA C   OXT  sing N N 8   
ALA CB  HB1  sing N N 9   
ALA CB  HB2  sing N N 10  
ALA CB  HB3  sing N N 11  
ALA OXT HXT  sing N N 12  
ARG N   CA   sing N N 13  
ARG N   H    sing N N 14  
ARG N   H2   sing N N 15  
ARG CA  C    sing N N 16  
ARG CA  CB   sing N N 17  
ARG CA  HA   sing N N 18  
ARG C   O    doub N N 19  
ARG C   OXT  sing N N 20  
ARG CB  CG   sing N N 21  
ARG CB  HB2  sing N N 22  
ARG CB  HB3  sing N N 23  
ARG CG  CD   sing N N 24  
ARG CG  HG2  sing N N 25  
ARG CG  HG3  sing N N 26  
ARG CD  NE   sing N N 27  
ARG CD  HD2  sing N N 28  
ARG CD  HD3  sing N N 29  
ARG NE  CZ   sing N N 30  
ARG NE  HE   sing N N 31  
ARG CZ  NH1  sing N N 32  
ARG CZ  NH2  doub N N 33  
ARG NH1 HH11 sing N N 34  
ARG NH1 HH12 sing N N 35  
ARG NH2 HH21 sing N N 36  
ARG NH2 HH22 sing N N 37  
ARG OXT HXT  sing N N 38  
ASN N   CA   sing N N 39  
ASN N   H    sing N N 40  
ASN N   H2   sing N N 41  
ASN CA  C    sing N N 42  
ASN CA  CB   sing N N 43  
ASN CA  HA   sing N N 44  
ASN C   O    doub N N 45  
ASN C   OXT  sing N N 46  
ASN CB  CG   sing N N 47  
ASN CB  HB2  sing N N 48  
ASN CB  HB3  sing N N 49  
ASN CG  OD1  doub N N 50  
ASN CG  ND2  sing N N 51  
ASN ND2 HD21 sing N N 52  
ASN ND2 HD22 sing N N 53  
ASN OXT HXT  sing N N 54  
ASP N   CA   sing N N 55  
ASP N   H    sing N N 56  
ASP N   H2   sing N N 57  
ASP CA  C    sing N N 58  
ASP CA  CB   sing N N 59  
ASP CA  HA   sing N N 60  
ASP C   O    doub N N 61  
ASP C   OXT  sing N N 62  
ASP CB  CG   sing N N 63  
ASP CB  HB2  sing N N 64  
ASP CB  HB3  sing N N 65  
ASP CG  OD1  doub N N 66  
ASP CG  OD2  sing N N 67  
ASP OD2 HD2  sing N N 68  
ASP OXT HXT  sing N N 69  
CYS N   CA   sing N N 70  
CYS N   H    sing N N 71  
CYS N   H2   sing N N 72  
CYS CA  C    sing N N 73  
CYS CA  CB   sing N N 74  
CYS CA  HA   sing N N 75  
CYS C   O    doub N N 76  
CYS C   OXT  sing N N 77  
CYS CB  SG   sing N N 78  
CYS CB  HB2  sing N N 79  
CYS CB  HB3  sing N N 80  
CYS SG  HG   sing N N 81  
CYS OXT HXT  sing N N 82  
GLN N   CA   sing N N 83  
GLN N   H    sing N N 84  
GLN N   H2   sing N N 85  
GLN CA  C    sing N N 86  
GLN CA  CB   sing N N 87  
GLN CA  HA   sing N N 88  
GLN C   O    doub N N 89  
GLN C   OXT  sing N N 90  
GLN CB  CG   sing N N 91  
GLN CB  HB2  sing N N 92  
GLN CB  HB3  sing N N 93  
GLN CG  CD   sing N N 94  
GLN CG  HG2  sing N N 95  
GLN CG  HG3  sing N N 96  
GLN CD  OE1  doub N N 97  
GLN CD  NE2  sing N N 98  
GLN NE2 HE21 sing N N 99  
GLN NE2 HE22 sing N N 100 
GLN OXT HXT  sing N N 101 
GLU N   CA   sing N N 102 
GLU N   H    sing N N 103 
GLU N   H2   sing N N 104 
GLU CA  C    sing N N 105 
GLU CA  CB   sing N N 106 
GLU CA  HA   sing N N 107 
GLU C   O    doub N N 108 
GLU C   OXT  sing N N 109 
GLU CB  CG   sing N N 110 
GLU CB  HB2  sing N N 111 
GLU CB  HB3  sing N N 112 
GLU CG  CD   sing N N 113 
GLU CG  HG2  sing N N 114 
GLU CG  HG3  sing N N 115 
GLU CD  OE1  doub N N 116 
GLU CD  OE2  sing N N 117 
GLU OE2 HE2  sing N N 118 
GLU OXT HXT  sing N N 119 
GLY N   CA   sing N N 120 
GLY N   H    sing N N 121 
GLY N   H2   sing N N 122 
GLY CA  C    sing N N 123 
GLY CA  HA2  sing N N 124 
GLY CA  HA3  sing N N 125 
GLY C   O    doub N N 126 
GLY C   OXT  sing N N 127 
GLY OXT HXT  sing N N 128 
HIS N   CA   sing N N 129 
HIS N   H    sing N N 130 
HIS N   H2   sing N N 131 
HIS CA  C    sing N N 132 
HIS CA  CB   sing N N 133 
HIS CA  HA   sing N N 134 
HIS C   O    doub N N 135 
HIS C   OXT  sing N N 136 
HIS CB  CG   sing N N 137 
HIS CB  HB2  sing N N 138 
HIS CB  HB3  sing N N 139 
HIS CG  ND1  sing Y N 140 
HIS CG  CD2  doub Y N 141 
HIS ND1 CE1  doub Y N 142 
HIS ND1 HD1  sing N N 143 
HIS CD2 NE2  sing Y N 144 
HIS CD2 HD2  sing N N 145 
HIS CE1 NE2  sing Y N 146 
HIS CE1 HE1  sing N N 147 
HIS NE2 HE2  sing N N 148 
HIS OXT HXT  sing N N 149 
HOH O   H1   sing N N 150 
HOH O   H2   sing N N 151 
ILE N   CA   sing N N 152 
ILE N   H    sing N N 153 
ILE N   H2   sing N N 154 
ILE CA  C    sing N N 155 
ILE CA  CB   sing N N 156 
ILE CA  HA   sing N N 157 
ILE C   O    doub N N 158 
ILE C   OXT  sing N N 159 
ILE CB  CG1  sing N N 160 
ILE CB  CG2  sing N N 161 
ILE CB  HB   sing N N 162 
ILE CG1 CD1  sing N N 163 
ILE CG1 HG12 sing N N 164 
ILE CG1 HG13 sing N N 165 
ILE CG2 HG21 sing N N 166 
ILE CG2 HG22 sing N N 167 
ILE CG2 HG23 sing N N 168 
ILE CD1 HD11 sing N N 169 
ILE CD1 HD12 sing N N 170 
ILE CD1 HD13 sing N N 171 
ILE OXT HXT  sing N N 172 
LEU N   CA   sing N N 173 
LEU N   H    sing N N 174 
LEU N   H2   sing N N 175 
LEU CA  C    sing N N 176 
LEU CA  CB   sing N N 177 
LEU CA  HA   sing N N 178 
LEU C   O    doub N N 179 
LEU C   OXT  sing N N 180 
LEU CB  CG   sing N N 181 
LEU CB  HB2  sing N N 182 
LEU CB  HB3  sing N N 183 
LEU CG  CD1  sing N N 184 
LEU CG  CD2  sing N N 185 
LEU CG  HG   sing N N 186 
LEU CD1 HD11 sing N N 187 
LEU CD1 HD12 sing N N 188 
LEU CD1 HD13 sing N N 189 
LEU CD2 HD21 sing N N 190 
LEU CD2 HD22 sing N N 191 
LEU CD2 HD23 sing N N 192 
LEU OXT HXT  sing N N 193 
LYS N   CA   sing N N 194 
LYS N   H    sing N N 195 
LYS N   H2   sing N N 196 
LYS CA  C    sing N N 197 
LYS CA  CB   sing N N 198 
LYS CA  HA   sing N N 199 
LYS C   O    doub N N 200 
LYS C   OXT  sing N N 201 
LYS CB  CG   sing N N 202 
LYS CB  HB2  sing N N 203 
LYS CB  HB3  sing N N 204 
LYS CG  CD   sing N N 205 
LYS CG  HG2  sing N N 206 
LYS CG  HG3  sing N N 207 
LYS CD  CE   sing N N 208 
LYS CD  HD2  sing N N 209 
LYS CD  HD3  sing N N 210 
LYS CE  NZ   sing N N 211 
LYS CE  HE2  sing N N 212 
LYS CE  HE3  sing N N 213 
LYS NZ  HZ1  sing N N 214 
LYS NZ  HZ2  sing N N 215 
LYS NZ  HZ3  sing N N 216 
LYS OXT HXT  sing N N 217 
MET N   CA   sing N N 218 
MET N   H    sing N N 219 
MET N   H2   sing N N 220 
MET CA  C    sing N N 221 
MET CA  CB   sing N N 222 
MET CA  HA   sing N N 223 
MET C   O    doub N N 224 
MET C   OXT  sing N N 225 
MET CB  CG   sing N N 226 
MET CB  HB2  sing N N 227 
MET CB  HB3  sing N N 228 
MET CG  SD   sing N N 229 
MET CG  HG2  sing N N 230 
MET CG  HG3  sing N N 231 
MET SD  CE   sing N N 232 
MET CE  HE1  sing N N 233 
MET CE  HE2  sing N N 234 
MET CE  HE3  sing N N 235 
MET OXT HXT  sing N N 236 
PHE N   CA   sing N N 237 
PHE N   H    sing N N 238 
PHE N   H2   sing N N 239 
PHE CA  C    sing N N 240 
PHE CA  CB   sing N N 241 
PHE CA  HA   sing N N 242 
PHE C   O    doub N N 243 
PHE C   OXT  sing N N 244 
PHE CB  CG   sing N N 245 
PHE CB  HB2  sing N N 246 
PHE CB  HB3  sing N N 247 
PHE CG  CD1  doub Y N 248 
PHE CG  CD2  sing Y N 249 
PHE CD1 CE1  sing Y N 250 
PHE CD1 HD1  sing N N 251 
PHE CD2 CE2  doub Y N 252 
PHE CD2 HD2  sing N N 253 
PHE CE1 CZ   doub Y N 254 
PHE CE1 HE1  sing N N 255 
PHE CE2 CZ   sing Y N 256 
PHE CE2 HE2  sing N N 257 
PHE CZ  HZ   sing N N 258 
PHE OXT HXT  sing N N 259 
PRO N   CA   sing N N 260 
PRO N   CD   sing N N 261 
PRO N   H    sing N N 262 
PRO CA  C    sing N N 263 
PRO CA  CB   sing N N 264 
PRO CA  HA   sing N N 265 
PRO C   O    doub N N 266 
PRO C   OXT  sing N N 267 
PRO CB  CG   sing N N 268 
PRO CB  HB2  sing N N 269 
PRO CB  HB3  sing N N 270 
PRO CG  CD   sing N N 271 
PRO CG  HG2  sing N N 272 
PRO CG  HG3  sing N N 273 
PRO CD  HD2  sing N N 274 
PRO CD  HD3  sing N N 275 
PRO OXT HXT  sing N N 276 
SER N   CA   sing N N 277 
SER N   H    sing N N 278 
SER N   H2   sing N N 279 
SER CA  C    sing N N 280 
SER CA  CB   sing N N 281 
SER CA  HA   sing N N 282 
SER C   O    doub N N 283 
SER C   OXT  sing N N 284 
SER CB  OG   sing N N 285 
SER CB  HB2  sing N N 286 
SER CB  HB3  sing N N 287 
SER OG  HG   sing N N 288 
SER OXT HXT  sing N N 289 
THR N   CA   sing N N 290 
THR N   H    sing N N 291 
THR N   H2   sing N N 292 
THR CA  C    sing N N 293 
THR CA  CB   sing N N 294 
THR CA  HA   sing N N 295 
THR C   O    doub N N 296 
THR C   OXT  sing N N 297 
THR CB  OG1  sing N N 298 
THR CB  CG2  sing N N 299 
THR CB  HB   sing N N 300 
THR OG1 HG1  sing N N 301 
THR CG2 HG21 sing N N 302 
THR CG2 HG22 sing N N 303 
THR CG2 HG23 sing N N 304 
THR OXT HXT  sing N N 305 
TRP N   CA   sing N N 306 
TRP N   H    sing N N 307 
TRP N   H2   sing N N 308 
TRP CA  C    sing N N 309 
TRP CA  CB   sing N N 310 
TRP CA  HA   sing N N 311 
TRP C   O    doub N N 312 
TRP C   OXT  sing N N 313 
TRP CB  CG   sing N N 314 
TRP CB  HB2  sing N N 315 
TRP CB  HB3  sing N N 316 
TRP CG  CD1  doub Y N 317 
TRP CG  CD2  sing Y N 318 
TRP CD1 NE1  sing Y N 319 
TRP CD1 HD1  sing N N 320 
TRP CD2 CE2  doub Y N 321 
TRP CD2 CE3  sing Y N 322 
TRP NE1 CE2  sing Y N 323 
TRP NE1 HE1  sing N N 324 
TRP CE2 CZ2  sing Y N 325 
TRP CE3 CZ3  doub Y N 326 
TRP CE3 HE3  sing N N 327 
TRP CZ2 CH2  doub Y N 328 
TRP CZ2 HZ2  sing N N 329 
TRP CZ3 CH2  sing Y N 330 
TRP CZ3 HZ3  sing N N 331 
TRP CH2 HH2  sing N N 332 
TRP OXT HXT  sing N N 333 
TYR N   CA   sing N N 334 
TYR N   H    sing N N 335 
TYR N   H2   sing N N 336 
TYR CA  C    sing N N 337 
TYR CA  CB   sing N N 338 
TYR CA  HA   sing N N 339 
TYR C   O    doub N N 340 
TYR C   OXT  sing N N 341 
TYR CB  CG   sing N N 342 
TYR CB  HB2  sing N N 343 
TYR CB  HB3  sing N N 344 
TYR CG  CD1  doub Y N 345 
TYR CG  CD2  sing Y N 346 
TYR CD1 CE1  sing Y N 347 
TYR CD1 HD1  sing N N 348 
TYR CD2 CE2  doub Y N 349 
TYR CD2 HD2  sing N N 350 
TYR CE1 CZ   doub Y N 351 
TYR CE1 HE1  sing N N 352 
TYR CE2 CZ   sing Y N 353 
TYR CE2 HE2  sing N N 354 
TYR CZ  OH   sing N N 355 
TYR OH  HH   sing N N 356 
TYR OXT HXT  sing N N 357 
VAL N   CA   sing N N 358 
VAL N   H    sing N N 359 
VAL N   H2   sing N N 360 
VAL CA  C    sing N N 361 
VAL CA  CB   sing N N 362 
VAL CA  HA   sing N N 363 
VAL C   O    doub N N 364 
VAL C   OXT  sing N N 365 
VAL CB  CG1  sing N N 366 
VAL CB  CG2  sing N N 367 
VAL CB  HB   sing N N 368 
VAL CG1 HG11 sing N N 369 
VAL CG1 HG12 sing N N 370 
VAL CG1 HG13 sing N N 371 
VAL CG2 HG21 sing N N 372 
VAL CG2 HG22 sing N N 373 
VAL CG2 HG23 sing N N 374 
VAL OXT HXT  sing N N 375 
# 
_atom_sites.entry_id                    4MID 
_atom_sites.fract_transf_matrix[1][1]   0.02029818 
_atom_sites.fract_transf_matrix[1][2]   -0.00069641 
_atom_sites.fract_transf_matrix[1][3]   -0.02899925 
_atom_sites.fract_transf_matrix[2][1]   0.03329844 
_atom_sites.fract_transf_matrix[2][2]   0.01194454 
_atom_sites.fract_transf_matrix[2][3]   0.00140893 
_atom_sites.fract_transf_matrix[3][1]   0.00215923 
_atom_sites.fract_transf_matrix[3][2]   -0.00621529 
_atom_sites.fract_transf_matrix[3][3]   0.00166062 
_atom_sites.fract_transf_vector[1]      -0.471828 
_atom_sites.fract_transf_vector[2]      0.388644 
_atom_sites.fract_transf_vector[3]      -0.047133 
# 
loop_
_atom_type.symbol 
C 
N 
O 
S 
# 
loop_
_atom_site.group_PDB 
_atom_site.id 
_atom_site.type_symbol 
_atom_site.label_atom_id 
_atom_site.label_alt_id 
_atom_site.label_comp_id 
_atom_site.label_asym_id 
_atom_site.label_entity_id 
_atom_site.label_seq_id 
_atom_site.pdbx_PDB_ins_code 
_atom_site.Cartn_x 
_atom_site.Cartn_y 
_atom_site.Cartn_z 
_atom_site.occupancy 
_atom_site.B_iso_or_equiv 
_atom_site.pdbx_formal_charge 
_atom_site.auth_seq_id 
_atom_site.auth_comp_id 
_atom_site.auth_asym_id 
_atom_site.auth_atom_id 
_atom_site.pdbx_PDB_model_num 
ATOM   1   N N   . LEU A 1 11  ? -13.576 -18.011 5.655   1.00 78.15  ? 10  LEU A N   1 
ATOM   2   C CA  . LEU A 1 11  ? -12.784 -17.995 4.431   1.00 85.24  ? 10  LEU A CA  1 
ATOM   3   C C   . LEU A 1 11  ? -12.937 -16.681 3.669   1.00 79.29  ? 10  LEU A C   1 
ATOM   4   O O   . LEU A 1 11  ? -13.901 -16.493 2.924   1.00 92.39  ? 10  LEU A O   1 
ATOM   5   C CB  . LEU A 1 11  ? -13.159 -19.179 3.533   1.00 95.24  ? 10  LEU A CB  1 
ATOM   6   C CG  . LEU A 1 11  ? -12.347 -20.469 3.685   1.00 102.80 ? 10  LEU A CG  1 
ATOM   7   C CD1 . LEU A 1 11  ? -12.180 -20.848 5.148   1.00 121.68 ? 10  LEU A CD1 1 
ATOM   8   C CD2 . LEU A 1 11  ? -13.001 -21.605 2.918   1.00 105.86 ? 10  LEU A CD2 1 
ATOM   9   N N   . LYS A 1 12  ? -11.975 -15.779 3.855   1.00 67.44  ? 11  LYS A N   1 
ATOM   10  C CA  . LYS A 1 12  ? -12.007 -14.469 3.207   1.00 73.41  ? 11  LYS A CA  1 
ATOM   11  C C   . LYS A 1 12  ? -11.067 -14.461 2.008   1.00 70.67  ? 11  LYS A C   1 
ATOM   12  O O   . LYS A 1 12  ? -10.197 -15.328 1.895   1.00 73.08  ? 11  LYS A O   1 
ATOM   13  C CB  . LYS A 1 12  ? -11.623 -13.360 4.192   1.00 71.84  ? 11  LYS A CB  1 
ATOM   14  C CG  . LYS A 1 12  ? -12.043 -11.961 3.752   1.00 77.15  ? 11  LYS A CG  1 
ATOM   15  C CD  . LYS A 1 12  ? -13.527 -11.924 3.415   1.00 81.99  ? 11  LYS A CD  1 
ATOM   16  C CE  . LYS A 1 12  ? -13.901 -10.640 2.693   1.00 79.35  ? 11  LYS A CE  1 
ATOM   17  N NZ  . LYS A 1 12  ? -13.543 -9.437  3.488   1.00 82.44  ? 11  LYS A NZ  1 
ATOM   18  N N   . SER A 1 13  ? -11.257 -13.497 1.110   1.00 68.47  ? 12  SER A N   1 
ATOM   19  C CA  . SER A 1 13  ? -10.440 -13.390 -0.093  1.00 71.85  ? 12  SER A CA  1 
ATOM   20  C C   . SER A 1 13  ? -8.952  -13.215 0.212   1.00 72.95  ? 12  SER A C   1 
ATOM   21  O O   . SER A 1 13  ? -8.566  -12.825 1.317   1.00 67.94  ? 12  SER A O   1 
ATOM   22  C CB  . SER A 1 13  ? -10.932 -12.243 -0.971  1.00 66.37  ? 12  SER A CB  1 
ATOM   23  O OG  . SER A 1 13  ? -10.733 -10.997 -0.334  1.00 73.93  ? 12  SER A OG  1 
ATOM   24  N N   . SER A 1 14  ? -8.119  -13.503 -0.782  1.00 67.58  ? 13  SER A N   1 
ATOM   25  C CA  . SER A 1 14  ? -6.673  -13.479 -0.595  1.00 66.24  ? 13  SER A CA  1 
ATOM   26  C C   . SER A 1 14  ? -6.026  -12.157 -1.008  1.00 59.41  ? 13  SER A C   1 
ATOM   27  O O   . SER A 1 14  ? -6.623  -11.348 -1.716  1.00 52.66  ? 13  SER A O   1 
ATOM   28  C CB  . SER A 1 14  ? -6.016  -14.635 -1.350  1.00 78.14  ? 13  SER A CB  1 
ATOM   29  O OG  . SER A 1 14  ? -6.197  -14.498 -2.748  1.00 83.85  ? 13  SER A OG  1 
ATOM   30  N N   . CYS A 1 15  ? -4.789  -11.969 -0.561  1.00 60.35  ? 14  CYS A N   1 
ATOM   31  C CA  . CYS A 1 15  ? -4.021  -10.752 -0.801  1.00 59.46  ? 14  CYS A CA  1 
ATOM   32  C C   . CYS A 1 15  ? -3.813  -10.455 -2.285  1.00 49.55  ? 14  CYS A C   1 
ATOM   33  O O   . CYS A 1 15  ? -3.373  -11.318 -3.045  1.00 49.76  ? 14  CYS A O   1 
ATOM   34  C CB  . CYS A 1 15  ? -2.667  -10.864 -0.093  1.00 42.92  ? 14  CYS A CB  1 
ATOM   35  S SG  . CYS A 1 15  ? -1.501  -9.530  -0.412  1.00 45.20  ? 14  CYS A SG  1 
ATOM   36  N N   . LYS A 1 16  ? -4.140  -9.230  -2.688  1.00 47.74  ? 15  LYS A N   1 
ATOM   37  C CA  . LYS A 1 16  ? -3.890  -8.763  -4.050  1.00 51.03  ? 15  LYS A CA  1 
ATOM   38  C C   . LYS A 1 16  ? -4.006  -7.245  -4.142  1.00 46.20  ? 15  LYS A C   1 
ATOM   39  O O   . LYS A 1 16  ? -4.282  -6.573  -3.149  1.00 44.05  ? 15  LYS A O   1 
ATOM   40  C CB  . LYS A 1 16  ? -4.839  -9.426  -5.051  1.00 68.57  ? 15  LYS A CB  1 
ATOM   41  C CG  . LYS A 1 16  ? -6.312  -9.204  -4.766  1.00 69.41  ? 15  LYS A CG  1 
ATOM   42  C CD  . LYS A 1 16  ? -7.165  -9.752  -5.897  1.00 71.83  ? 15  LYS A CD  1 
ATOM   43  C CE  . LYS A 1 16  ? -8.627  -9.813  -5.500  1.00 69.74  ? 15  LYS A CE  1 
ATOM   44  N NZ  . LYS A 1 16  ? -8.834  -10.731 -4.348  1.00 69.78  ? 15  LYS A NZ  1 
ATOM   45  N N   . ARG A 1 17  ? -3.803  -6.713  -5.342  1.00 46.02  ? 16  ARG A N   1 
ATOM   46  C CA  . ARG A 1 17  ? -3.795  -5.269  -5.546  1.00 37.71  ? 16  ARG A CA  1 
ATOM   47  C C   . ARG A 1 17  ? -5.133  -4.755  -6.066  1.00 47.74  ? 16  ARG A C   1 
ATOM   48  O O   . ARG A 1 17  ? -5.645  -5.237  -7.077  1.00 53.42  ? 16  ARG A O   1 
ATOM   49  C CB  . ARG A 1 17  ? -2.662  -4.879  -6.498  1.00 39.38  ? 16  ARG A CB  1 
ATOM   50  C CG  . ARG A 1 17  ? -2.349  -3.394  -6.529  1.00 48.62  ? 16  ARG A CG  1 
ATOM   51  C CD  . ARG A 1 17  ? -0.989  -3.155  -7.159  1.00 50.24  ? 16  ARG A CD  1 
ATOM   52  N NE  . ARG A 1 17  ? -0.905  -3.732  -8.497  1.00 48.99  ? 16  ARG A NE  1 
ATOM   53  C CZ  . ARG A 1 17  ? -0.823  -3.017  -9.613  1.00 48.71  ? 16  ARG A CZ  1 
ATOM   54  N NH1 . ARG A 1 17  ? -0.801  -1.693  -9.556  1.00 53.52  ? 16  ARG A NH1 1 
ATOM   55  N NH2 . ARG A 1 17  ? -0.753  -3.628  -10.788 1.00 47.52  ? 16  ARG A NH2 1 
ATOM   56  N N   . HIS A 1 18  ? -5.691  -3.773  -5.366  1.00 41.68  ? 17  HIS A N   1 
ATOM   57  C CA  . HIS A 1 18  ? -6.977  -3.190  -5.732  1.00 35.83  ? 17  HIS A CA  1 
ATOM   58  C C   . HIS A 1 18  ? -6.818  -1.730  -6.131  1.00 37.98  ? 17  HIS A C   1 
ATOM   59  O O   . HIS A 1 18  ? -5.919  -1.045  -5.646  1.00 37.25  ? 17  HIS A O   1 
ATOM   60  C CB  . HIS A 1 18  ? -7.961  -3.285  -4.565  1.00 38.97  ? 17  HIS A CB  1 
ATOM   61  C CG  . HIS A 1 18  ? -8.273  -4.686  -4.146  1.00 42.28  ? 17  HIS A CG  1 
ATOM   62  N ND1 . HIS A 1 18  ? -7.641  -5.304  -3.090  1.00 50.56  ? 17  HIS A ND1 1 
ATOM   63  C CD2 . HIS A 1 18  ? -9.154  -5.588  -4.639  1.00 57.11  ? 17  HIS A CD2 1 
ATOM   64  C CE1 . HIS A 1 18  ? -8.118  -6.527  -2.950  1.00 47.81  ? 17  HIS A CE1 1 
ATOM   65  N NE2 . HIS A 1 18  ? -9.036  -6.726  -3.878  1.00 62.56  ? 17  HIS A NE2 1 
ATOM   66  N N   . PRO A 1 19  ? -7.700  -1.245  -7.017  1.00 39.78  ? 18  PRO A N   1 
ATOM   67  C CA  . PRO A 1 19  ? -7.655  0.163   -7.422  1.00 38.53  ? 18  PRO A CA  1 
ATOM   68  C C   . PRO A 1 19  ? -8.169  1.092   -6.329  1.00 47.94  ? 18  PRO A C   1 
ATOM   69  O O   . PRO A 1 19  ? -9.117  0.756   -5.621  1.00 55.37  ? 18  PRO A O   1 
ATOM   70  C CB  . PRO A 1 19  ? -8.591  0.207   -8.631  1.00 34.66  ? 18  PRO A CB  1 
ATOM   71  C CG  . PRO A 1 19  ? -9.538  -0.908  -8.410  1.00 38.88  ? 18  PRO A CG  1 
ATOM   72  C CD  . PRO A 1 19  ? -8.742  -1.992  -7.744  1.00 36.42  ? 18  PRO A CD  1 
ATOM   73  N N   . LEU A 1 20  ? -7.538  2.252   -6.199  1.00 49.48  ? 19  LEU A N   1 
ATOM   74  C CA  . LEU A 1 20  ? -7.966  3.254   -5.235  1.00 44.59  ? 19  LEU A CA  1 
ATOM   75  C C   . LEU A 1 20  ? -7.562  4.649   -5.688  1.00 42.20  ? 19  LEU A C   1 
ATOM   76  O O   . LEU A 1 20  ? -6.387  5.012   -5.635  1.00 36.87  ? 19  LEU A O   1 
ATOM   77  C CB  . LEU A 1 20  ? -7.369  2.971   -3.855  1.00 46.23  ? 19  LEU A CB  1 
ATOM   78  C CG  . LEU A 1 20  ? -7.608  4.055   -2.798  1.00 38.43  ? 19  LEU A CG  1 
ATOM   79  C CD1 . LEU A 1 20  ? -9.092  4.220   -2.522  1.00 42.52  ? 19  LEU A CD1 1 
ATOM   80  C CD2 . LEU A 1 20  ? -6.847  3.758   -1.516  1.00 35.82  ? 19  LEU A CD2 1 
ATOM   81  N N   . TYR A 1 21  ? -8.537  5.428   -6.142  1.00 42.56  ? 20  TYR A N   1 
ATOM   82  C CA  . TYR A 1 21  ? -8.277  6.817   -6.482  1.00 39.24  ? 20  TYR A CA  1 
ATOM   83  C C   . TYR A 1 21  ? -8.446  7.713   -5.264  1.00 34.01  ? 20  TYR A C   1 
ATOM   84  O O   . TYR A 1 21  ? -9.514  7.761   -4.653  1.00 40.64  ? 20  TYR A O   1 
ATOM   85  C CB  . TYR A 1 21  ? -9.183  7.295   -7.612  1.00 48.59  ? 20  TYR A CB  1 
ATOM   86  C CG  . TYR A 1 21  ? -8.956  8.744   -7.975  1.00 48.78  ? 20  TYR A CG  1 
ATOM   87  C CD1 . TYR A 1 21  ? -7.881  9.119   -8.770  1.00 45.71  ? 20  TYR A CD1 1 
ATOM   88  C CD2 . TYR A 1 21  ? -9.809  9.737   -7.514  1.00 51.28  ? 20  TYR A CD2 1 
ATOM   89  C CE1 . TYR A 1 21  ? -7.665  10.443  -9.102  1.00 55.30  ? 20  TYR A CE1 1 
ATOM   90  C CE2 . TYR A 1 21  ? -9.602  11.063  -7.839  1.00 49.27  ? 20  TYR A CE2 1 
ATOM   91  C CZ  . TYR A 1 21  ? -8.530  11.411  -8.634  1.00 51.09  ? 20  TYR A CZ  1 
ATOM   92  O OH  . TYR A 1 21  ? -8.321  12.731  -8.961  1.00 59.18  ? 20  TYR A OH  1 
ATOM   93  N N   . VAL A 1 22  ? -7.381  8.421   -4.918  1.00 32.85  ? 21  VAL A N   1 
ATOM   94  C CA  . VAL A 1 22  ? -7.403  9.314   -3.775  1.00 34.59  ? 21  VAL A CA  1 
ATOM   95  C C   . VAL A 1 22  ? -7.547  10.757  -4.227  1.00 42.09  ? 21  VAL A C   1 
ATOM   96  O O   . VAL A 1 22  ? -6.678  11.294  -4.909  1.00 34.23  ? 21  VAL A O   1 
ATOM   97  C CB  . VAL A 1 22  ? -6.126  9.175   -2.936  1.00 31.92  ? 21  VAL A CB  1 
ATOM   98  C CG1 . VAL A 1 22  ? -6.101  10.222  -1.835  1.00 29.95  ? 21  VAL A CG1 1 
ATOM   99  C CG2 . VAL A 1 22  ? -6.031  7.773   -2.355  1.00 33.84  ? 21  VAL A CG2 1 
ATOM   100 N N   . ASP A 1 23  ? -8.661  11.375  -3.855  1.00 40.86  ? 22  ASP A N   1 
ATOM   101 C CA  . ASP A 1 23  ? -8.852  12.794  -4.095  1.00 41.71  ? 22  ASP A CA  1 
ATOM   102 C C   . ASP A 1 23  ? -8.270  13.546  -2.910  1.00 34.82  ? 22  ASP A C   1 
ATOM   103 O O   . ASP A 1 23  ? -8.620  13.277  -1.762  1.00 47.86  ? 22  ASP A O   1 
ATOM   104 C CB  . ASP A 1 23  ? -10.336 13.116  -4.257  1.00 39.51  ? 22  ASP A CB  1 
ATOM   105 C CG  . ASP A 1 23  ? -10.575 14.545  -4.699  1.00 51.34  ? 22  ASP A CG  1 
ATOM   106 O OD1 . ASP A 1 23  ? -10.288 15.470  -3.913  1.00 46.57  ? 22  ASP A OD1 1 
ATOM   107 O OD2 . ASP A 1 23  ? -11.058 14.743  -5.832  1.00 61.17  ? 22  ASP A OD2 1 
ATOM   108 N N   . PHE A 1 24  ? -7.375  14.487  -3.188  1.00 35.39  ? 23  PHE A N   1 
ATOM   109 C CA  . PHE A 1 24  ? -6.671  15.205  -2.131  1.00 33.34  ? 23  PHE A CA  1 
ATOM   110 C C   . PHE A 1 24  ? -7.600  16.035  -1.246  1.00 48.70  ? 23  PHE A C   1 
ATOM   111 O O   . PHE A 1 24  ? -7.274  16.317  -0.094  1.00 49.39  ? 23  PHE A O   1 
ATOM   112 C CB  . PHE A 1 24  ? -5.567  16.083  -2.723  1.00 48.64  ? 23  PHE A CB  1 
ATOM   113 C CG  . PHE A 1 24  ? -4.404  15.306  -3.267  1.00 49.54  ? 23  PHE A CG  1 
ATOM   114 C CD1 . PHE A 1 24  ? -3.918  14.200  -2.592  1.00 51.00  ? 23  PHE A CD1 1 
ATOM   115 C CD2 . PHE A 1 24  ? -3.803  15.674  -4.458  1.00 36.55  ? 23  PHE A CD2 1 
ATOM   116 C CE1 . PHE A 1 24  ? -2.849  13.480  -3.090  1.00 47.80  ? 23  PHE A CE1 1 
ATOM   117 C CE2 . PHE A 1 24  ? -2.736  14.960  -4.962  1.00 33.36  ? 23  PHE A CE2 1 
ATOM   118 C CZ  . PHE A 1 24  ? -2.257  13.861  -4.277  1.00 47.43  ? 23  PHE A CZ  1 
ATOM   119 N N   . SER A 1 25  ? -8.753  16.419  -1.782  1.00 53.24  ? 24  SER A N   1 
ATOM   120 C CA  . SER A 1 25  ? -9.717  17.193  -1.010  1.00 56.13  ? 24  SER A CA  1 
ATOM   121 C C   . SER A 1 25  ? -10.430 16.318  0.016   1.00 52.92  ? 24  SER A C   1 
ATOM   122 O O   . SER A 1 25  ? -10.907 16.812  1.036   1.00 50.78  ? 24  SER A O   1 
ATOM   123 C CB  . SER A 1 25  ? -10.738 17.876  -1.924  1.00 45.63  ? 24  SER A CB  1 
ATOM   124 O OG  . SER A 1 25  ? -11.573 16.926  -2.562  1.00 54.17  ? 24  SER A OG  1 
ATOM   125 N N   . ASP A 1 26  ? -10.495 15.018  -0.253  1.00 50.30  ? 25  ASP A N   1 
ATOM   126 C CA  . ASP A 1 26  ? -11.146 14.090  0.666   1.00 48.30  ? 25  ASP A CA  1 
ATOM   127 C C   . ASP A 1 26  ? -10.294 13.826  1.899   1.00 39.50  ? 25  ASP A C   1 
ATOM   128 O O   . ASP A 1 26  ? -10.789 13.336  2.912   1.00 54.48  ? 25  ASP A O   1 
ATOM   129 C CB  . ASP A 1 26  ? -11.473 12.769  -0.034  1.00 44.75  ? 25  ASP A CB  1 
ATOM   130 C CG  . ASP A 1 26  ? -12.557 12.918  -1.077  1.00 54.81  ? 25  ASP A CG  1 
ATOM   131 O OD1 . ASP A 1 26  ? -13.179 13.999  -1.138  1.00 69.47  ? 25  ASP A OD1 1 
ATOM   132 O OD2 . ASP A 1 26  ? -12.794 11.950  -1.829  1.00 54.14  ? 25  ASP A OD2 1 
ATOM   133 N N   . VAL A 1 27  ? -9.011  14.155  1.810   1.00 38.16  ? 26  VAL A N   1 
ATOM   134 C CA  . VAL A 1 27  ? -8.090  13.910  2.912   1.00 41.21  ? 26  VAL A CA  1 
ATOM   135 C C   . VAL A 1 27  ? -7.453  15.196  3.431   1.00 44.43  ? 26  VAL A C   1 
ATOM   136 O O   . VAL A 1 27  ? -6.436  15.160  4.122   1.00 46.98  ? 26  VAL A O   1 
ATOM   137 C CB  . VAL A 1 27  ? -6.995  12.904  2.515   1.00 38.20  ? 26  VAL A CB  1 
ATOM   138 C CG1 . VAL A 1 27  ? -7.596  11.521  2.331   1.00 34.32  ? 26  VAL A CG1 1 
ATOM   139 C CG2 . VAL A 1 27  ? -6.297  13.357  1.245   1.00 30.35  ? 26  VAL A CG2 1 
ATOM   140 N N   . GLY A 1 28  ? -8.063  16.329  3.095   1.00 36.86  ? 27  GLY A N   1 
ATOM   141 C CA  . GLY A 1 28  ? -7.605  17.623  3.569   1.00 36.26  ? 27  GLY A CA  1 
ATOM   142 C C   . GLY A 1 28  ? -6.201  17.979  3.122   1.00 43.27  ? 27  GLY A C   1 
ATOM   143 O O   . GLY A 1 28  ? -5.408  18.500  3.903   1.00 37.08  ? 27  GLY A O   1 
ATOM   144 N N   . TRP A 1 29  ? -5.894  17.705  1.859   1.00 46.44  ? 28  TRP A N   1 
ATOM   145 C CA  . TRP A 1 29  ? -4.556  17.949  1.330   1.00 45.12  ? 28  TRP A CA  1 
ATOM   146 C C   . TRP A 1 29  ? -4.546  18.855  0.102   1.00 45.03  ? 28  TRP A C   1 
ATOM   147 O O   . TRP A 1 29  ? -3.479  19.222  -0.390  1.00 34.00  ? 28  TRP A O   1 
ATOM   148 C CB  . TRP A 1 29  ? -3.867  16.626  0.984   1.00 42.73  ? 28  TRP A CB  1 
ATOM   149 C CG  . TRP A 1 29  ? -3.212  15.950  2.147   1.00 50.53  ? 28  TRP A CG  1 
ATOM   150 C CD1 . TRP A 1 29  ? -3.382  16.241  3.470   1.00 57.40  ? 28  TRP A CD1 1 
ATOM   151 C CD2 . TRP A 1 29  ? -2.271  14.874  2.092   1.00 40.52  ? 28  TRP A CD2 1 
ATOM   152 N NE1 . TRP A 1 29  ? -2.609  15.409  4.240   1.00 53.23  ? 28  TRP A NE1 1 
ATOM   153 C CE2 . TRP A 1 29  ? -1.915  14.560  3.418   1.00 48.51  ? 28  TRP A CE2 1 
ATOM   154 C CE3 . TRP A 1 29  ? -1.694  14.144  1.049   1.00 30.12  ? 28  TRP A CE3 1 
ATOM   155 C CZ2 . TRP A 1 29  ? -1.011  13.548  3.729   1.00 42.68  ? 28  TRP A CZ2 1 
ATOM   156 C CZ3 . TRP A 1 29  ? -0.797  13.140  1.358   1.00 46.73  ? 28  TRP A CZ3 1 
ATOM   157 C CH2 . TRP A 1 29  ? -0.464  12.850  2.688   1.00 41.35  ? 28  TRP A CH2 1 
ATOM   158 N N   . ASN A 1 30  ? -5.726  19.218  -0.391  1.00 53.92  ? 29  ASN A N   1 
ATOM   159 C CA  . ASN A 1 30  ? -5.823  19.970  -1.641  1.00 51.25  ? 29  ASN A CA  1 
ATOM   160 C C   . ASN A 1 30  ? -5.328  21.415  -1.563  1.00 43.73  ? 29  ASN A C   1 
ATOM   161 O O   . ASN A 1 30  ? -5.127  22.061  -2.591  1.00 51.18  ? 29  ASN A O   1 
ATOM   162 C CB  . ASN A 1 30  ? -7.250  19.935  -2.194  1.00 49.88  ? 29  ASN A CB  1 
ATOM   163 C CG  . ASN A 1 30  ? -8.248  20.605  -1.276  1.00 63.53  ? 29  ASN A CG  1 
ATOM   164 O OD1 . ASN A 1 30  ? -8.313  20.302  -0.085  1.00 72.61  ? 29  ASN A OD1 1 
ATOM   165 N ND2 . ASN A 1 30  ? -9.030  21.527  -1.825  1.00 70.83  ? 29  ASN A ND2 1 
ATOM   166 N N   . ASP A 1 31  ? -5.133  21.917  -0.348  1.00 43.03  ? 30  ASP A N   1 
ATOM   167 C CA  . ASP A 1 31  ? -4.640  23.280  -0.169  1.00 51.81  ? 30  ASP A CA  1 
ATOM   168 C C   . ASP A 1 31  ? -3.143  23.378  -0.437  1.00 57.47  ? 30  ASP A C   1 
ATOM   169 O O   . ASP A 1 31  ? -2.692  24.259  -1.165  1.00 65.52  ? 30  ASP A O   1 
ATOM   170 C CB  . ASP A 1 31  ? -4.950  23.798  1.236   1.00 53.71  ? 30  ASP A CB  1 
ATOM   171 C CG  . ASP A 1 31  ? -4.357  25.172  1.490   1.00 72.49  ? 30  ASP A CG  1 
ATOM   172 O OD1 . ASP A 1 31  ? -4.471  26.046  0.604   1.00 76.84  ? 30  ASP A OD1 1 
ATOM   173 O OD2 . ASP A 1 31  ? -3.770  25.379  2.573   1.00 81.16  ? 30  ASP A OD2 1 
ATOM   174 N N   . TRP A 1 32  ? -2.370  22.475  0.157   1.00 52.72  ? 31  TRP A N   1 
ATOM   175 C CA  . TRP A 1 32  ? -0.925  22.527  -0.008  1.00 58.04  ? 31  TRP A CA  1 
ATOM   176 C C   . TRP A 1 32  ? -0.472  21.790  -1.262  1.00 55.38  ? 31  TRP A C   1 
ATOM   177 O O   . TRP A 1 32  ? 0.681   21.898  -1.665  1.00 55.78  ? 31  TRP A O   1 
ATOM   178 C CB  . TRP A 1 32  ? -0.200  22.004  1.236   1.00 66.93  ? 31  TRP A CB  1 
ATOM   179 C CG  . TRP A 1 32  ? -0.184  20.515  1.373   1.00 68.24  ? 31  TRP A CG  1 
ATOM   180 C CD1 . TRP A 1 32  ? -1.174  19.727  1.880   1.00 71.23  ? 31  TRP A CD1 1 
ATOM   181 C CD2 . TRP A 1 32  ? 0.887   19.634  1.017   1.00 69.23  ? 31  TRP A CD2 1 
ATOM   182 N NE1 . TRP A 1 32  ? -0.791  18.409  1.855   1.00 68.60  ? 31  TRP A NE1 1 
ATOM   183 C CE2 . TRP A 1 32  ? 0.472   18.325  1.328   1.00 67.80  ? 31  TRP A CE2 1 
ATOM   184 C CE3 . TRP A 1 32  ? 2.156   19.825  0.460   1.00 68.24  ? 31  TRP A CE3 1 
ATOM   185 C CZ2 . TRP A 1 32  ? 1.278   17.212  1.103   1.00 60.63  ? 31  TRP A CZ2 1 
ATOM   186 C CZ3 . TRP A 1 32  ? 2.955   18.719  0.237   1.00 67.94  ? 31  TRP A CZ3 1 
ATOM   187 C CH2 . TRP A 1 32  ? 2.513   17.430  0.557   1.00 63.57  ? 31  TRP A CH2 1 
ATOM   188 N N   . ILE A 1 33  ? -1.385  21.051  -1.883  1.00 49.83  ? 32  ILE A N   1 
ATOM   189 C CA  . ILE A 1 33  ? -1.080  20.370  -3.135  1.00 37.86  ? 32  ILE A CA  1 
ATOM   190 C C   . ILE A 1 33  ? -1.790  21.029  -4.308  1.00 42.02  ? 32  ILE A C   1 
ATOM   191 O O   . ILE A 1 33  ? -3.018  21.046  -4.382  1.00 55.11  ? 32  ILE A O   1 
ATOM   192 C CB  . ILE A 1 33  ? -1.447  18.882  -3.086  1.00 38.15  ? 32  ILE A CB  1 
ATOM   193 C CG1 . ILE A 1 33  ? -0.540  18.158  -2.092  1.00 31.23  ? 32  ILE A CG1 1 
ATOM   194 C CG2 . ILE A 1 33  ? -1.316  18.261  -4.465  1.00 40.49  ? 32  ILE A CG2 1 
ATOM   195 C CD1 . ILE A 1 33  ? -0.806  16.680  -1.994  1.00 36.80  ? 32  ILE A CD1 1 
ATOM   196 N N   . ILE A 1 34  ? -1.000  21.572  -5.222  1.00 47.03  ? 33  ILE A N   1 
ATOM   197 C CA  . ILE A 1 34  ? -1.533  22.304  -6.359  1.00 55.49  ? 33  ILE A CA  1 
ATOM   198 C C   . ILE A 1 34  ? -1.947  21.349  -7.472  1.00 54.78  ? 33  ILE A C   1 
ATOM   199 O O   . ILE A 1 34  ? -3.044  21.455  -8.020  1.00 53.21  ? 33  ILE A O   1 
ATOM   200 C CB  . ILE A 1 34  ? -0.510  23.325  -6.888  1.00 60.08  ? 33  ILE A CB  1 
ATOM   201 C CG1 . ILE A 1 34  ? -0.480  24.564  -5.990  1.00 69.36  ? 33  ILE A CG1 1 
ATOM   202 C CG2 . ILE A 1 34  ? -0.842  23.732  -8.302  1.00 57.26  ? 33  ILE A CG2 1 
ATOM   203 C CD1 . ILE A 1 34  ? 0.393   24.420  -4.762  1.00 77.31  ? 33  ILE A CD1 1 
ATOM   204 N N   . ALA A 1 35  ? -1.066  20.408  -7.789  1.00 44.99  ? 34  ALA A N   1 
ATOM   205 C CA  . ALA A 1 35  ? -1.328  19.437  -8.839  1.00 36.84  ? 34  ALA A CA  1 
ATOM   206 C C   . ALA A 1 35  ? -0.665  18.108  -8.499  1.00 37.35  ? 34  ALA A C   1 
ATOM   207 O O   . ALA A 1 35  ? 0.451   18.083  -7.985  1.00 35.82  ? 34  ALA A O   1 
ATOM   208 C CB  . ALA A 1 35  ? -0.830  19.959  -10.173 1.00 37.99  ? 34  ALA A CB  1 
ATOM   209 N N   . PRO A 1 36  ? -1.354  16.993  -8.784  1.00 35.52  ? 35  PRO A N   1 
ATOM   210 C CA  . PRO A 1 36  ? -2.693  16.956  -9.380  1.00 35.82  ? 35  PRO A CA  1 
ATOM   211 C C   . PRO A 1 36  ? -3.785  17.102  -8.327  1.00 37.56  ? 35  PRO A C   1 
ATOM   212 O O   . PRO A 1 36  ? -3.479  17.262  -7.147  1.00 45.97  ? 35  PRO A O   1 
ATOM   213 C CB  . PRO A 1 36  ? -2.747  15.558  -9.989  1.00 39.13  ? 35  PRO A CB  1 
ATOM   214 C CG  . PRO A 1 36  ? -1.910  14.742  -9.070  1.00 31.83  ? 35  PRO A CG  1 
ATOM   215 C CD  . PRO A 1 36  ? -0.800  15.640  -8.598  1.00 44.17  ? 35  PRO A CD  1 
ATOM   216 N N   . SER A 1 37  ? -5.043  17.045  -8.754  1.00 49.05  ? 36  SER A N   1 
ATOM   217 C CA  . SER A 1 37  ? -6.170  17.124  -7.831  1.00 57.34  ? 36  SER A CA  1 
ATOM   218 C C   . SER A 1 37  ? -6.254  15.857  -6.990  1.00 44.16  ? 36  SER A C   1 
ATOM   219 O O   . SER A 1 37  ? -6.799  15.858  -5.886  1.00 37.78  ? 36  SER A O   1 
ATOM   220 C CB  . SER A 1 37  ? -7.478  17.329  -8.595  1.00 66.59  ? 36  SER A CB  1 
ATOM   221 O OG  . SER A 1 37  ? -8.585  17.340  -7.713  1.00 75.74  ? 36  SER A OG  1 
ATOM   222 N N   . GLY A 1 38  ? -5.705  14.776  -7.530  1.00 42.18  ? 37  GLY A N   1 
ATOM   223 C CA  . GLY A 1 38  ? -5.686  13.493  -6.856  1.00 34.47  ? 37  GLY A CA  1 
ATOM   224 C C   . GLY A 1 38  ? -4.913  12.496  -7.691  1.00 44.06  ? 37  GLY A C   1 
ATOM   225 O O   . GLY A 1 38  ? -4.452  12.824  -8.782  1.00 46.13  ? 37  GLY A O   1 
ATOM   226 N N   . TYR A 1 39  ? -4.771  11.274  -7.190  1.00 50.36  ? 38  TYR A N   1 
ATOM   227 C CA  . TYR A 1 39  ? -3.999  10.268  -7.908  1.00 41.91  ? 38  TYR A CA  1 
ATOM   228 C C   . TYR A 1 39  ? -4.450  8.845   -7.609  1.00 46.04  ? 38  TYR A C   1 
ATOM   229 O O   . TYR A 1 39  ? -5.194  8.600   -6.660  1.00 47.79  ? 38  TYR A O   1 
ATOM   230 C CB  . TYR A 1 39  ? -2.509  10.423  -7.602  1.00 36.15  ? 38  TYR A CB  1 
ATOM   231 C CG  . TYR A 1 39  ? -2.071  9.819   -6.289  1.00 37.31  ? 38  TYR A CG  1 
ATOM   232 C CD1 . TYR A 1 39  ? -2.467  10.373  -5.078  1.00 28.81  ? 38  TYR A CD1 1 
ATOM   233 C CD2 . TYR A 1 39  ? -1.248  8.703   -6.260  1.00 42.59  ? 38  TYR A CD2 1 
ATOM   234 C CE1 . TYR A 1 39  ? -2.063  9.825   -3.878  1.00 33.45  ? 38  TYR A CE1 1 
ATOM   235 C CE2 . TYR A 1 39  ? -0.835  8.151   -5.068  1.00 31.60  ? 38  TYR A CE2 1 
ATOM   236 C CZ  . TYR A 1 39  ? -1.247  8.713   -3.879  1.00 33.89  ? 38  TYR A CZ  1 
ATOM   237 O OH  . TYR A 1 39  ? -0.838  8.162   -2.689  1.00 28.82  ? 38  TYR A OH  1 
ATOM   238 N N   . HIS A 1 40  ? -3.993  7.913   -8.437  1.00 44.67  ? 39  HIS A N   1 
ATOM   239 C CA  . HIS A 1 40  ? -4.314  6.504   -8.262  1.00 42.54  ? 39  HIS A CA  1 
ATOM   240 C C   . HIS A 1 40  ? -3.273  5.813   -7.402  1.00 31.08  ? 39  HIS A C   1 
ATOM   241 O O   . HIS A 1 40  ? -2.221  5.398   -7.884  1.00 43.73  ? 39  HIS A O   1 
ATOM   242 C CB  . HIS A 1 40  ? -4.442  5.813   -9.615  1.00 32.33  ? 39  HIS A CB  1 
ATOM   243 C CG  . HIS A 1 40  ? -5.646  6.248   -10.387 1.00 34.18  ? 39  HIS A CG  1 
ATOM   244 N ND1 . HIS A 1 40  ? -6.875  5.645   -10.244 1.00 39.09  ? 39  HIS A ND1 1 
ATOM   245 C CD2 . HIS A 1 40  ? -5.815  7.247   -11.286 1.00 40.73  ? 39  HIS A CD2 1 
ATOM   246 C CE1 . HIS A 1 40  ? -7.750  6.244   -11.032 1.00 39.21  ? 39  HIS A CE1 1 
ATOM   247 N NE2 . HIS A 1 40  ? -7.133  7.219   -11.675 1.00 38.76  ? 39  HIS A NE2 1 
ATOM   248 N N   . ALA A 1 41  ? -3.584  5.697   -6.118  1.00 31.55  ? 40  ALA A N   1 
ATOM   249 C CA  . ALA A 1 41  ? -2.649  5.164   -5.143  1.00 28.42  ? 40  ALA A CA  1 
ATOM   250 C C   . ALA A 1 41  ? -2.673  3.645   -5.114  1.00 34.64  ? 40  ALA A C   1 
ATOM   251 O O   . ALA A 1 41  ? -1.658  3.014   -4.821  1.00 42.94  ? 40  ALA A O   1 
ATOM   252 C CB  . ALA A 1 41  ? -2.965  5.716   -3.768  1.00 34.24  ? 40  ALA A CB  1 
ATOM   253 N N   . ASN A 1 42  ? -3.840  3.074   -5.404  1.00 39.61  ? 41  ASN A N   1 
ATOM   254 C CA  . ASN A 1 42  ? -4.091  1.646   -5.220  1.00 41.27  ? 41  ASN A CA  1 
ATOM   255 C C   . ASN A 1 42  ? -3.939  1.240   -3.757  1.00 42.55  ? 41  ASN A C   1 
ATOM   256 O O   . ASN A 1 42  ? -3.528  2.041   -2.917  1.00 33.79  ? 41  ASN A O   1 
ATOM   257 C CB  . ASN A 1 42  ? -3.179  0.790   -6.107  1.00 27.69  ? 41  ASN A CB  1 
ATOM   258 C CG  . ASN A 1 42  ? -3.251  1.179   -7.567  1.00 41.26  ? 41  ASN A CG  1 
ATOM   259 O OD1 . ASN A 1 42  ? -4.319  1.511   -8.080  1.00 49.45  ? 41  ASN A OD1 1 
ATOM   260 N ND2 . ASN A 1 42  ? -2.110  1.146   -8.245  1.00 32.79  ? 41  ASN A ND2 1 
ATOM   261 N N   . TYR A 1 43  ? -4.285  -0.005  -3.451  1.00 30.84  ? 42  TYR A N   1 
ATOM   262 C CA  . TYR A 1 43  ? -4.084  -0.528  -2.105  1.00 43.46  ? 42  TYR A CA  1 
ATOM   263 C C   . TYR A 1 43  ? -4.089  -2.049  -2.088  1.00 36.66  ? 42  TYR A C   1 
ATOM   264 O O   . TYR A 1 43  ? -4.594  -2.692  -3.007  1.00 34.46  ? 42  TYR A O   1 
ATOM   265 C CB  . TYR A 1 43  ? -5.127  0.031   -1.129  1.00 42.55  ? 42  TYR A CB  1 
ATOM   266 C CG  . TYR A 1 43  ? -6.522  -0.528  -1.288  1.00 38.75  ? 42  TYR A CG  1 
ATOM   267 C CD1 . TYR A 1 43  ? -7.352  -0.099  -2.314  1.00 40.76  ? 42  TYR A CD1 1 
ATOM   268 C CD2 . TYR A 1 43  ? -7.019  -1.467  -0.395  1.00 38.33  ? 42  TYR A CD2 1 
ATOM   269 C CE1 . TYR A 1 43  ? -8.631  -0.599  -2.455  1.00 45.40  ? 42  TYR A CE1 1 
ATOM   270 C CE2 . TYR A 1 43  ? -8.296  -1.973  -0.527  1.00 34.04  ? 42  TYR A CE2 1 
ATOM   271 C CZ  . TYR A 1 43  ? -9.097  -1.536  -1.560  1.00 35.96  ? 42  TYR A CZ  1 
ATOM   272 O OH  . TYR A 1 43  ? -10.370 -2.038  -1.694  1.00 38.96  ? 42  TYR A OH  1 
ATOM   273 N N   . CYS A 1 44  ? -3.510  -2.614  -1.035  1.00 37.18  ? 43  CYS A N   1 
ATOM   274 C CA  . CYS A 1 44  ? -3.454  -4.057  -0.871  1.00 41.56  ? 43  CYS A CA  1 
ATOM   275 C C   . CYS A 1 44  ? -4.450  -4.501  0.189   1.00 46.47  ? 43  CYS A C   1 
ATOM   276 O O   . CYS A 1 44  ? -4.511  -3.923  1.273   1.00 52.19  ? 43  CYS A O   1 
ATOM   277 C CB  . CYS A 1 44  ? -2.048  -4.491  -0.463  1.00 36.53  ? 43  CYS A CB  1 
ATOM   278 S SG  . CYS A 1 44  ? -0.739  -3.901  -1.550  1.00 38.33  ? 43  CYS A SG  1 
ATOM   279 N N   . ASP A 1 45  ? -5.230  -5.528  -0.128  1.00 40.40  ? 44  ASP A N   1 
ATOM   280 C CA  . ASP A 1 45  ? -6.170  -6.090  0.831   1.00 44.82  ? 44  ASP A CA  1 
ATOM   281 C C   . ASP A 1 45  ? -6.458  -7.552  0.516   1.00 50.05  ? 44  ASP A C   1 
ATOM   282 O O   . ASP A 1 45  ? -6.359  -7.983  -0.632  1.00 58.67  ? 44  ASP A O   1 
ATOM   283 C CB  . ASP A 1 45  ? -7.468  -5.283  0.858   1.00 42.31  ? 44  ASP A CB  1 
ATOM   284 C CG  . ASP A 1 45  ? -8.295  -5.555  2.098   1.00 45.03  ? 44  ASP A CG  1 
ATOM   285 O OD1 . ASP A 1 45  ? -7.721  -6.000  3.115   1.00 48.36  ? 44  ASP A OD1 1 
ATOM   286 O OD2 . ASP A 1 45  ? -9.519  -5.315  2.057   1.00 58.16  ? 44  ASP A OD2 1 
ATOM   287 N N   . GLY A 1 46  ? -6.816  -8.308  1.547   1.00 46.73  ? 45  GLY A N   1 
ATOM   288 C CA  . GLY A 1 46  ? -7.035  -9.733  1.409   1.00 50.24  ? 45  GLY A CA  1 
ATOM   289 C C   . GLY A 1 46  ? -6.270  -10.495 2.470   1.00 41.41  ? 45  GLY A C   1 
ATOM   290 O O   . GLY A 1 46  ? -5.355  -9.958  3.093   1.00 43.05  ? 45  GLY A O   1 
ATOM   291 N N   . GLU A 1 47  ? -6.643  -11.751 2.679   1.00 47.56  ? 46  GLU A N   1 
ATOM   292 C CA  . GLU A 1 47  ? -6.010  -12.574 3.701   1.00 51.68  ? 46  GLU A CA  1 
ATOM   293 C C   . GLU A 1 47  ? -4.720  -13.213 3.205   1.00 47.02  ? 46  GLU A C   1 
ATOM   294 O O   . GLU A 1 47  ? -4.491  -13.324 2.001   1.00 49.64  ? 46  GLU A O   1 
ATOM   295 C CB  . GLU A 1 47  ? -6.977  -13.655 4.186   1.00 74.16  ? 46  GLU A CB  1 
ATOM   296 C CG  . GLU A 1 47  ? -8.107  -13.126 5.048   1.00 95.11  ? 46  GLU A CG  1 
ATOM   297 C CD  . GLU A 1 47  ? -7.959  -13.518 6.505   1.00 108.18 ? 46  GLU A CD  1 
ATOM   298 O OE1 . GLU A 1 47  ? -7.773  -14.722 6.780   1.00 111.85 ? 46  GLU A OE1 1 
ATOM   299 O OE2 . GLU A 1 47  ? -8.026  -12.624 7.373   1.00 111.61 ? 46  GLU A OE2 1 
ATOM   300 N N   . CYS A 1 48  ? -3.881  -13.635 4.145   1.00 38.28  ? 47  CYS A N   1 
ATOM   301 C CA  . CYS A 1 48  ? -2.661  -14.363 3.818   1.00 52.51  ? 47  CYS A CA  1 
ATOM   302 C C   . CYS A 1 48  ? -2.708  -15.773 4.405   1.00 62.80  ? 47  CYS A C   1 
ATOM   303 O O   . CYS A 1 48  ? -2.175  -16.011 5.486   1.00 70.77  ? 47  CYS A O   1 
ATOM   304 C CB  . CYS A 1 48  ? -1.438  -13.617 4.356   1.00 48.47  ? 47  CYS A CB  1 
ATOM   305 S SG  . CYS A 1 48  ? -1.152  -11.995 3.610   1.00 45.41  ? 47  CYS A SG  1 
ATOM   306 N N   . PRO A 1 49  ? -3.358  -16.713 3.700   1.00 66.75  ? 48  PRO A N   1 
ATOM   307 C CA  . PRO A 1 49  ? -3.515  -18.081 4.207   1.00 68.41  ? 48  PRO A CA  1 
ATOM   308 C C   . PRO A 1 49  ? -2.556  -19.089 3.562   1.00 77.11  ? 48  PRO A C   1 
ATOM   309 O O   . PRO A 1 49  ? -2.175  -18.904 2.409   1.00 81.09  ? 48  PRO A O   1 
ATOM   310 C CB  . PRO A 1 49  ? -4.945  -18.413 3.792   1.00 70.18  ? 48  PRO A CB  1 
ATOM   311 C CG  . PRO A 1 49  ? -5.105  -17.695 2.473   1.00 70.88  ? 48  PRO A CG  1 
ATOM   312 C CD  . PRO A 1 49  ? -4.209  -16.471 2.520   1.00 67.16  ? 48  PRO A CD  1 
ATOM   313 N N   . PHE A 1 50  ? -2.167  -20.129 4.299   1.00 87.69  ? 49  PHE A N   1 
ATOM   314 C CA  . PHE A 1 50  ? -1.462  -21.270 3.711   1.00 97.18  ? 49  PHE A CA  1 
ATOM   315 C C   . PHE A 1 50  ? -2.545  -22.196 3.157   1.00 106.37 ? 49  PHE A C   1 
ATOM   316 O O   . PHE A 1 50  ? -3.468  -22.556 3.887   1.00 112.25 ? 49  PHE A O   1 
ATOM   317 C CB  . PHE A 1 50  ? -0.604  -21.995 4.760   1.00 98.52  ? 49  PHE A CB  1 
ATOM   318 C CG  . PHE A 1 50  ? 0.820   -22.271 4.320   1.00 103.32 ? 49  PHE A CG  1 
ATOM   319 C CD1 . PHE A 1 50  ? 1.202   -22.137 2.992   1.00 106.77 ? 49  PHE A CD1 1 
ATOM   320 C CD2 . PHE A 1 50  ? 1.775   -22.671 5.246   1.00 103.73 ? 49  PHE A CD2 1 
ATOM   321 C CE1 . PHE A 1 50  ? 2.502   -22.391 2.585   1.00 105.93 ? 49  PHE A CE1 1 
ATOM   322 C CE2 . PHE A 1 50  ? 3.079   -22.930 4.855   1.00 103.34 ? 49  PHE A CE2 1 
ATOM   323 C CZ  . PHE A 1 50  ? 3.443   -22.787 3.519   1.00 103.15 ? 49  PHE A CZ  1 
ATOM   324 N N   . PRO A 1 51  ? -2.451  -22.591 1.870   1.00 106.68 ? 50  PRO A N   1 
ATOM   325 C CA  . PRO A 1 51  ? -1.370  -22.391 0.893   1.00 108.58 ? 50  PRO A CA  1 
ATOM   326 C C   . PRO A 1 51  ? -1.158  -20.949 0.439   1.00 118.33 ? 50  PRO A C   1 
ATOM   327 O O   . PRO A 1 51  ? -1.935  -20.419 -0.355  1.00 123.71 ? 50  PRO A O   1 
ATOM   328 C CB  . PRO A 1 51  ? -1.809  -23.252 -0.301  1.00 106.71 ? 50  PRO A CB  1 
ATOM   329 C CG  . PRO A 1 51  ? -3.284  -23.319 -0.189  1.00 107.58 ? 50  PRO A CG  1 
ATOM   330 C CD  . PRO A 1 51  ? -3.562  -23.366 1.288   1.00 107.22 ? 50  PRO A CD  1 
ATOM   331 N N   . LEU A 1 52  ? -0.109  -20.327 0.965   1.00 120.90 ? 51  LEU A N   1 
ATOM   332 C CA  . LEU A 1 52  ? 0.368   -19.052 0.463   1.00 124.94 ? 51  LEU A CA  1 
ATOM   333 C C   . LEU A 1 52  ? 0.630   -19.309 -1.005  1.00 129.55 ? 51  LEU A C   1 
ATOM   334 O O   . LEU A 1 52  ? 1.473   -20.139 -1.347  1.00 134.95 ? 51  LEU A O   1 
ATOM   335 C CB  . LEU A 1 52  ? 1.622   -18.569 1.194   1.00 20.00  ? 51  LEU A CB  1 
ATOM   336 C CG  . LEU A 1 52  ? 1.440   -18.165 2.659   1.00 20.00  ? 51  LEU A CG  1 
ATOM   337 C CD1 . LEU A 1 52  ? 2.782   -17.850 3.300   1.00 20.00  ? 51  LEU A CD1 1 
ATOM   338 C CD2 . LEU A 1 52  ? 0.494   -16.979 2.776   1.00 20.00  ? 51  LEU A CD2 1 
ATOM   339 N N   . ALA A 1 53  ? -0.110  -18.618 -1.867  1.00 124.58 ? 52  ALA A N   1 
ATOM   340 C CA  . ALA A 1 53  ? 0.085   -18.741 -3.303  1.00 119.84 ? 52  ALA A CA  1 
ATOM   341 C C   . ALA A 1 53  ? 1.508   -18.299 -3.599  1.00 116.59 ? 52  ALA A C   1 
ATOM   342 O O   . ALA A 1 53  ? 1.995   -17.331 -3.015  1.00 114.48 ? 52  ALA A O   1 
ATOM   343 C CB  . ALA A 1 53  ? -0.910  -17.873 -4.048  1.00 116.60 ? 52  ALA A CB  1 
ATOM   344 N N   . ASP A 1 54  ? 2.179   -19.024 -4.489  1.00 116.14 ? 53  ASP A N   1 
ATOM   345 C CA  . ASP A 1 54  ? 3.565   -18.731 -4.822  1.00 111.29 ? 53  ASP A CA  1 
ATOM   346 C C   . ASP A 1 54  ? 3.697   -17.284 -5.278  1.00 108.69 ? 53  ASP A C   1 
ATOM   347 O O   . ASP A 1 54  ? 4.751   -16.665 -5.131  1.00 105.37 ? 53  ASP A O   1 
ATOM   348 C CB  . ASP A 1 54  ? 4.060   -19.682 -5.913  1.00 112.63 ? 53  ASP A CB  1 
ATOM   349 C CG  . ASP A 1 54  ? 3.472   -21.077 -5.784  1.00 117.24 ? 53  ASP A CG  1 
ATOM   350 O OD1 . ASP A 1 54  ? 2.260   -21.184 -5.508  1.00 114.73 ? 53  ASP A OD1 1 
ATOM   351 O OD2 . ASP A 1 54  ? 4.217   -22.065 -5.957  1.00 124.11 ? 53  ASP A OD2 1 
ATOM   352 N N   . HIS A 1 55  ? 2.611   -16.751 -5.829  1.00 110.15 ? 54  HIS A N   1 
ATOM   353 C CA  . HIS A 1 55  ? 2.565   -15.354 -6.231  1.00 108.70 ? 54  HIS A CA  1 
ATOM   354 C C   . HIS A 1 55  ? 1.923   -14.452 -5.170  1.00 101.96 ? 54  HIS A C   1 
ATOM   355 O O   . HIS A 1 55  ? 1.367   -13.398 -5.490  1.00 103.74 ? 54  HIS A O   1 
ATOM   356 C CB  . HIS A 1 55  ? 1.865   -15.211 -7.585  1.00 117.44 ? 54  HIS A CB  1 
ATOM   357 C CG  . HIS A 1 55  ? 1.963   -13.836 -8.170  1.00 120.85 ? 54  HIS A CG  1 
ATOM   358 N ND1 . HIS A 1 55  ? 0.950   -12.907 -8.051  1.00 120.31 ? 54  HIS A ND1 1 
ATOM   359 C CD2 . HIS A 1 55  ? 2.956   -13.225 -8.854  1.00 122.02 ? 54  HIS A CD2 1 
ATOM   360 C CE1 . HIS A 1 55  ? 1.313   -11.788 -8.650  1.00 120.32 ? 54  HIS A CE1 1 
ATOM   361 N NE2 . HIS A 1 55  ? 2.528   -11.953 -9.144  1.00 122.03 ? 54  HIS A NE2 1 
ATOM   362 N N   . LEU A 1 56  ? 2.055   -14.837 -3.911  1.00 93.71  ? 55  LEU A N   1 
ATOM   363 C CA  . LEU A 1 56  ? 1.591   -14.007 -2.817  1.00 83.87  ? 55  LEU A CA  1 
ATOM   364 C C   . LEU A 1 56  ? 2.731   -13.127 -2.386  1.00 77.54  ? 55  LEU A C   1 
ATOM   365 O O   . LEU A 1 56  ? 2.613   -12.363 -1.458  1.00 73.35  ? 55  LEU A O   1 
ATOM   366 C CB  . LEU A 1 56  ? 0.931   -14.835 -1.726  1.00 20.00  ? 55  LEU A CB  1 
ATOM   367 C CG  . LEU A 1 56  ? -0.590  -14.858 -1.692  1.00 20.00  ? 55  LEU A CG  1 
ATOM   368 C CD1 . LEU A 1 56  ? -1.110  -15.206 -0.315  1.00 20.00  ? 55  LEU A CD1 1 
ATOM   369 C CD2 . LEU A 1 56  ? -1.130  -13.522 -2.117  1.00 20.00  ? 55  LEU A CD2 1 
ATOM   370 N N   . ASN A 1 57  ? 3.871   -13.333 -3.035  1.00 82.82  ? 56  ASN A N   1 
ATOM   371 C CA  . ASN A 1 57  ? 5.077   -12.581 -2.824  1.00 80.35  ? 56  ASN A CA  1 
ATOM   372 C C   . ASN A 1 57  ? 5.566   -12.596 -1.364  1.00 71.18  ? 56  ASN A C   1 
ATOM   373 O O   . ASN A 1 57  ? 6.211   -11.662 -0.886  1.00 71.54  ? 56  ASN A O   1 
ATOM   374 C CB  . ASN A 1 57  ? 5.052   -11.131 -3.358  1.00 88.96  ? 56  ASN A CB  1 
ATOM   375 C CG  . ASN A 1 57  ? 4.356   -11.041 -4.702  1.00 99.71  ? 56  ASN A CG  1 
ATOM   376 O OD1 . ASN A 1 57  ? 3.333   -11.687 -4.927  1.00 106.25 ? 56  ASN A OD1 1 
ATOM   377 N ND2 . ASN A 1 57  ? 4.910   -10.242 -5.605  1.00 101.68 ? 56  ASN A ND2 1 
ATOM   378 N N   . SER A 1 58  ? 5.236   -13.678 -0.670  1.00 55.29  ? 57  SER A N   1 
ATOM   379 C CA  . SER A 1 58  ? 5.478   -13.790 0.747   1.00 52.29  ? 57  SER A CA  1 
ATOM   380 C C   . SER A 1 58  ? 6.979   -13.836 1.102   1.00 58.10  ? 57  SER A C   1 
ATOM   381 O O   . SER A 1 58  ? 7.748   -14.549 0.458   1.00 65.01  ? 57  SER A O   1 
ATOM   382 C CB  . SER A 1 58  ? 4.792   -14.999 1.321   1.00 49.14  ? 57  SER A CB  1 
ATOM   383 O OG  . SER A 1 58  ? 3.453   -15.068 0.866   1.00 55.86  ? 57  SER A OG  1 
ATOM   384 N N   . THR A 1 59  ? 7.372   -13.082 2.122   1.00 49.97  ? 58  THR A N   1 
ATOM   385 C CA  . THR A 1 59  ? 8.713   -13.195 2.667   1.00 48.68  ? 58  THR A CA  1 
ATOM   386 C C   . THR A 1 59  ? 8.801   -14.514 3.419   1.00 43.17  ? 58  THR A C   1 
ATOM   387 O O   . THR A 1 59  ? 7.777   -15.118 3.737   1.00 37.32  ? 58  THR A O   1 
ATOM   388 C CB  . THR A 1 59  ? 9.036   -12.039 3.626   1.00 46.51  ? 58  THR A CB  1 
ATOM   389 O OG1 . THR A 1 59  ? 8.100   -12.036 4.710   1.00 46.82  ? 58  THR A OG1 1 
ATOM   390 C CG2 . THR A 1 59  ? 8.962   -10.708 2.897   1.00 45.34  ? 58  THR A CG2 1 
ATOM   391 N N   . ASN A 1 60  ? 10.019  -14.966 3.695   1.00 41.35  ? 59  ASN A N   1 
ATOM   392 C CA  . ASN A 1 60  ? 10.207  -16.198 4.451   1.00 38.00  ? 59  ASN A CA  1 
ATOM   393 C C   . ASN A 1 60  ? 9.593   -16.108 5.846   1.00 29.27  ? 59  ASN A C   1 
ATOM   394 O O   . ASN A 1 60  ? 9.046   -17.086 6.356   1.00 33.35  ? 59  ASN A O   1 
ATOM   395 C CB  . ASN A 1 60  ? 11.691  -16.563 4.543   1.00 37.87  ? 59  ASN A CB  1 
ATOM   396 C CG  . ASN A 1 60  ? 12.236  -17.129 3.247   1.00 36.27  ? 59  ASN A CG  1 
ATOM   397 O OD1 . ASN A 1 60  ? 11.532  -17.819 2.510   1.00 40.53  ? 59  ASN A OD1 1 
ATOM   398 N ND2 . ASN A 1 60  ? 13.500  -16.840 2.964   1.00 40.91  ? 59  ASN A ND2 1 
ATOM   399 N N   . HIS A 1 61  ? 9.673   -14.931 6.456   1.00 41.22  ? 60  HIS A N   1 
ATOM   400 C CA  . HIS A 1 61  ? 9.105   -14.726 7.783   1.00 36.80  ? 60  HIS A CA  1 
ATOM   401 C C   . HIS A 1 61  ? 7.581   -14.767 7.752   1.00 38.01  ? 60  HIS A C   1 
ATOM   402 O O   . HIS A 1 61  ? 6.945   -15.192 8.715   1.00 34.48  ? 60  HIS A O   1 
ATOM   403 C CB  . HIS A 1 61  ? 9.577   -13.404 8.385   1.00 31.39  ? 60  HIS A CB  1 
ATOM   404 C CG  . HIS A 1 61  ? 9.075   -13.167 9.776   1.00 37.75  ? 60  HIS A CG  1 
ATOM   405 N ND1 . HIS A 1 61  ? 7.842   -12.616 10.039  1.00 37.22  ? 60  HIS A ND1 1 
ATOM   406 C CD2 . HIS A 1 61  ? 9.640   -13.420 10.981  1.00 41.10  ? 60  HIS A CD2 1 
ATOM   407 C CE1 . HIS A 1 61  ? 7.667   -12.534 11.344  1.00 42.98  ? 60  HIS A CE1 1 
ATOM   408 N NE2 . HIS A 1 61  ? 8.744   -13.014 11.941  1.00 47.39  ? 60  HIS A NE2 1 
ATOM   409 N N   . ALA A 1 62  ? 7.003   -14.315 6.644   1.00 29.97  ? 61  ALA A N   1 
ATOM   410 C CA  . ALA A 1 62  ? 5.558   -14.360 6.465   1.00 37.37  ? 61  ALA A CA  1 
ATOM   411 C C   . ALA A 1 62  ? 5.069   -15.802 6.455   1.00 33.65  ? 61  ALA A C   1 
ATOM   412 O O   . ALA A 1 62  ? 4.005   -16.110 6.988   1.00 37.49  ? 61  ALA A O   1 
ATOM   413 C CB  . ALA A 1 62  ? 5.163   -13.659 5.183   1.00 34.35  ? 61  ALA A CB  1 
ATOM   414 N N   . ILE A 1 63  ? 5.856   -16.678 5.842   1.00 43.60  ? 62  ILE A N   1 
ATOM   415 C CA  . ILE A 1 63  ? 5.523   -18.094 5.777   1.00 37.47  ? 62  ILE A CA  1 
ATOM   416 C C   . ILE A 1 63  ? 5.589   -18.723 7.162   1.00 29.75  ? 62  ILE A C   1 
ATOM   417 O O   . ILE A 1 63  ? 4.730   -19.520 7.532   1.00 33.05  ? 62  ILE A O   1 
ATOM   418 C CB  . ILE A 1 63  ? 6.469   -18.850 4.828   1.00 40.23  ? 62  ILE A CB  1 
ATOM   419 C CG1 . ILE A 1 63  ? 6.448   -18.205 3.442   1.00 38.65  ? 62  ILE A CG1 1 
ATOM   420 C CG2 . ILE A 1 63  ? 6.084   -20.319 4.746   1.00 45.59  ? 62  ILE A CG2 1 
ATOM   421 C CD1 . ILE A 1 63  ? 7.258   -18.950 2.409   1.00 53.69  ? 62  ILE A CD1 1 
ATOM   422 N N   . VAL A 1 64  ? 6.612   -18.353 7.924   1.00 46.64  ? 63  VAL A N   1 
ATOM   423 C CA  . VAL A 1 64  ? 6.781   -18.862 9.279   1.00 47.50  ? 63  VAL A CA  1 
ATOM   424 C C   . VAL A 1 64  ? 5.650   -18.389 10.186  1.00 40.24  ? 63  VAL A C   1 
ATOM   425 O O   . VAL A 1 64  ? 5.063   -19.178 10.925  1.00 33.94  ? 63  VAL A O   1 
ATOM   426 C CB  . VAL A 1 64  ? 8.132   -18.421 9.879   1.00 45.64  ? 63  VAL A CB  1 
ATOM   427 C CG1 . VAL A 1 64  ? 8.205   -18.780 11.354  1.00 41.50  ? 63  VAL A CG1 1 
ATOM   428 C CG2 . VAL A 1 64  ? 9.282   -19.051 9.115   1.00 28.46  ? 63  VAL A CG2 1 
ATOM   429 N N   . GLN A 1 65  ? 5.346   -17.097 10.114  1.00 38.12  ? 64  GLN A N   1 
ATOM   430 C CA  . GLN A 1 65  ? 4.332   -16.493 10.970  1.00 30.39  ? 64  GLN A CA  1 
ATOM   431 C C   . GLN A 1 65  ? 2.937   -17.033 10.667  1.00 36.52  ? 64  GLN A C   1 
ATOM   432 O O   . GLN A 1 65  ? 2.121   -17.215 11.572  1.00 32.03  ? 64  GLN A O   1 
ATOM   433 C CB  . GLN A 1 65  ? 4.357   -14.971 10.820  1.00 32.18  ? 64  GLN A CB  1 
ATOM   434 C CG  . GLN A 1 65  ? 3.388   -14.237 11.728  1.00 36.92  ? 64  GLN A CG  1 
ATOM   435 C CD  . GLN A 1 65  ? 3.531   -12.733 11.626  1.00 33.56  ? 64  GLN A CD  1 
ATOM   436 O OE1 . GLN A 1 65  ? 4.641   -12.204 11.624  1.00 43.64  ? 64  GLN A OE1 1 
ATOM   437 N NE2 . GLN A 1 65  ? 2.405   -12.036 11.533  1.00 36.18  ? 64  GLN A NE2 1 
ATOM   438 N N   . THR A 1 66  ? 2.670   -17.288 9.392   1.00 35.80  ? 65  THR A N   1 
ATOM   439 C CA  . THR A 1 66  ? 1.391   -17.856 8.985   1.00 40.46  ? 65  THR A CA  1 
ATOM   440 C C   . THR A 1 66  ? 1.219   -19.243 9.591   1.00 42.86  ? 65  THR A C   1 
ATOM   441 O O   . THR A 1 66  ? 0.146   -19.585 10.088  1.00 50.77  ? 65  THR A O   1 
ATOM   442 C CB  . THR A 1 66  ? 1.266   -17.947 7.455   1.00 40.38  ? 65  THR A CB  1 
ATOM   443 O OG1 . THR A 1 66  ? 1.389   -16.639 6.884   1.00 53.06  ? 65  THR A OG1 1 
ATOM   444 C CG2 . THR A 1 66  ? -0.080  -18.538 7.070   1.00 53.88  ? 65  THR A CG2 1 
ATOM   445 N N   . LEU A 1 67  ? 2.286   -20.035 9.555   1.00 45.75  ? 66  LEU A N   1 
ATOM   446 C CA  . LEU A 1 67  ? 2.272   -21.368 10.146  1.00 50.15  ? 66  LEU A CA  1 
ATOM   447 C C   . LEU A 1 67  ? 2.018   -21.297 11.645  1.00 38.41  ? 66  LEU A C   1 
ATOM   448 O O   . LEU A 1 67  ? 1.223   -22.063 12.189  1.00 40.99  ? 66  LEU A O   1 
ATOM   449 C CB  . LEU A 1 67  ? 3.595   -22.086 9.881   1.00 35.59  ? 66  LEU A CB  1 
ATOM   450 C CG  . LEU A 1 67  ? 3.800   -22.701 8.499   1.00 37.36  ? 66  LEU A CG  1 
ATOM   451 C CD1 . LEU A 1 67  ? 5.231   -23.174 8.350   1.00 42.06  ? 66  LEU A CD1 1 
ATOM   452 C CD2 . LEU A 1 67  ? 2.848   -23.858 8.306   1.00 52.04  ? 66  LEU A CD2 1 
ATOM   453 N N   . VAL A 1 68  ? 2.702   -20.369 12.307  1.00 32.48  ? 67  VAL A N   1 
ATOM   454 C CA  . VAL A 1 68  ? 2.564   -20.176 13.746  1.00 40.14  ? 67  VAL A CA  1 
ATOM   455 C C   . VAL A 1 68  ? 1.141   -19.774 14.136  1.00 43.14  ? 67  VAL A C   1 
ATOM   456 O O   . VAL A 1 68  ? 0.592   -20.282 15.114  1.00 43.78  ? 67  VAL A O   1 
ATOM   457 C CB  . VAL A 1 68  ? 3.564   -19.125 14.263  1.00 43.71  ? 67  VAL A CB  1 
ATOM   458 C CG1 . VAL A 1 68  ? 3.224   -18.704 15.683  1.00 38.54  ? 67  VAL A CG1 1 
ATOM   459 C CG2 . VAL A 1 68  ? 4.980   -19.669 14.189  1.00 36.04  ? 67  VAL A CG2 1 
ATOM   460 N N   . ASN A 1 69  ? 0.549   -18.869 13.363  1.00 48.55  ? 68  ASN A N   1 
ATOM   461 C CA  . ASN A 1 69  ? -0.818  -18.421 13.613  1.00 41.23  ? 68  ASN A CA  1 
ATOM   462 C C   . ASN A 1 69  ? -1.809  -19.576 13.635  1.00 35.10  ? 68  ASN A C   1 
ATOM   463 O O   . ASN A 1 69  ? -2.758  -19.584 14.420  1.00 50.87  ? 68  ASN A O   1 
ATOM   464 C CB  . ASN A 1 69  ? -1.253  -17.401 12.560  1.00 30.68  ? 68  ASN A CB  1 
ATOM   465 C CG  . ASN A 1 69  ? -2.753  -17.167 12.566  1.00 39.41  ? 68  ASN A CG  1 
ATOM   466 O OD1 . ASN A 1 69  ? -3.500  -17.836 11.849  1.00 39.64  ? 68  ASN A OD1 1 
ATOM   467 N ND2 . ASN A 1 69  ? -3.203  -16.220 13.380  1.00 39.46  ? 68  ASN A ND2 1 
ATOM   468 N N   . SER A 1 70  ? -1.576  -20.548 12.762  1.00 40.21  ? 69  SER A N   1 
ATOM   469 C CA  . SER A 1 70  ? -2.452  -21.703 12.628  1.00 36.98  ? 69  SER A CA  1 
ATOM   470 C C   . SER A 1 70  ? -2.494  -22.535 13.905  1.00 53.37  ? 69  SER A C   1 
ATOM   471 O O   . SER A 1 70  ? -3.532  -23.098 14.253  1.00 68.92  ? 69  SER A O   1 
ATOM   472 C CB  . SER A 1 70  ? -1.993  -22.567 11.456  1.00 64.50  ? 69  SER A CB  1 
ATOM   473 O OG  . SER A 1 70  ? -0.693  -23.084 11.675  1.00 62.15  ? 69  SER A OG  1 
ATOM   474 N N   . VAL A 1 71  ? -1.365  -22.608 14.600  1.00 60.46  ? 70  VAL A N   1 
ATOM   475 C CA  . VAL A 1 71  ? -1.280  -23.377 15.835  1.00 64.72  ? 70  VAL A CA  1 
ATOM   476 C C   . VAL A 1 71  ? -1.321  -22.463 17.053  1.00 61.71  ? 70  VAL A C   1 
ATOM   477 O O   . VAL A 1 71  ? -1.369  -22.929 18.191  1.00 56.16  ? 70  VAL A O   1 
ATOM   478 C CB  . VAL A 1 71  ? 0.002   -24.226 15.884  1.00 59.42  ? 70  VAL A CB  1 
ATOM   479 C CG1 . VAL A 1 71  ? 0.049   -25.174 14.701  1.00 65.10  ? 70  VAL A CG1 1 
ATOM   480 C CG2 . VAL A 1 71  ? 1.229   -23.333 15.901  1.00 58.55  ? 70  VAL A CG2 1 
ATOM   481 N N   . ASN A 1 72  ? -1.304  -21.159 16.803  1.00 54.42  ? 71  ASN A N   1 
ATOM   482 C CA  . ASN A 1 72  ? -1.338  -20.173 17.874  1.00 55.79  ? 71  ASN A CA  1 
ATOM   483 C C   . ASN A 1 72  ? -1.898  -18.849 17.371  1.00 49.90  ? 71  ASN A C   1 
ATOM   484 O O   . ASN A 1 72  ? -1.164  -18.013 16.847  1.00 45.09  ? 71  ASN A O   1 
ATOM   485 C CB  . ASN A 1 72  ? 0.061   -19.977 18.459  1.00 59.66  ? 71  ASN A CB  1 
ATOM   486 C CG  . ASN A 1 72  ? 0.068   -19.065 19.669  1.00 71.87  ? 71  ASN A CG  1 
ATOM   487 O OD1 . ASN A 1 72  ? -0.983  -18.668 20.173  1.00 69.86  ? 71  ASN A OD1 1 
ATOM   488 N ND2 . ASN A 1 72  ? 1.260   -18.736 20.152  1.00 80.44  ? 71  ASN A ND2 1 
ATOM   489 N N   . SER A 1 73  ? -3.203  -18.661 17.540  1.00 44.36  ? 72  SER A N   1 
ATOM   490 C CA  . SER A 1 73  ? -3.881  -17.496 16.982  1.00 56.51  ? 72  SER A CA  1 
ATOM   491 C C   . SER A 1 73  ? -3.644  -16.211 17.774  1.00 54.18  ? 72  SER A C   1 
ATOM   492 O O   . SER A 1 73  ? -4.223  -15.172 17.460  1.00 50.65  ? 72  SER A O   1 
ATOM   493 C CB  . SER A 1 73  ? -5.380  -17.760 16.828  1.00 55.11  ? 72  SER A CB  1 
ATOM   494 O OG  . SER A 1 73  ? -6.011  -17.896 18.085  1.00 60.27  ? 72  SER A OG  1 
ATOM   495 N N   . LYS A 1 74  ? -2.802  -16.281 18.800  1.00 62.52  ? 73  LYS A N   1 
ATOM   496 C CA  . LYS A 1 74  ? -2.359  -15.073 19.485  1.00 61.45  ? 73  LYS A CA  1 
ATOM   497 C C   . LYS A 1 74  ? -1.446  -14.307 18.541  1.00 57.54  ? 73  LYS A C   1 
ATOM   498 O O   . LYS A 1 74  ? -1.413  -13.075 18.542  1.00 50.01  ? 73  LYS A O   1 
ATOM   499 C CB  . LYS A 1 74  ? -1.620  -15.413 20.779  1.00 68.91  ? 73  LYS A CB  1 
ATOM   500 C CG  . LYS A 1 74  ? -2.445  -15.191 22.036  1.00 76.88  ? 73  LYS A CG  1 
ATOM   501 C CD  . LYS A 1 74  ? -2.780  -16.498 22.736  1.00 76.14  ? 73  LYS A CD  1 
ATOM   502 C CE  . LYS A 1 74  ? -3.722  -16.256 23.906  1.00 76.09  ? 73  LYS A CE  1 
ATOM   503 N NZ  . LYS A 1 74  ? -4.093  -17.515 24.606  1.00 77.24  ? 73  LYS A NZ  1 
ATOM   504 N N   . ILE A 1 75  ? -0.707  -15.058 17.732  1.00 51.89  ? 74  ILE A N   1 
ATOM   505 C CA  . ILE A 1 75  ? 0.139   -14.485 16.699  1.00 50.20  ? 74  ILE A CA  1 
ATOM   506 C C   . ILE A 1 75  ? -0.685  -14.317 15.431  1.00 49.39  ? 74  ILE A C   1 
ATOM   507 O O   . ILE A 1 75  ? -1.290  -15.274 14.952  1.00 52.49  ? 74  ILE A O   1 
ATOM   508 C CB  . ILE A 1 75  ? 1.344   -15.392 16.406  1.00 52.43  ? 74  ILE A CB  1 
ATOM   509 C CG1 . ILE A 1 75  ? 2.031   -15.803 17.709  1.00 53.40  ? 74  ILE A CG1 1 
ATOM   510 C CG2 . ILE A 1 75  ? 2.320   -14.701 15.470  1.00 61.10  ? 74  ILE A CG2 1 
ATOM   511 C CD1 . ILE A 1 75  ? 2.482   -14.632 18.556  1.00 44.38  ? 74  ILE A CD1 1 
ATOM   512 N N   . PRO A 1 76  ? -0.718  -13.094 14.886  1.00 42.43  ? 75  PRO A N   1 
ATOM   513 C CA  . PRO A 1 76  ? -1.549  -12.799 13.716  1.00 39.47  ? 75  PRO A CA  1 
ATOM   514 C C   . PRO A 1 76  ? -0.996  -13.420 12.443  1.00 46.00  ? 75  PRO A C   1 
ATOM   515 O O   . PRO A 1 76  ? 0.181   -13.777 12.383  1.00 40.49  ? 75  PRO A O   1 
ATOM   516 C CB  . PRO A 1 76  ? -1.472  -11.276 13.617  1.00 49.16  ? 75  PRO A CB  1 
ATOM   517 C CG  . PRO A 1 76  ? -0.153  -10.939 14.210  1.00 44.53  ? 75  PRO A CG  1 
ATOM   518 C CD  . PRO A 1 76  ? 0.031   -11.910 15.340  1.00 43.81  ? 75  PRO A CD  1 
ATOM   519 N N   . LYS A 1 77  ? -1.852  -13.548 11.435  1.00 43.52  ? 76  LYS A N   1 
ATOM   520 C CA  . LYS A 1 77  ? -1.416  -13.972 10.116  1.00 34.43  ? 76  LYS A CA  1 
ATOM   521 C C   . LYS A 1 77  ? -0.606  -12.852 9.486   1.00 40.93  ? 76  LYS A C   1 
ATOM   522 O O   . LYS A 1 77  ? -0.626  -11.717 9.966   1.00 33.88  ? 76  LYS A O   1 
ATOM   523 C CB  . LYS A 1 77  ? -2.622  -14.291 9.229   1.00 45.96  ? 76  LYS A CB  1 
ATOM   524 C CG  . LYS A 1 77  ? -3.419  -15.509 9.666   1.00 60.94  ? 76  LYS A CG  1 
ATOM   525 C CD  . LYS A 1 77  ? -4.593  -15.770 8.733   1.00 67.07  ? 76  LYS A CD  1 
ATOM   526 C CE  . LYS A 1 77  ? -5.280  -17.089 9.056   1.00 73.06  ? 76  LYS A CE  1 
ATOM   527 N NZ  . LYS A 1 77  ? -5.804  -17.136 10.449  1.00 70.15  ? 76  LYS A NZ  1 
ATOM   528 N N   . ALA A 1 78  ? 0.110   -13.172 8.414   1.00 39.68  ? 77  ALA A N   1 
ATOM   529 C CA  . ALA A 1 78  ? 0.822   -12.159 7.651   1.00 51.13  ? 77  ALA A CA  1 
ATOM   530 C C   . ALA A 1 78  ? -0.190  -11.186 7.062   1.00 45.86  ? 77  ALA A C   1 
ATOM   531 O O   . ALA A 1 78  ? -1.353  -11.535 6.862   1.00 37.13  ? 77  ALA A O   1 
ATOM   532 C CB  . ALA A 1 78  ? 1.646   -12.803 6.554   1.00 54.50  ? 77  ALA A CB  1 
ATOM   533 N N   . CYS A 1 79  ? 0.249   -9.964  6.788   1.00 39.93  ? 78  CYS A N   1 
ATOM   534 C CA  . CYS A 1 79  ? -0.667  -8.939  6.307   1.00 41.01  ? 78  CYS A CA  1 
ATOM   535 C C   . CYS A 1 79  ? -0.399  -8.569  4.853   1.00 28.85  ? 78  CYS A C   1 
ATOM   536 O O   . CYS A 1 79  ? 0.751   -8.467  4.428   1.00 37.76  ? 78  CYS A O   1 
ATOM   537 C CB  . CYS A 1 79  ? -0.598  -7.697  7.196   1.00 37.78  ? 78  CYS A CB  1 
ATOM   538 S SG  . CYS A 1 79  ? -1.983  -6.558  6.992   1.00 59.37  ? 78  CYS A SG  1 
ATOM   539 N N   . CYS A 1 80  ? -1.473  -8.373  4.098   1.00 35.74  ? 79  CYS A N   1 
ATOM   540 C CA  . CYS A 1 80  ? -1.378  -7.992  2.696   1.00 40.68  ? 79  CYS A CA  1 
ATOM   541 C C   . CYS A 1 80  ? -0.971  -6.525  2.567   1.00 37.03  ? 79  CYS A C   1 
ATOM   542 O O   . CYS A 1 80  ? -1.789  -5.626  2.754   1.00 34.94  ? 79  CYS A O   1 
ATOM   543 C CB  . CYS A 1 80  ? -2.716  -8.234  1.996   1.00 37.76  ? 79  CYS A CB  1 
ATOM   544 S SG  . CYS A 1 80  ? -2.690  -8.010  0.208   1.00 42.89  ? 79  CYS A SG  1 
ATOM   545 N N   . VAL A 1 81  ? 0.299   -6.293  2.250   1.00 37.35  ? 80  VAL A N   1 
ATOM   546 C CA  . VAL A 1 81  ? 0.844   -4.941  2.163   1.00 35.57  ? 80  VAL A CA  1 
ATOM   547 C C   . VAL A 1 81  ? 1.647   -4.753  0.880   1.00 37.05  ? 80  VAL A C   1 
ATOM   548 O O   . VAL A 1 81  ? 2.057   -5.731  0.257   1.00 37.15  ? 80  VAL A O   1 
ATOM   549 C CB  . VAL A 1 81  ? 1.749   -4.631  3.372   1.00 36.79  ? 80  VAL A CB  1 
ATOM   550 C CG1 . VAL A 1 81  ? 0.936   -4.597  4.650   1.00 33.23  ? 80  VAL A CG1 1 
ATOM   551 C CG2 . VAL A 1 81  ? 2.875   -5.648  3.464   1.00 29.05  ? 80  VAL A CG2 1 
ATOM   552 N N   . PRO A 1 82  ? 1.865   -3.490  0.472   1.00 33.12  ? 81  PRO A N   1 
ATOM   553 C CA  . PRO A 1 82  ? 2.702   -3.210  -0.697  1.00 31.01  ? 81  PRO A CA  1 
ATOM   554 C C   . PRO A 1 82  ? 4.120   -3.752  -0.545  1.00 30.25  ? 81  PRO A C   1 
ATOM   555 O O   . PRO A 1 82  ? 4.755   -3.544  0.489   1.00 32.48  ? 81  PRO A O   1 
ATOM   556 C CB  . PRO A 1 82  ? 2.734   -1.681  -0.739  1.00 30.08  ? 81  PRO A CB  1 
ATOM   557 C CG  . PRO A 1 82  ? 1.469   -1.270  -0.102  1.00 33.13  ? 81  PRO A CG  1 
ATOM   558 C CD  . PRO A 1 82  ? 1.208   -2.270  0.977   1.00 35.94  ? 81  PRO A CD  1 
ATOM   559 N N   . THR A 1 83  ? 4.600   -4.447  -1.571  1.00 36.35  ? 82  THR A N   1 
ATOM   560 C CA  . THR A 1 83  ? 5.960   -4.973  -1.579  1.00 41.97  ? 82  THR A CA  1 
ATOM   561 C C   . THR A 1 83  ? 6.821   -4.213  -2.582  1.00 43.47  ? 82  THR A C   1 
ATOM   562 O O   . THR A 1 83  ? 8.039   -4.386  -2.632  1.00 48.84  ? 82  THR A O   1 
ATOM   563 C CB  . THR A 1 83  ? 5.984   -6.473  -1.913  1.00 41.62  ? 82  THR A CB  1 
ATOM   564 O OG1 . THR A 1 83  ? 5.340   -6.693  -3.173  1.00 37.77  ? 82  THR A OG1 1 
ATOM   565 C CG2 . THR A 1 83  ? 5.263   -7.263  -0.836  1.00 41.76  ? 82  THR A CG2 1 
ATOM   566 N N   . LYS A 1 84  ? 6.174   -3.376  -3.386  1.00 39.03  ? 83  LYS A N   1 
ATOM   567 C CA  . LYS A 1 84  ? 6.876   -2.510  -4.323  1.00 42.17  ? 83  LYS A CA  1 
ATOM   568 C C   . LYS A 1 84  ? 6.027   -1.287  -4.650  1.00 47.10  ? 83  LYS A C   1 
ATOM   569 O O   . LYS A 1 84  ? 4.855   -1.412  -5.002  1.00 36.99  ? 83  LYS A O   1 
ATOM   570 C CB  . LYS A 1 84  ? 7.226   -3.260  -5.609  1.00 53.84  ? 83  LYS A CB  1 
ATOM   571 C CG  . LYS A 1 84  ? 8.176   -2.492  -6.512  1.00 68.59  ? 83  LYS A CG  1 
ATOM   572 C CD  . LYS A 1 84  ? 8.306   -3.133  -7.880  1.00 88.75  ? 83  LYS A CD  1 
ATOM   573 C CE  . LYS A 1 84  ? 9.300   -2.367  -8.740  1.00 104.21 ? 83  LYS A CE  1 
ATOM   574 N NZ  . LYS A 1 84  ? 9.243   -2.779  -10.169 1.00 114.80 ? 83  LYS A NZ  1 
ATOM   575 N N   . LEU A 1 85  ? 6.625   -0.106  -4.532  1.00 44.20  ? 84  LEU A N   1 
ATOM   576 C CA  . LEU A 1 85  ? 5.896   1.135   -4.765  1.00 43.28  ? 84  LEU A CA  1 
ATOM   577 C C   . LEU A 1 85  ? 6.539   2.014   -5.836  1.00 42.98  ? 84  LEU A C   1 
ATOM   578 O O   . LEU A 1 85  ? 7.687   1.803   -6.224  1.00 40.36  ? 84  LEU A O   1 
ATOM   579 C CB  . LEU A 1 85  ? 5.731   1.918   -3.462  1.00 40.34  ? 84  LEU A CB  1 
ATOM   580 C CG  . LEU A 1 85  ? 5.039   1.176   -2.318  1.00 43.01  ? 84  LEU A CG  1 
ATOM   581 C CD1 . LEU A 1 85  ? 6.063   0.624   -1.340  1.00 42.42  ? 84  LEU A CD1 1 
ATOM   582 C CD2 . LEU A 1 85  ? 4.051   2.085   -1.610  1.00 36.15  ? 84  LEU A CD2 1 
ATOM   583 N N   . ARG A 1 86  ? 5.782   3.002   -6.304  1.00 37.45  ? 85  ARG A N   1 
ATOM   584 C CA  . ARG A 1 86  ? 6.226   3.899   -7.364  1.00 50.98  ? 85  ARG A CA  1 
ATOM   585 C C   . ARG A 1 86  ? 6.022   5.352   -6.945  1.00 41.96  ? 85  ARG A C   1 
ATOM   586 O O   . ARG A 1 86  ? 5.056   5.670   -6.251  1.00 37.80  ? 85  ARG A O   1 
ATOM   587 C CB  . ARG A 1 86  ? 5.457   3.600   -8.658  1.00 59.38  ? 85  ARG A CB  1 
ATOM   588 C CG  . ARG A 1 86  ? 5.741   4.557   -9.806  1.00 71.91  ? 85  ARG A CG  1 
ATOM   589 C CD  . ARG A 1 86  ? 5.162   4.072   -11.127 1.00 75.48  ? 85  ARG A CD  1 
ATOM   590 N NE  . ARG A 1 86  ? 3.716   4.259   -11.223 1.00 76.15  ? 85  ARG A NE  1 
ATOM   591 C CZ  . ARG A 1 86  ? 2.832   3.267   -11.214 1.00 73.92  ? 85  ARG A CZ  1 
ATOM   592 N NH1 . ARG A 1 86  ? 3.242   2.011   -11.113 1.00 63.81  ? 85  ARG A NH1 1 
ATOM   593 N NH2 . ARG A 1 86  ? 1.536   3.531   -11.312 1.00 76.98  ? 85  ARG A NH2 1 
ATOM   594 N N   . PRO A 1 87  ? 6.948   6.239   -7.341  1.00 41.58  ? 86  PRO A N   1 
ATOM   595 C CA  . PRO A 1 87  ? 6.774   7.667   -7.055  1.00 48.16  ? 86  PRO A CA  1 
ATOM   596 C C   . PRO A 1 87  ? 5.694   8.299   -7.924  1.00 47.31  ? 86  PRO A C   1 
ATOM   597 O O   . PRO A 1 87  ? 5.319   7.733   -8.952  1.00 40.07  ? 86  PRO A O   1 
ATOM   598 C CB  . PRO A 1 87  ? 8.137   8.267   -7.426  1.00 45.64  ? 86  PRO A CB  1 
ATOM   599 C CG  . PRO A 1 87  ? 9.079   7.124   -7.457  1.00 48.90  ? 86  PRO A CG  1 
ATOM   600 C CD  . PRO A 1 87  ? 8.278   5.949   -7.897  1.00 50.55  ? 86  PRO A CD  1 
ATOM   601 N N   . MET A 1 88  ? 5.202   9.462   -7.510  1.00 47.89  ? 87  MET A N   1 
ATOM   602 C CA  . MET A 1 88  ? 4.295   10.244  -8.339  1.00 42.99  ? 87  MET A CA  1 
ATOM   603 C C   . MET A 1 88  ? 4.695   11.720  -8.316  1.00 50.54  ? 87  MET A C   1 
ATOM   604 O O   . MET A 1 88  ? 5.058   12.264  -7.273  1.00 48.95  ? 87  MET A O   1 
ATOM   605 C CB  . MET A 1 88  ? 2.837   10.052  -7.906  1.00 36.70  ? 87  MET A CB  1 
ATOM   606 C CG  . MET A 1 88  ? 2.499   10.544  -6.507  1.00 50.19  ? 87  MET A CG  1 
ATOM   607 S SD  . MET A 1 88  ? 1.818   12.211  -6.503  1.00 69.78  ? 87  MET A SD  1 
ATOM   608 C CE  . MET A 1 88  ? 0.650   12.084  -7.855  1.00 50.10  ? 87  MET A CE  1 
ATOM   609 N N   . SER A 1 89  ? 4.643   12.357  -9.480  1.00 49.97  ? 88  SER A N   1 
ATOM   610 C CA  . SER A 1 89  ? 5.061   13.747  -9.615  1.00 48.27  ? 88  SER A CA  1 
ATOM   611 C C   . SER A 1 89  ? 4.020   14.687  -9.014  1.00 39.38  ? 88  SER A C   1 
ATOM   612 O O   . SER A 1 89  ? 2.820   14.537  -9.262  1.00 38.78  ? 88  SER A O   1 
ATOM   613 C CB  . SER A 1 89  ? 5.295   14.090  -11.084 1.00 54.93  ? 88  SER A CB  1 
ATOM   614 O OG  . SER A 1 89  ? 6.240   13.216  -11.654 1.00 65.97  ? 88  SER A OG  1 
ATOM   615 N N   . MET A 1 90  ? 4.482   15.658  -8.229  1.00 39.69  ? 89  MET A N   1 
ATOM   616 C CA  . MET A 1 90  ? 3.573   16.537  -7.508  1.00 47.29  ? 89  MET A CA  1 
ATOM   617 C C   . MET A 1 90  ? 4.020   17.995  -7.510  1.00 38.30  ? 89  MET A C   1 
ATOM   618 O O   . MET A 1 90  ? 5.190   18.299  -7.280  1.00 33.06  ? 89  MET A O   1 
ATOM   619 C CB  . MET A 1 90  ? 3.423   16.056  -6.063  1.00 55.53  ? 89  MET A CB  1 
ATOM   620 C CG  . MET A 1 90  ? 1.996   15.740  -5.655  1.00 65.41  ? 89  MET A CG  1 
ATOM   621 S SD  . MET A 1 90  ? 1.898   15.107  -3.971  1.00 96.11  ? 89  MET A SD  1 
ATOM   622 C CE  . MET A 1 90  ? 2.732   16.416  -3.081  1.00 42.74  ? 89  MET A CE  1 
ATOM   623 N N   . LEU A 1 91  ? 3.072   18.894  -7.756  1.00 31.22  ? 90  LEU A N   1 
ATOM   624 C CA  . LEU A 1 91  ? 3.298   20.323  -7.579  1.00 34.87  ? 90  LEU A CA  1 
ATOM   625 C C   . LEU A 1 91  ? 2.660   20.764  -6.270  1.00 35.36  ? 90  LEU A C   1 
ATOM   626 O O   . LEU A 1 91  ? 1.466   20.555  -6.059  1.00 41.70  ? 90  LEU A O   1 
ATOM   627 C CB  . LEU A 1 91  ? 2.706   21.118  -8.743  1.00 37.71  ? 90  LEU A CB  1 
ATOM   628 C CG  . LEU A 1 91  ? 3.721   21.763  -9.687  1.00 46.66  ? 90  LEU A CG  1 
ATOM   629 C CD1 . LEU A 1 91  ? 4.425   20.706  -10.519 1.00 52.12  ? 90  LEU A CD1 1 
ATOM   630 C CD2 . LEU A 1 91  ? 3.054   22.799  -10.574 1.00 44.36  ? 90  LEU A CD2 1 
ATOM   631 N N   . TYR A 1 92  ? 3.454   21.369  -5.391  1.00 33.95  ? 91  TYR A N   1 
ATOM   632 C CA  . TYR A 1 92  ? 2.964   21.740  -4.069  1.00 39.32  ? 91  TYR A CA  1 
ATOM   633 C C   . TYR A 1 92  ? 3.668   22.956  -3.465  1.00 42.32  ? 91  TYR A C   1 
ATOM   634 O O   . TYR A 1 92  ? 4.782   23.313  -3.854  1.00 43.52  ? 91  TYR A O   1 
ATOM   635 C CB  . TYR A 1 92  ? 3.047   20.546  -3.114  1.00 47.14  ? 91  TYR A CB  1 
ATOM   636 C CG  . TYR A 1 92  ? 4.446   20.031  -2.879  1.00 48.77  ? 91  TYR A CG  1 
ATOM   637 C CD1 . TYR A 1 92  ? 5.017   19.105  -3.739  1.00 54.62  ? 91  TYR A CD1 1 
ATOM   638 C CD2 . TYR A 1 92  ? 5.190   20.464  -1.790  1.00 50.26  ? 91  TYR A CD2 1 
ATOM   639 C CE1 . TYR A 1 92  ? 6.293   18.629  -3.525  1.00 60.09  ? 91  TYR A CE1 1 
ATOM   640 C CE2 . TYR A 1 92  ? 6.468   19.993  -1.568  1.00 56.87  ? 91  TYR A CE2 1 
ATOM   641 C CZ  . TYR A 1 92  ? 7.016   19.075  -2.438  1.00 61.63  ? 91  TYR A CZ  1 
ATOM   642 O OH  . TYR A 1 92  ? 8.292   18.605  -2.218  1.00 61.61  ? 91  TYR A OH  1 
ATOM   643 N N   . TYR A 1 93  ? 2.994   23.592  -2.511  1.00 49.03  ? 92  TYR A N   1 
ATOM   644 C CA  . TYR A 1 93  ? 3.546   24.743  -1.808  1.00 57.57  ? 92  TYR A CA  1 
ATOM   645 C C   . TYR A 1 93  ? 4.653   24.329  -0.829  1.00 56.56  ? 92  TYR A C   1 
ATOM   646 O O   . TYR A 1 93  ? 4.564   23.267  -0.203  1.00 56.72  ? 92  TYR A O   1 
ATOM   647 C CB  . TYR A 1 93  ? 2.429   25.450  -1.030  1.00 58.41  ? 92  TYR A CB  1 
ATOM   648 C CG  . TYR A 1 93  ? 1.434   26.243  -1.861  1.00 61.86  ? 92  TYR A CG  1 
ATOM   649 C CD1 . TYR A 1 93  ? 1.862   27.158  -2.814  1.00 58.50  ? 92  TYR A CD1 1 
ATOM   650 C CD2 . TYR A 1 93  ? 0.064   26.100  -1.660  1.00 68.30  ? 92  TYR A CD2 1 
ATOM   651 C CE1 . TYR A 1 93  ? 0.951   27.896  -3.560  1.00 68.51  ? 92  TYR A CE1 1 
ATOM   652 C CE2 . TYR A 1 93  ? -0.851  26.825  -2.400  1.00 78.52  ? 92  TYR A CE2 1 
ATOM   653 C CZ  . TYR A 1 93  ? -0.401  27.724  -3.347  1.00 79.34  ? 92  TYR A CZ  1 
ATOM   654 O OH  . TYR A 1 93  ? -1.297  28.457  -4.091  1.00 80.61  ? 92  TYR A OH  1 
ATOM   655 N N   . ASP A 1 94  ? 5.693   25.160  -0.707  1.00 54.92  ? 93  ASP A N   1 
ATOM   656 C CA  . ASP A 1 94  ? 6.599   25.075  0.436   1.00 71.61  ? 93  ASP A CA  1 
ATOM   657 C C   . ASP A 1 94  ? 5.959   25.910  1.528   1.00 80.88  ? 93  ASP A C   1 
ATOM   658 O O   . ASP A 1 94  ? 4.813   26.322  1.380   1.00 78.95  ? 93  ASP A O   1 
ATOM   659 C CB  . ASP A 1 94  ? 8.006   25.586  0.101   1.00 78.21  ? 93  ASP A CB  1 
ATOM   660 C CG  . ASP A 1 94  ? 8.001   26.970  -0.533  1.00 79.32  ? 93  ASP A CG  1 
ATOM   661 O OD1 . ASP A 1 94  ? 6.936   27.623  -0.566  1.00 79.27  ? 93  ASP A OD1 1 
ATOM   662 O OD2 . ASP A 1 94  ? 9.076   27.408  -0.997  1.00 83.91  ? 93  ASP A OD2 1 
ATOM   663 N N   . ASP A 1 95  ? 6.679   26.185  2.610   1.00 85.86  ? 94  ASP A N   1 
ATOM   664 C CA  . ASP A 1 95  ? 6.121   27.021  3.671   1.00 81.87  ? 94  ASP A CA  1 
ATOM   665 C C   . ASP A 1 95  ? 6.171   28.510  3.318   1.00 75.12  ? 94  ASP A C   1 
ATOM   666 O O   . ASP A 1 95  ? 5.569   29.342  3.997   1.00 77.33  ? 94  ASP A O   1 
ATOM   667 C CB  . ASP A 1 95  ? 6.804   26.750  5.017   1.00 87.12  ? 94  ASP A CB  1 
ATOM   668 C CG  . ASP A 1 95  ? 8.316   26.872  4.952   1.00 90.47  ? 94  ASP A CG  1 
ATOM   669 O OD1 . ASP A 1 95  ? 8.830   27.593  4.072   1.00 94.06  ? 94  ASP A OD1 1 
ATOM   670 O OD2 . ASP A 1 95  ? 8.993   26.246  5.793   1.00 93.67  ? 94  ASP A OD2 1 
ATOM   671 N N   . GLY A 1 96  ? 6.894   28.835  2.251   1.00 68.75  ? 95  GLY A N   1 
ATOM   672 C CA  . GLY A 1 96  ? 6.985   30.204  1.776   1.00 77.75  ? 95  GLY A CA  1 
ATOM   673 C C   . GLY A 1 96  ? 5.983   30.469  0.670   1.00 76.37  ? 95  GLY A C   1 
ATOM   674 O O   . GLY A 1 96  ? 5.994   31.529  0.045   1.00 79.06  ? 95  GLY A O   1 
ATOM   675 N N   . GLN A 1 97  ? 5.119   29.484  0.441   1.00 72.85  ? 96  GLN A N   1 
ATOM   676 C CA  . GLN A 1 97  ? 4.092   29.538  -0.596  1.00 73.03  ? 96  GLN A CA  1 
ATOM   677 C C   . GLN A 1 97  ? 4.705   29.658  -1.992  1.00 70.10  ? 96  GLN A C   1 
ATOM   678 O O   . GLN A 1 97  ? 4.111   30.246  -2.896  1.00 74.15  ? 96  GLN A O   1 
ATOM   679 C CB  . GLN A 1 97  ? 3.078   30.658  -0.324  1.00 74.71  ? 96  GLN A CB  1 
ATOM   680 C CG  . GLN A 1 97  ? 1.713   30.428  -0.963  1.00 72.50  ? 96  GLN A CG  1 
ATOM   681 C CD  . GLN A 1 97  ? 0.631   31.294  -0.355  1.00 73.85  ? 96  GLN A CD  1 
ATOM   682 O OE1 . GLN A 1 97  ? 0.690   31.641  0.825   1.00 76.27  ? 96  GLN A OE1 1 
ATOM   683 N NE2 . GLN A 1 97  ? -0.366  31.649  -1.155  1.00 65.45  ? 96  GLN A NE2 1 
ATOM   684 N N   . ASN A 1 98  ? 5.897   29.098  -2.160  1.00 69.40  ? 97  ASN A N   1 
ATOM   685 C CA  . ASN A 1 98  ? 6.477   28.941  -3.483  1.00 70.26  ? 97  ASN A CA  1 
ATOM   686 C C   . ASN A 1 98  ? 6.125   27.558  -4.017  1.00 60.29  ? 97  ASN A C   1 
ATOM   687 O O   . ASN A 1 98  ? 6.126   26.585  -3.264  1.00 55.85  ? 97  ASN A O   1 
ATOM   688 C CB  . ASN A 1 98  ? 7.998   29.107  -3.432  1.00 70.35  ? 97  ASN A CB  1 
ATOM   689 C CG  . ASN A 1 98  ? 8.436   30.254  -2.541  1.00 76.36  ? 97  ASN A CG  1 
ATOM   690 O OD1 . ASN A 1 98  ? 8.364   31.419  -2.930  1.00 66.36  ? 97  ASN A OD1 1 
ATOM   691 N ND2 . ASN A 1 98  ? 8.903   29.928  -1.339  1.00 86.12  ? 97  ASN A ND2 1 
ATOM   692 N N   . ILE A 1 99  ? 5.821   27.474  -5.308  1.00 55.98  ? 98  ILE A N   1 
ATOM   693 C CA  . ILE A 1 99  ? 5.427   26.206  -5.909  1.00 47.19  ? 98  ILE A CA  1 
ATOM   694 C C   . ILE A 1 99  ? 6.627   25.287  -6.097  1.00 49.33  ? 98  ILE A C   1 
ATOM   695 O O   . ILE A 1 99  ? 7.663   25.699  -6.615  1.00 57.19  ? 98  ILE A O   1 
ATOM   696 C CB  . ILE A 1 99  ? 4.742   26.407  -7.265  1.00 52.76  ? 98  ILE A CB  1 
ATOM   697 C CG1 . ILE A 1 99  ? 3.650   27.471  -7.163  1.00 58.13  ? 98  ILE A CG1 1 
ATOM   698 C CG2 . ILE A 1 99  ? 4.172   25.084  -7.782  1.00 41.94  ? 98  ILE A CG2 1 
ATOM   699 C CD1 . ILE A 1 99  ? 2.372   26.964  -6.553  1.00 60.39  ? 98  ILE A CD1 1 
ATOM   700 N N   . ILE A 1 100 ? 6.471   24.035  -5.683  1.00 38.44  ? 99  ILE A N   1 
ATOM   701 C CA  . ILE A 1 100 ? 7.546   23.058  -5.769  1.00 40.26  ? 99  ILE A CA  1 
ATOM   702 C C   . ILE A 1 100 ? 7.138   21.858  -6.608  1.00 37.35  ? 99  ILE A C   1 
ATOM   703 O O   . ILE A 1 100 ? 6.107   21.241  -6.355  1.00 37.22  ? 99  ILE A O   1 
ATOM   704 C CB  . ILE A 1 100 ? 7.936   22.545  -4.374  1.00 54.67  ? 99  ILE A CB  1 
ATOM   705 C CG1 . ILE A 1 100 ? 8.454   23.694  -3.507  1.00 68.21  ? 99  ILE A CG1 1 
ATOM   706 C CG2 . ILE A 1 100 ? 8.969   21.433  -4.477  1.00 48.20  ? 99  ILE A CG2 1 
ATOM   707 C CD1 . ILE A 1 100 ? 9.612   24.440  -4.122  1.00 77.03  ? 99  ILE A CD1 1 
ATOM   708 N N   . LYS A 1 101 ? 7.952   21.530  -7.606  1.00 42.82  ? 100 LYS A N   1 
ATOM   709 C CA  . LYS A 1 101 ? 7.776   20.294  -8.356  1.00 52.65  ? 100 LYS A CA  1 
ATOM   710 C C   . LYS A 1 101 ? 8.680   19.238  -7.741  1.00 51.81  ? 100 LYS A C   1 
ATOM   711 O O   . LYS A 1 101 ? 9.859   19.492  -7.498  1.00 56.92  ? 100 LYS A O   1 
ATOM   712 C CB  . LYS A 1 101 ? 8.120   20.501  -9.832  1.00 55.25  ? 100 LYS A CB  1 
ATOM   713 C CG  . LYS A 1 101 ? 7.806   19.308  -10.723 1.00 55.86  ? 100 LYS A CG  1 
ATOM   714 C CD  . LYS A 1 101 ? 9.004   18.384  -10.890 1.00 52.48  ? 100 LYS A CD  1 
ATOM   715 C CE  . LYS A 1 101 ? 8.627   17.145  -11.680 1.00 61.21  ? 100 LYS A CE  1 
ATOM   716 N NZ  . LYS A 1 101 ? 9.762   16.194  -11.822 1.00 67.46  ? 100 LYS A NZ  1 
ATOM   717 N N   . LYS A 1 102 ? 8.132   18.052  -7.500  1.00 42.98  ? 101 LYS A N   1 
ATOM   718 C CA  . LYS A 1 102 ? 8.873   17.012  -6.797  1.00 42.77  ? 101 LYS A CA  1 
ATOM   719 C C   . LYS A 1 102 ? 8.242   15.632  -6.956  1.00 40.51  ? 101 LYS A C   1 
ATOM   720 O O   . LYS A 1 102 ? 7.020   15.488  -6.944  1.00 42.41  ? 101 LYS A O   1 
ATOM   721 C CB  . LYS A 1 102 ? 8.979   17.372  -5.312  1.00 52.64  ? 101 LYS A CB  1 
ATOM   722 C CG  . LYS A 1 102 ? 9.534   16.278  -4.427  1.00 53.98  ? 101 LYS A CG  1 
ATOM   723 C CD  . LYS A 1 102 ? 11.017  16.074  -4.654  1.00 57.76  ? 101 LYS A CD  1 
ATOM   724 C CE  . LYS A 1 102 ? 11.510  14.870  -3.877  1.00 66.75  ? 101 LYS A CE  1 
ATOM   725 N NZ  . LYS A 1 102 ? 11.021  14.899  -2.471  1.00 72.15  ? 101 LYS A NZ  1 
ATOM   726 N N   . ASP A 1 103 ? 9.090   14.621  -7.113  1.00 51.91  ? 102 ASP A N   1 
ATOM   727 C CA  . ASP A 1 103 ? 8.641   13.236  -7.136  1.00 53.37  ? 102 ASP A CA  1 
ATOM   728 C C   . ASP A 1 103 ? 8.605   12.656  -5.729  1.00 54.33  ? 102 ASP A C   1 
ATOM   729 O O   . ASP A 1 103 ? 9.645   12.388  -5.131  1.00 53.64  ? 102 ASP A O   1 
ATOM   730 C CB  . ASP A 1 103 ? 9.561   12.391  -8.017  1.00 60.32  ? 102 ASP A CB  1 
ATOM   731 C CG  . ASP A 1 103 ? 9.174   12.442  -9.478  1.00 73.33  ? 102 ASP A CG  1 
ATOM   732 O OD1 . ASP A 1 103 ? 8.444   13.376  -9.868  1.00 64.06  ? 102 ASP A OD1 1 
ATOM   733 O OD2 . ASP A 1 103 ? 9.600   11.545  -10.234 1.00 88.75  ? 102 ASP A OD2 1 
ATOM   734 N N   . ILE A 1 104 ? 7.399   12.466  -5.205  1.00 50.49  ? 103 ILE A N   1 
ATOM   735 C CA  . ILE A 1 104 ? 7.226   11.899  -3.875  1.00 44.48  ? 103 ILE A CA  1 
ATOM   736 C C   . ILE A 1 104 ? 7.320   10.378  -3.928  1.00 33.17  ? 103 ILE A C   1 
ATOM   737 O O   . ILE A 1 104 ? 6.519   9.723   -4.591  1.00 31.03  ? 103 ILE A O   1 
ATOM   738 C CB  . ILE A 1 104 ? 5.872   12.298  -3.270  1.00 49.63  ? 103 ILE A CB  1 
ATOM   739 C CG1 . ILE A 1 104 ? 5.623   13.795  -3.456  1.00 53.54  ? 103 ILE A CG1 1 
ATOM   740 C CG2 . ILE A 1 104 ? 5.817   11.919  -1.801  1.00 54.54  ? 103 ILE A CG2 1 
ATOM   741 C CD1 . ILE A 1 104 ? 6.620   14.673  -2.733  1.00 54.95  ? 103 ILE A CD1 1 
ATOM   742 N N   . GLN A 1 105 ? 8.300   9.825   -3.221  1.00 38.83  ? 104 GLN A N   1 
ATOM   743 C CA  . GLN A 1 105 ? 8.546   8.387   -3.230  1.00 43.69  ? 104 GLN A CA  1 
ATOM   744 C C   . GLN A 1 105 ? 7.467   7.596   -2.498  1.00 40.31  ? 104 GLN A C   1 
ATOM   745 O O   . GLN A 1 105 ? 6.814   8.110   -1.590  1.00 48.87  ? 104 GLN A O   1 
ATOM   746 C CB  . GLN A 1 105 ? 9.910   8.083   -2.610  1.00 56.90  ? 104 GLN A CB  1 
ATOM   747 C CG  . GLN A 1 105 ? 11.093  8.574   -3.424  1.00 66.76  ? 104 GLN A CG  1 
ATOM   748 C CD  . GLN A 1 105 ? 11.720  7.475   -4.256  1.00 68.49  ? 104 GLN A CD  1 
ATOM   749 O OE1 . GLN A 1 105 ? 11.567  7.439   -5.476  1.00 72.65  ? 104 GLN A OE1 1 
ATOM   750 N NE2 . GLN A 1 105 ? 12.437  6.571   -3.599  1.00 74.54  ? 104 GLN A NE2 1 
ATOM   751 N N   . ASN A 1 106 ? 7.300   6.340   -2.907  1.00 43.97  ? 105 ASN A N   1 
ATOM   752 C CA  . ASN A 1 106 ? 6.401   5.396   -2.245  1.00 42.60  ? 105 ASN A CA  1 
ATOM   753 C C   . ASN A 1 106 ? 4.963   5.890   -2.112  1.00 35.34  ? 105 ASN A C   1 
ATOM   754 O O   . ASN A 1 106 ? 4.402   5.899   -1.017  1.00 40.68  ? 105 ASN A O   1 
ATOM   755 C CB  . ASN A 1 106 ? 6.955   5.004   -0.872  1.00 40.05  ? 105 ASN A CB  1 
ATOM   756 C CG  . ASN A 1 106 ? 8.328   4.366   -0.959  1.00 46.32  ? 105 ASN A CG  1 
ATOM   757 O OD1 . ASN A 1 106 ? 8.644   3.676   -1.927  1.00 51.54  ? 105 ASN A OD1 1 
ATOM   758 N ND2 . ASN A 1 106 ? 9.154   4.598   0.057   1.00 45.75  ? 105 ASN A ND2 1 
ATOM   759 N N   . MET A 1 107 ? 4.369   6.292   -3.231  1.00 37.47  ? 106 MET A N   1 
ATOM   760 C CA  . MET A 1 107 ? 3.010   6.823   -3.227  1.00 35.87  ? 106 MET A CA  1 
ATOM   761 C C   . MET A 1 107 ? 2.031   5.923   -3.970  1.00 27.78  ? 106 MET A C   1 
ATOM   762 O O   . MET A 1 107 ? 0.838   5.911   -3.671  1.00 31.86  ? 106 MET A O   1 
ATOM   763 C CB  . MET A 1 107 ? 2.987   8.226   -3.836  1.00 28.38  ? 106 MET A CB  1 
ATOM   764 C CG  . MET A 1 107 ? 3.564   9.297   -2.933  1.00 28.38  ? 106 MET A CG  1 
ATOM   765 S SD  . MET A 1 107 ? 2.463   9.703   -1.569  1.00 39.07  ? 106 MET A SD  1 
ATOM   766 C CE  . MET A 1 107 ? 1.217   10.662  -2.421  1.00 60.09  ? 106 MET A CE  1 
ATOM   767 N N   . ILE A 1 108 ? 2.540   5.174   -4.940  1.00 28.00  ? 107 ILE A N   1 
ATOM   768 C CA  . ILE A 1 108 ? 1.696   4.317   -5.759  1.00 37.11  ? 107 ILE A CA  1 
ATOM   769 C C   . ILE A 1 108 ? 2.074   2.850   -5.597  1.00 38.43  ? 107 ILE A C   1 
ATOM   770 O O   . ILE A 1 108 ? 3.235   2.484   -5.748  1.00 36.44  ? 107 ILE A O   1 
ATOM   771 C CB  . ILE A 1 108 ? 1.808   4.691   -7.243  1.00 31.76  ? 107 ILE A CB  1 
ATOM   772 C CG1 . ILE A 1 108 ? 1.414   6.153   -7.452  1.00 38.48  ? 107 ILE A CG1 1 
ATOM   773 C CG2 . ILE A 1 108 ? 0.941   3.774   -8.085  1.00 42.14  ? 107 ILE A CG2 1 
ATOM   774 C CD1 . ILE A 1 108 ? 1.543   6.620   -8.882  1.00 39.34  ? 107 ILE A CD1 1 
ATOM   775 N N   . VAL A 1 109 ? 1.088   2.013   -5.294  1.00 39.41  ? 108 VAL A N   1 
ATOM   776 C CA  . VAL A 1 109 ? 1.333   0.588   -5.118  1.00 34.32  ? 108 VAL A CA  1 
ATOM   777 C C   . VAL A 1 109 ? 1.448   -0.124  -6.456  1.00 27.94  ? 108 VAL A C   1 
ATOM   778 O O   . VAL A 1 109 ? 0.550   -0.047  -7.295  1.00 42.19  ? 108 VAL A O   1 
ATOM   779 C CB  . VAL A 1 109 ? 0.229   -0.075  -4.289  1.00 36.38  ? 108 VAL A CB  1 
ATOM   780 C CG1 . VAL A 1 109 ? 0.509   -1.561  -4.134  1.00 50.97  ? 108 VAL A CG1 1 
ATOM   781 C CG2 . VAL A 1 109 ? 0.127   0.589   -2.936  1.00 25.82  ? 108 VAL A CG2 1 
ATOM   782 N N   . GLU A 1 110 ? 2.560   -0.824  -6.640  1.00 32.42  ? 109 GLU A N   1 
ATOM   783 C CA  . GLU A 1 110 ? 2.809   -1.554  -7.872  1.00 41.10  ? 109 GLU A CA  1 
ATOM   784 C C   . GLU A 1 110 ? 2.543   -3.047  -7.677  1.00 44.80  ? 109 GLU A C   1 
ATOM   785 O O   . GLU A 1 110 ? 1.974   -3.704  -8.550  1.00 34.70  ? 109 GLU A O   1 
ATOM   786 C CB  . GLU A 1 110 ? 4.244   -1.313  -8.339  1.00 47.80  ? 109 GLU A CB  1 
ATOM   787 C CG  . GLU A 1 110 ? 4.473   -1.542  -9.820  1.00 63.89  ? 109 GLU A CG  1 
ATOM   788 C CD  . GLU A 1 110 ? 5.782   -0.948  -10.294 1.00 72.83  ? 109 GLU A CD  1 
ATOM   789 O OE1 . GLU A 1 110 ? 5.871   0.296   -10.390 1.00 80.23  ? 109 GLU A OE1 1 
ATOM   790 O OE2 . GLU A 1 110 ? 6.723   -1.722  -10.563 1.00 81.17  ? 109 GLU A OE2 1 
ATOM   791 N N   . GLU A 1 111 ? 2.949   -3.574  -6.524  1.00 48.47  ? 110 GLU A N   1 
ATOM   792 C CA  . GLU A 1 111 ? 2.718   -4.980  -6.202  1.00 50.02  ? 110 GLU A CA  1 
ATOM   793 C C   . GLU A 1 111 ? 2.344   -5.156  -4.738  1.00 40.77  ? 110 GLU A C   1 
ATOM   794 O O   . GLU A 1 111 ? 2.794   -4.392  -3.882  1.00 30.89  ? 110 GLU A O   1 
ATOM   795 C CB  . GLU A 1 111 ? 3.952   -5.828  -6.534  1.00 61.85  ? 110 GLU A CB  1 
ATOM   796 C CG  . GLU A 1 111 ? 4.280   -5.923  -8.012  1.00 73.06  ? 110 GLU A CG  1 
ATOM   797 C CD  . GLU A 1 111 ? 5.490   -6.789  -8.288  1.00 86.04  ? 110 GLU A CD  1 
ATOM   798 O OE1 . GLU A 1 111 ? 5.987   -7.443  -7.347  1.00 90.32  ? 110 GLU A OE1 1 
ATOM   799 O OE2 . GLU A 1 111 ? 5.946   -6.815  -9.452  1.00 91.52  ? 110 GLU A OE2 1 
ATOM   800 N N   . CYS A 1 112 ? 1.516   -6.161  -4.464  1.00 41.73  ? 111 CYS A N   1 
ATOM   801 C CA  . CYS A 1 112 ? 1.139   -6.495  -3.097  1.00 35.53  ? 111 CYS A CA  1 
ATOM   802 C C   . CYS A 1 112 ? 1.680   -7.868  -2.721  1.00 34.83  ? 111 CYS A C   1 
ATOM   803 O O   . CYS A 1 112 ? 1.945   -8.696  -3.593  1.00 42.41  ? 111 CYS A O   1 
ATOM   804 C CB  . CYS A 1 112 ? -0.378  -6.487  -2.936  1.00 38.23  ? 111 CYS A CB  1 
ATOM   805 S SG  . CYS A 1 112 ? -1.143  -4.895  -3.269  1.00 40.95  ? 111 CYS A SG  1 
ATOM   806 N N   . GLY A 1 113 ? 1.842   -8.110  -1.426  1.00 35.03  ? 112 GLY A N   1 
ATOM   807 C CA  . GLY A 1 113 ? 2.324   -9.396  -0.955  1.00 43.10  ? 112 GLY A CA  1 
ATOM   808 C C   . GLY A 1 113 ? 2.170   -9.537  0.543   1.00 46.00  ? 112 GLY A C   1 
ATOM   809 O O   . GLY A 1 113 ? 2.165   -8.549  1.274   1.00 46.64  ? 112 GLY A O   1 
ATOM   810 N N   . CYS A 1 114 ? 2.038   -10.775 1.001   1.00 39.57  ? 113 CYS A N   1 
ATOM   811 C CA  . CYS A 1 114 ? 1.909   -11.050 2.422   1.00 43.47  ? 113 CYS A CA  1 
ATOM   812 C C   . CYS A 1 114 ? 3.256   -10.901 3.113   1.00 44.42  ? 113 CYS A C   1 
ATOM   813 O O   . CYS A 1 114 ? 4.208   -11.615 2.804   1.00 49.17  ? 113 CYS A O   1 
ATOM   814 C CB  . CYS A 1 114 ? 1.338   -12.451 2.639   1.00 63.96  ? 113 CYS A CB  1 
ATOM   815 S SG  . CYS A 1 114 ? -0.296  -12.686 1.905   1.00 49.31  ? 113 CYS A SG  1 
ATOM   816 N N   . SER A 1 115 ? 3.330   -9.958  4.044   1.00 50.38  ? 114 SER A N   1 
ATOM   817 C CA  . SER A 1 115 ? 4.558   -9.709  4.785   1.00 43.34  ? 114 SER A CA  1 
ATOM   818 C C   . SER A 1 115 ? 4.318   -9.852  6.288   1.00 43.51  ? 114 SER A C   1 
ATOM   819 O O   . SER A 1 115 ? 3.185   -9.881  6.761   1.00 41.60  ? 114 SER A O   1 
ATOM   820 C CB  . SER A 1 115 ? 5.100   -8.317  4.457   1.00 37.31  ? 114 SER A CB  1 
ATOM   821 O OG  . SER A 1 115 ? 5.281   -8.157  3.065   1.00 40.31  ? 114 SER A OG  1 
ATOM   822 O OXT . SER A 1 115 ? 5.247   -9.949  7.081   1.00 48.61  ? 114 SER A OXT 1 
HETATM 823 O O   . HOH B 2 .   ? -2.105  -19.911 9.616   1.00 44.67  ? 201 HOH A O   1 
HETATM 824 O O   . HOH B 2 .   ? 3.545   -9.367  8.993   1.00 55.03  ? 202 HOH A O   1 
HETATM 825 O O   . HOH B 2 .   ? 5.553   -11.831 8.928   1.00 32.46  ? 203 HOH A O   1 
HETATM 826 O O   . HOH B 2 .   ? -2.005  -1.101  0.571   1.00 49.30  ? 204 HOH A O   1 
HETATM 827 O O   . HOH B 2 .   ? -4.287  -9.022  4.988   1.00 43.66  ? 205 HOH A O   1 
HETATM 828 O O   . HOH B 2 .   ? 7.669   -10.068 6.112   1.00 44.67  ? 206 HOH A O   1 
HETATM 829 O O   . HOH B 2 .   ? 8.812   4.885   -4.804  1.00 32.74  ? 207 HOH A O   1 
HETATM 830 O O   . HOH B 2 .   ? -8.149  18.025  -5.093  1.00 53.29  ? 208 HOH A O   1 
HETATM 831 O O   . HOH B 2 .   ? 8.580   -7.443  5.302   1.00 35.73  ? 209 HOH A O   1 
HETATM 832 O O   . HOH B 2 .   ? -10.771 10.006  -2.340  1.00 46.49  ? 210 HOH A O   1 
HETATM 833 O O   . HOH B 2 .   ? 12.202  18.843  -7.466  1.00 44.13  ? 211 HOH A O   1 
HETATM 834 O O   . HOH B 2 .   ? 9.287   -0.031  -3.018  1.00 54.29  ? 212 HOH A O   1 
HETATM 835 O O   . HOH B 2 .   ? -1.045  5.043   -10.424 1.00 49.43  ? 213 HOH A O   1 
HETATM 836 O O   . HOH B 2 .   ? -7.326  3.471   -8.530  1.00 70.61  ? 214 HOH A O   1 
HETATM 837 O O   . HOH B 2 .   ? -2.933  -8.190  -7.526  1.00 45.82  ? 215 HOH A O   1 
HETATM 838 O O   . HOH B 2 .   ? -6.338  -6.276  4.768   1.00 68.83  ? 216 HOH A O   1 
HETATM 839 O O   . HOH B 2 .   ? -10.117 14.969  -7.779  1.00 49.65  ? 217 HOH A O   1 
HETATM 840 O O   . HOH B 2 .   ? -0.500  -9.552  -6.101  1.00 63.96  ? 218 HOH A O   1 
HETATM 841 O O   . HOH B 2 .   ? -2.844  22.630  3.435   1.00 45.66  ? 219 HOH A O   1 
HETATM 842 O O   . HOH B 2 .   ? 3.927   -19.977 19.518  1.00 52.42  ? 220 HOH A O   1 
# 
loop_
_atom_site_anisotrop.id 
_atom_site_anisotrop.type_symbol 
_atom_site_anisotrop.pdbx_label_atom_id 
_atom_site_anisotrop.pdbx_label_alt_id 
_atom_site_anisotrop.pdbx_label_comp_id 
_atom_site_anisotrop.pdbx_label_asym_id 
_atom_site_anisotrop.pdbx_label_seq_id 
_atom_site_anisotrop.pdbx_PDB_ins_code 
_atom_site_anisotrop.U[1][1] 
_atom_site_anisotrop.U[2][2] 
_atom_site_anisotrop.U[3][3] 
_atom_site_anisotrop.U[1][2] 
_atom_site_anisotrop.U[1][3] 
_atom_site_anisotrop.U[2][3] 
_atom_site_anisotrop.pdbx_auth_seq_id 
_atom_site_anisotrop.pdbx_auth_comp_id 
_atom_site_anisotrop.pdbx_auth_asym_id 
_atom_site_anisotrop.pdbx_auth_atom_id 
1   N N   . LEU A 11  ? 1.0903 0.5682 1.3108 -0.3793 0.1315  0.0967  10  LEU A N   
2   C CA  . LEU A 11  ? 1.2011 0.6409 1.3966 -0.3558 0.1103  0.0775  10  LEU A CA  
3   C C   . LEU A 11  ? 1.0985 0.5970 1.3171 -0.3458 0.0985  0.0547  10  LEU A C   
4   O O   . LEU A 11  ? 1.2445 0.7675 1.4985 -0.3679 0.0805  0.0340  10  LEU A O   
5   C CB  . LEU A 11  ? 1.3520 0.7236 1.5432 -0.3752 0.0889  0.0628  10  LEU A CB  
6   C CG  . LEU A 11  ? 1.4908 0.7750 1.6401 -0.3622 0.0943  0.0771  10  LEU A CG  
7   C CD1 . LEU A 11  ? 1.7320 1.0185 1.8728 -0.3648 0.1201  0.1125  10  LEU A CD1 
8   C CD2 . LEU A 11  ? 1.5484 0.7703 1.7036 -0.3892 0.0739  0.0609  10  LEU A CD2 
9   N N   . LYS A 12  ? 0.9474 0.4687 1.1463 -0.3138 0.1068  0.0607  11  LYS A N   
10  C CA  . LYS A 12  ? 0.9979 0.5734 1.2178 -0.3011 0.0975  0.0420  11  LYS A CA  
11  C C   . LYS A 12  ? 0.9885 0.5215 1.1753 -0.2759 0.0796  0.0266  11  LYS A C   
12  O O   . LYS A 12  ? 1.0544 0.5223 1.2000 -0.2598 0.0817  0.0351  11  LYS A O   
13  C CB  . LYS A 12  ? 0.9604 0.5897 1.1795 -0.2851 0.1177  0.0577  11  LYS A CB  
14  C CG  . LYS A 12  ? 0.9933 0.6887 1.2494 -0.2788 0.1121  0.0400  11  LYS A CG  
15  C CD  . LYS A 12  ? 1.0215 0.7563 1.3376 -0.3057 0.1044  0.0245  11  LYS A CD  
16  C CE  . LYS A 12  ? 0.9550 0.7486 1.3115 -0.2951 0.0916  0.0059  11  LYS A CE  
17  N NZ  . LYS A 12  ? 0.9815 0.8158 1.3350 -0.2750 0.1125  0.0150  11  LYS A NZ  
18  N N   . SER A 13  ? 0.9423 0.5114 1.1480 -0.2703 0.0632  0.0047  12  SER A N   
19  C CA  . SER A 13  ? 1.0090 0.5399 1.1811 -0.2467 0.0463  -0.0126 12  SER A CA  
20  C C   . SER A 13  ? 1.0430 0.5529 1.1757 -0.2092 0.0633  0.0071  12  SER A C   
21  O O   . SER A 13  ? 0.9689 0.5098 1.1029 -0.2026 0.0825  0.0324  12  SER A O   
22  C CB  . SER A 13  ? 0.9118 0.4959 1.1142 -0.2473 0.0255  -0.0359 12  SER A CB  
23  O OG  . SER A 13  ? 0.9769 0.6267 1.2054 -0.2332 0.0389  -0.0246 12  SER A OG  
24  N N   . SER A 14  ? 1.0056 0.4630 1.0991 -0.1843 0.0556  -0.0038 13  SER A N   
25  C CA  . SER A 14  ? 1.0075 0.4443 1.0649 -0.1452 0.0723  0.0186  13  SER A CA  
26  C C   . SER A 14  ? 0.9075 0.3846 0.9651 -0.1218 0.0709  0.0173  13  SER A C   
27  O O   . SER A 14  ? 0.8034 0.3171 0.8802 -0.1299 0.0515  -0.0072 13  SER A O   
28  C CB  . SER A 14  ? 1.1996 0.5570 1.2124 -0.1236 0.0727  0.0126  13  SER A CB  
29  O OG  . SER A 14  ? 1.2866 0.6194 1.2800 -0.1202 0.0541  -0.0221 13  SER A OG  
30  N N   . CYS A 15  ? 0.9250 0.4069 0.9609 -0.0904 0.0853  0.0471  14  CYS A N   
31  C CA  . CYS A 15  ? 0.8955 0.4373 0.9265 -0.0644 0.0776  0.0535  14  CYS A CA  
32  C C   . CYS A 15  ? 0.7811 0.3129 0.7889 -0.0443 0.0617  0.0260  14  CYS A C   
33  O O   . CYS A 15  ? 0.8169 0.2842 0.7897 -0.0265 0.0669  0.0175  14  CYS A O   
34  C CB  . CYS A 15  ? 0.6906 0.2360 0.7042 -0.0360 0.0922  0.0944  14  CYS A CB  
35  S SG  . CYS A 15  ? 0.6995 0.3116 0.7065 -0.0047 0.0838  0.1079  14  CYS A SG  
36  N N   . LYS A 16  ? 0.7337 0.3238 0.7562 -0.0469 0.0444  0.0122  15  LYS A N   
37  C CA  . LYS A 16  ? 0.7856 0.3728 0.7803 -0.0280 0.0284  -0.0093 15  LYS A CA  
38  C C   . LYS A 16  ? 0.6940 0.3538 0.7076 -0.0267 0.0139  -0.0104 15  LYS A C   
39  O O   . LYS A 16  ? 0.6398 0.3476 0.6862 -0.0398 0.0182  0.0030  15  LYS A O   
40  C CB  . LYS A 16  ? 1.0291 0.5657 1.0106 -0.0476 0.0102  -0.0450 15  LYS A CB  
41  C CG  . LYS A 16  ? 1.0114 0.5806 1.0453 -0.0879 -0.0078 -0.0599 15  LYS A CG  
42  C CD  . LYS A 16  ? 1.0614 0.5872 1.0805 -0.1091 -0.0348 -0.0939 15  LYS A CD  
43  C CE  . LYS A 16  ? 1.0026 0.5598 1.0873 -0.1525 -0.0498 -0.1031 15  LYS A CE  
44  N NZ  . LYS A 16  ? 1.0029 0.5370 1.1115 -0.1723 -0.0237 -0.0868 15  LYS A NZ  
45  N N   . ARG A 17  ? 0.7005 0.3608 0.6873 -0.0111 -0.0014 -0.0268 16  ARG A N   
46  C CA  . ARG A 17  ? 0.5718 0.2916 0.5696 -0.0059 -0.0146 -0.0257 16  ARG A CA  
47  C C   . ARG A 17  ? 0.6827 0.4233 0.7081 -0.0280 -0.0423 -0.0510 16  ARG A C   
48  O O   . ARG A 17  ? 0.7731 0.4781 0.7785 -0.0349 -0.0618 -0.0746 16  ARG A O   
49  C CB  . ARG A 17  ? 0.6101 0.3237 0.5626 0.0260  -0.0126 -0.0213 16  ARG A CB  
50  C CG  . ARG A 17  ? 0.7053 0.4767 0.6654 0.0333  -0.0203 -0.0112 16  ARG A CG  
51  C CD  . ARG A 17  ? 0.7389 0.5084 0.6618 0.0641  -0.0084 0.0037  16  ARG A CD  
52  N NE  . ARG A 17  ? 0.7571 0.4737 0.6304 0.0781  -0.0105 -0.0172 16  ARG A NE  
53  C CZ  . ARG A 17  ? 0.7651 0.4823 0.6036 0.0874  -0.0227 -0.0281 16  ARG A CZ  
54  N NH1 . ARG A 17  ? 0.8035 0.5723 0.6576 0.0855  -0.0342 -0.0185 16  ARG A NH1 
55  N NH2 . ARG A 17  ? 0.7883 0.4476 0.5695 0.0980  -0.0224 -0.0484 16  ARG A NH2 
56  N N   . HIS A 18  ? 0.5722 0.3688 0.6427 -0.0390 -0.0441 -0.0449 17  HIS A N   
57  C CA  . HIS A 18  ? 0.4734 0.3015 0.5866 -0.0563 -0.0681 -0.0625 17  HIS A CA  
58  C C   . HIS A 18  ? 0.4870 0.3561 0.5998 -0.0404 -0.0801 -0.0596 17  HIS A C   
59  O O   . HIS A 18  ? 0.4783 0.3630 0.5742 -0.0258 -0.0642 -0.0416 17  HIS A O   
60  C CB  . HIS A 18  ? 0.4826 0.3395 0.6585 -0.0818 -0.0547 -0.0588 17  HIS A CB  
61  C CG  . HIS A 18  ? 0.5359 0.3527 0.7178 -0.1025 -0.0437 -0.0605 17  HIS A CG  
62  N ND1 . HIS A 18  ? 0.6528 0.4483 0.8198 -0.1027 -0.0144 -0.0404 17  HIS A ND1 
63  C CD2 . HIS A 18  ? 0.7266 0.5175 0.9258 -0.1261 -0.0599 -0.0784 17  HIS A CD2 
64  C CE1 . HIS A 18  ? 0.6290 0.3842 0.8035 -0.1233 -0.0101 -0.0454 17  HIS A CE1 
65  N NE2 . HIS A 18  ? 0.8107 0.5614 1.0048 -0.1395 -0.0371 -0.0696 17  HIS A NE2 
66  N N   . PRO A 19  ? 0.4983 0.3835 0.6297 -0.0450 -0.1106 -0.0753 18  PRO A N   
67  C CA  . PRO A 19  ? 0.4705 0.3898 0.6035 -0.0297 -0.1234 -0.0709 18  PRO A CA  
68  C C   . PRO A 19  ? 0.5556 0.5214 0.7446 -0.0341 -0.1074 -0.0612 18  PRO A C   
69  O O   . PRO A 19  ? 0.6248 0.6090 0.8701 -0.0527 -0.0990 -0.0646 18  PRO A O   
70  C CB  . PRO A 19  ? 0.4186 0.3386 0.5597 -0.0365 -0.1640 -0.0885 18  PRO A CB  
71  C CG  . PRO A 19  ? 0.4619 0.3732 0.6420 -0.0642 -0.1703 -0.1007 18  PRO A CG  
72  C CD  . PRO A 19  ? 0.4556 0.3245 0.6037 -0.0658 -0.1386 -0.0959 18  PRO A CD  
73  N N   . LEU A 20  ? 0.5763 0.5567 0.7470 -0.0180 -0.1006 -0.0495 19  LEU A N   
74  C CA  . LEU A 20  ? 0.4908 0.5028 0.7005 -0.0200 -0.0834 -0.0430 19  LEU A CA  
75  C C   . LEU A 20  ? 0.4646 0.4852 0.6534 -0.0021 -0.0920 -0.0366 19  LEU A C   
76  O O   . LEU A 20  ? 0.4182 0.4256 0.5571 0.0063  -0.0835 -0.0244 19  LEU A O   
77  C CB  . LEU A 20  ? 0.5184 0.5232 0.7149 -0.0293 -0.0488 -0.0302 19  LEU A CB  
78  C CG  . LEU A 20  ? 0.4083 0.4309 0.6211 -0.0322 -0.0261 -0.0248 19  LEU A CG  
79  C CD1 . LEU A 20  ? 0.4267 0.4768 0.7122 -0.0399 -0.0203 -0.0358 19  LEU A CD1 
80  C CD2 . LEU A 20  ? 0.3911 0.3990 0.5707 -0.0440 0.0019  -0.0103 19  LEU A CD2 
81  N N   . TYR A 21  ? 0.4474 0.4912 0.6784 0.0035  -0.1097 -0.0423 20  TYR A N   
82  C CA  . TYR A 21  ? 0.4093 0.4566 0.6249 0.0204  -0.1157 -0.0347 20  TYR A CA  
83  C C   . TYR A 21  ? 0.3330 0.3888 0.5704 0.0193  -0.0846 -0.0300 20  TYR A C   
84  O O   . TYR A 21  ? 0.3894 0.4668 0.6881 0.0146  -0.0715 -0.0357 20  TYR A O   
85  C CB  . TYR A 21  ? 0.5123 0.5756 0.7582 0.0306  -0.1520 -0.0392 20  TYR A CB  
86  C CG  . TYR A 21  ? 0.5209 0.5819 0.7505 0.0493  -0.1580 -0.0289 20  TYR A CG  
87  C CD1 . TYR A 21  ? 0.5144 0.5494 0.6731 0.0588  -0.1681 -0.0205 20  TYR A CD1 
88  C CD2 . TYR A 21  ? 0.5271 0.6085 0.8129 0.0584  -0.1498 -0.0265 20  TYR A CD2 
89  C CE1 . TYR A 21  ? 0.6439 0.6716 0.7855 0.0733  -0.1731 -0.0094 20  TYR A CE1 
90  C CE2 . TYR A 21  ? 0.5113 0.5811 0.7796 0.0760  -0.1542 -0.0164 20  TYR A CE2 
91  C CZ  . TYR A 21  ? 0.5681 0.6102 0.7628 0.0817  -0.1673 -0.0076 20  TYR A CZ  
92  O OH  . TYR A 21  ? 0.6825 0.7084 0.8576 0.0967  -0.1713 0.0040  20  TYR A OH  
93  N N   . VAL A 22  ? 0.3420 0.3789 0.5272 0.0221  -0.0714 -0.0193 21  VAL A N   
94  C CA  . VAL A 22  ? 0.3662 0.3968 0.5513 0.0179  -0.0425 -0.0167 21  VAL A CA  
95  C C   . VAL A 22  ? 0.4641 0.4876 0.6474 0.0343  -0.0499 -0.0141 21  VAL A C   
96  O O   . VAL A 22  ? 0.3849 0.3935 0.5220 0.0407  -0.0646 -0.0047 21  VAL A O   
97  C CB  . VAL A 22  ? 0.3587 0.3693 0.4848 0.0037  -0.0248 -0.0052 21  VAL A CB  
98  C CG1 . VAL A 22  ? 0.3455 0.3384 0.4541 -0.0043 0.0011  -0.0047 21  VAL A CG1 
99  C CG2 . VAL A 22  ? 0.3809 0.3941 0.5106 -0.0107 -0.0147 -0.0045 21  VAL A CG2 
100 N N   . ASP A 23  ? 0.4273 0.4611 0.6641 0.0421  -0.0372 -0.0208 22  ASP A N   
101 C CA  . ASP A 23  ? 0.4429 0.4618 0.6800 0.0597  -0.0376 -0.0174 22  ASP A CA  
102 C C   . ASP A 23  ? 0.3838 0.3656 0.5737 0.0488  -0.0028 -0.0175 22  ASP A C   
103 O O   . ASP A 23  ? 0.5469 0.5253 0.7462 0.0366  0.0296  -0.0252 22  ASP A O   
104 C CB  . ASP A 23  ? 0.3764 0.4244 0.7003 0.0774  -0.0385 -0.0222 22  ASP A CB  
105 C CG  . ASP A 23  ? 0.5302 0.5611 0.8595 0.1015  -0.0437 -0.0155 22  ASP A CG  
106 O OD1 . ASP A 23  ? 0.4929 0.4859 0.7906 0.1024  -0.0130 -0.0169 22  ASP A OD1 
107 O OD2 . ASP A 23  ? 0.6378 0.6881 0.9983 0.1187  -0.0797 -0.0081 22  ASP A OD2 
108 N N   . PHE A 24  ? 0.4201 0.3706 0.5539 0.0499  -0.0097 -0.0088 23  PHE A N   
109 C CA  . PHE A 24  ? 0.4274 0.3363 0.5032 0.0327  0.0165  -0.0085 23  PHE A CA  
110 C C   . PHE A 24  ? 0.6239 0.5068 0.7196 0.0396  0.0517  -0.0212 23  PHE A C   
111 O O   . PHE A 24  ? 0.6603 0.5073 0.7089 0.0204  0.0807  -0.0270 23  PHE A O   
112 C CB  . PHE A 24  ? 0.6495 0.5312 0.6674 0.0302  -0.0010 0.0051  23  PHE A CB  
113 C CG  . PHE A 24  ? 0.6648 0.5662 0.6514 0.0192  -0.0223 0.0189  23  PHE A CG  
114 C CD1 . PHE A 24  ? 0.6807 0.5986 0.6583 0.0012  -0.0151 0.0208  23  PHE A CD1 
115 C CD2 . PHE A 24  ? 0.5068 0.4084 0.4734 0.0288  -0.0467 0.0320  23  PHE A CD2 
116 C CE1 . PHE A 24  ? 0.6413 0.5775 0.5972 -0.0037 -0.0306 0.0355  23  PHE A CE1 
117 C CE2 . PHE A 24  ? 0.4689 0.3885 0.4099 0.0221  -0.0592 0.0451  23  PHE A CE2 
118 C CZ  . PHE A 24  ? 0.6416 0.5796 0.5808 0.0075  -0.0505 0.0469  23  PHE A CZ  
119 N N   . SER A 25  ? 0.6527 0.5530 0.8170 0.0673  0.0497  -0.0246 24  SER A N   
120 C CA  . SER A 25  ? 0.6860 0.5650 0.8817 0.0810  0.0885  -0.0355 24  SER A CA  
121 C C   . SER A 25  ? 0.6256 0.5271 0.8582 0.0703  0.1224  -0.0467 24  SER A C   
122 O O   . SER A 25  ? 0.6100 0.4810 0.8384 0.0711  0.1675  -0.0579 24  SER A O   
123 C CB  . SER A 25  ? 0.5220 0.4198 0.7920 0.1175  0.0745  -0.0303 24  SER A CB  
124 O OG  . SER A 25  ? 0.5807 0.5446 0.9329 0.1259  0.0511  -0.0275 24  SER A OG  
125 N N   . ASP A 26  ? 0.5666 0.5148 0.8298 0.0596  0.1037  -0.0438 25  ASP A N   
126 C CA  . ASP A 26  ? 0.5223 0.4922 0.8205 0.0462  0.1340  -0.0514 25  ASP A CA  
127 C C   . ASP A 26  ? 0.4527 0.3820 0.6661 0.0159  0.1606  -0.0541 25  ASP A C   
128 O O   . ASP A 26  ? 0.6399 0.5686 0.8615 0.0034  0.1968  -0.0607 25  ASP A O   
129 C CB  . ASP A 26  ? 0.4412 0.4652 0.7941 0.0414  0.1036  -0.0474 25  ASP A CB  
130 C CG  . ASP A 26  ? 0.5223 0.5923 0.9680 0.0658  0.0781  -0.0449 25  ASP A CG  
131 O OD1 . ASP A 26  ? 0.6973 0.7636 1.1788 0.0901  0.0901  -0.0445 25  ASP A OD1 
132 O OD2 . ASP A 26  ? 0.4894 0.5967 0.9709 0.0603  0.0451  -0.0424 25  ASP A OD2 
133 N N   . VAL A 27  ? 0.4734 0.3704 0.6059 0.0027  0.1416  -0.0467 26  VAL A N   
134 C CA  . VAL A 27  ? 0.5509 0.4138 0.6012 -0.0288 0.1564  -0.0444 26  VAL A CA  
135 C C   . VAL A 27  ? 0.6383 0.4394 0.6103 -0.0385 0.1683  -0.0477 26  VAL A C   
136 O O   . VAL A 27  ? 0.7059 0.4786 0.6006 -0.0677 0.1658  -0.0415 26  VAL A O   
137 C CB  . VAL A 27  ? 0.5136 0.3990 0.5387 -0.0436 0.1220  -0.0283 26  VAL A CB  
138 C CG1 . VAL A 27  ? 0.4308 0.3588 0.5145 -0.0422 0.1185  -0.0280 26  VAL A CG1 
139 C CG2 . VAL A 27  ? 0.4133 0.3069 0.4329 -0.0303 0.0843  -0.0184 26  VAL A CG2 
140 N N   . GLY A 28  ? 0.5430 0.3217 0.5360 -0.0150 0.1794  -0.0562 27  GLY A N   
141 C CA  . GLY A 28  ? 0.5832 0.2918 0.5026 -0.0232 0.1945  -0.0624 27  GLY A CA  
142 C C   . GLY A 28  ? 0.6987 0.3914 0.5539 -0.0427 0.1576  -0.0475 27  GLY A C   
143 O O   . GLY A 28  ? 0.6654 0.3065 0.4367 -0.0722 0.1640  -0.0486 27  GLY A O   
144 N N   . TRP A 29  ? 0.7116 0.4481 0.6048 -0.0280 0.1192  -0.0330 28  TRP A N   
145 C CA  . TRP A 29  ? 0.7125 0.4449 0.5570 -0.0444 0.0868  -0.0155 28  TRP A CA  
146 C C   . TRP A 29  ? 0.7084 0.4343 0.5681 -0.0215 0.0660  -0.0081 28  TRP A C   
147 O O   . TRP A 29  ? 0.5842 0.3031 0.4047 -0.0344 0.0434  0.0073  28  TRP A O   
148 C CB  . TRP A 29  ? 0.6593 0.4471 0.5171 -0.0530 0.0618  -0.0003 28  TRP A CB  
149 C CG  . TRP A 29  ? 0.7743 0.5584 0.5874 -0.0854 0.0700  0.0045  28  TRP A CG  
150 C CD1 . TRP A 29  ? 0.8919 0.6325 0.6565 -0.1076 0.0984  -0.0066 28  TRP A CD1 
151 C CD2 . TRP A 29  ? 0.6363 0.4586 0.4448 -0.0985 0.0494  0.0236  28  TRP A CD2 
152 N NE1 . TRP A 29  ? 0.8476 0.5988 0.5761 -0.1358 0.0921  0.0062  28  TRP A NE1 
153 C CE2 . TRP A 29  ? 0.7599 0.5633 0.5201 -0.1290 0.0623  0.0260  28  TRP A CE2 
154 C CE3 . TRP A 29  ? 0.4800 0.3467 0.3178 -0.0859 0.0235  0.0393  28  TRP A CE3 
155 C CZ2 . TRP A 29  ? 0.6793 0.5127 0.4296 -0.1446 0.0464  0.0467  28  TRP A CZ2 
156 C CZ3 . TRP A 29  ? 0.6851 0.5779 0.5127 -0.0999 0.0136  0.0575  28  TRP A CZ3 
157 C CH2 . TRP A 29  ? 0.6349 0.5132 0.4230 -0.1285 0.0236  0.0630  28  TRP A CH2 
158 N N   . ASN A 30  ? 0.8001 0.5301 0.7187 0.0119  0.0732  -0.0162 29  ASN A N   
159 C CA  . ASN A 30  ? 0.7609 0.4884 0.6981 0.0367  0.0491  -0.0056 29  ASN A CA  
160 C C   . ASN A 30  ? 0.7086 0.3661 0.5869 0.0306  0.0554  -0.0029 29  ASN A C   
161 O O   . ASN A 30  ? 0.8064 0.4551 0.6832 0.0444  0.0331  0.0107  29  ASN A O   
162 C CB  . ASN A 30  ? 0.7047 0.4620 0.7287 0.0743  0.0496  -0.0103 29  ASN A CB  
163 C CG  . ASN A 30  ? 0.8814 0.6044 0.9281 0.0879  0.0924  -0.0263 29  ASN A CG  
164 O OD1 . ASN A 30  ? 1.0086 0.7163 1.0340 0.0697  0.1261  -0.0400 29  ASN A OD1 
165 N ND2 . ASN A 30  ? 0.9647 0.6733 1.0533 0.1216  0.0934  -0.0230 29  ASN A ND2 
166 N N   . ASP A 31  ? 0.7366 0.3383 0.5599 0.0077  0.0856  -0.0159 30  ASP A N   
167 C CA  . ASP A 31  ? 0.8960 0.4192 0.6535 -0.0044 0.0930  -0.0161 30  ASP A CA  
168 C C   . ASP A 31  ? 0.9880 0.5095 0.6862 -0.0399 0.0640  0.0026  30  ASP A C   
169 O O   . ASP A 31  ? 1.1068 0.5993 0.7834 -0.0391 0.0489  0.0156  30  ASP A O   
170 C CB  . ASP A 31  ? 0.9602 0.4136 0.6670 -0.0198 0.1363  -0.0392 30  ASP A CB  
171 C CG  . ASP A 31  ? 1.2562 0.6164 0.8814 -0.0396 0.1431  -0.0421 30  ASP A CG  
172 O OD1 . ASP A 31  ? 1.3154 0.6508 0.9533 -0.0174 0.1327  -0.0326 30  ASP A OD1 
173 O OD2 . ASP A 31  ? 1.4031 0.7266 0.9539 -0.0779 0.1545  -0.0512 30  ASP A OD2 
174 N N   . TRP A 32  ? 0.9245 0.4786 0.6000 -0.0712 0.0569  0.0071  31  TRP A N   
175 C CA  . TRP A 32  ? 1.0040 0.5666 0.6347 -0.1058 0.0308  0.0283  31  TRP A CA  
176 C C   . TRP A 32  ? 0.9319 0.5649 0.6072 -0.0899 0.0019  0.0500  31  TRP A C   
177 O O   . TRP A 32  ? 0.9399 0.5872 0.5923 -0.1103 -0.0175 0.0714  31  TRP A O   
178 C CB  . TRP A 32  ? 1.1326 0.6951 0.7154 -0.1479 0.0335  0.0280  31  TRP A CB  
179 C CG  . TRP A 32  ? 1.1123 0.7452 0.7355 -0.1440 0.0276  0.0339  31  TRP A CG  
180 C CD1 . TRP A 32  ? 1.1341 0.7820 0.7902 -0.1281 0.0488  0.0177  31  TRP A CD1 
181 C CD2 . TRP A 32  ? 1.0948 0.7965 0.7393 -0.1524 0.0007  0.0557  31  TRP A CD2 
182 N NE1 . TRP A 32  ? 1.0714 0.7803 0.7549 -0.1309 0.0354  0.0304  31  TRP A NE1 
183 C CE2 . TRP A 32  ? 1.0551 0.7930 0.7280 -0.1454 0.0072  0.0554  31  TRP A CE2 
184 C CE3 . TRP A 32  ? 1.0602 0.8076 0.7250 -0.1572 -0.0246 0.0689  31  TRP A CE3 
185 C CZ2 . TRP A 32  ? 0.9251 0.7361 0.6424 -0.1393 -0.0119 0.0674  31  TRP A CZ2 
186 C CZ3 . TRP A 32  ? 1.0153 0.8358 0.7303 -0.1501 -0.0377 0.0800  31  TRP A CZ3 
187 C CH2 . TRP A 32  ? 0.9428 0.7910 0.6817 -0.1397 -0.0316 0.0789  31  TRP A CH2 
188 N N   . ILE A 33  ? 0.8269 0.5020 0.5646 -0.0547 0.0005  0.0444  32  ILE A N   
189 C CA  . ILE A 33  ? 0.6466 0.3758 0.4163 -0.0376 -0.0246 0.0605  32  ILE A CA  
190 C C   . ILE A 33  ? 0.6948 0.4128 0.4889 -0.0044 -0.0354 0.0628  32  ILE A C   
191 O O   . ILE A 33  ? 0.8457 0.5638 0.6844 0.0225  -0.0289 0.0496  32  ILE A O   
192 C CB  . ILE A 33  ? 0.6169 0.4020 0.4307 -0.0281 -0.0260 0.0552  32  ILE A CB  
193 C CG1 . ILE A 33  ? 0.5327 0.3335 0.3204 -0.0596 -0.0216 0.0615  32  ILE A CG1 
194 C CG2 . ILE A 33  ? 0.6246 0.4501 0.4635 -0.0069 -0.0490 0.0664  32  ILE A CG2 
195 C CD1 . ILE A 33  ? 0.5752 0.4225 0.4007 -0.0518 -0.0214 0.0587  32  ILE A CD1 
196 N N   . ILE A 34  ? 0.7699 0.4806 0.5368 -0.0074 -0.0523 0.0827  33  ILE A N   
197 C CA  . ILE A 34  ? 0.8799 0.5723 0.6564 0.0208  -0.0657 0.0901  33  ILE A CA  
198 C C   . ILE A 34  ? 0.8417 0.5851 0.6546 0.0460  -0.0871 0.0936  33  ILE A C   
199 O O   . ILE A 34  ? 0.8085 0.5543 0.6589 0.0747  -0.0973 0.0887  33  ILE A O   
200 C CB  . ILE A 34  ? 0.9672 0.6240 0.6917 0.0042  -0.0732 0.1118  33  ILE A CB  
201 C CG1 . ILE A 34  ? 1.1214 0.7057 0.8085 -0.0143 -0.0552 0.1051  33  ILE A CG1 
202 C CG2 . ILE A 34  ? 0.9263 0.5873 0.6621 0.0315  -0.0905 0.1235  33  ILE A CG2 
203 C CD1 . ILE A 34  ? 1.2363 0.8141 0.8871 -0.0574 -0.0438 0.1008  33  ILE A CD1 
204 N N   . ALA A 35  ? 0.7085 0.4909 0.5100 0.0346  -0.0940 0.1023  34  ALA A N   
205 C CA  . ALA A 35  ? 0.5832 0.4083 0.4081 0.0531  -0.1090 0.1010  34  ALA A CA  
206 C C   . ALA A 35  ? 0.5725 0.4410 0.4056 0.0404  -0.1002 0.0977  34  ALA A C   
207 O O   . ALA A 35  ? 0.5526 0.4350 0.3734 0.0193  -0.0851 0.1043  34  ALA A O   
208 C CB  . ALA A 35  ? 0.5964 0.4354 0.4117 0.0559  -0.1100 0.1106  34  ALA A CB  
209 N N   . PRO A 36  ? 0.5321 0.4247 0.3929 0.0542  -0.1094 0.0864  35  PRO A N   
210 C CA  . PRO A 36  ? 0.5251 0.4174 0.4185 0.0769  -0.1280 0.0756  35  PRO A CA  
211 C C   . PRO A 36  ? 0.5324 0.4216 0.4730 0.0800  -0.1175 0.0605  35  PRO A C   
212 O O   . PRO A 36  ? 0.6446 0.5233 0.5789 0.0627  -0.0937 0.0564  35  PRO A O   
213 C CB  . PRO A 36  ? 0.5517 0.4778 0.4573 0.0774  -0.1311 0.0664  35  PRO A CB  
214 C CG  . PRO A 36  ? 0.4589 0.3949 0.3557 0.0632  -0.1163 0.0683  35  PRO A CG  
215 C CD  . PRO A 36  ? 0.6280 0.5542 0.4961 0.0468  -0.1006 0.0836  35  PRO A CD  
216 N N   . SER A 37  ? 0.6576 0.5594 0.6468 0.0997  -0.1326 0.0525  36  SER A N   
217 C CA  . SER A 37  ? 0.7402 0.6498 0.7888 0.1048  -0.1158 0.0385  36  SER A CA  
218 C C   . SER A 37  ? 0.5569 0.4936 0.6274 0.0889  -0.1003 0.0253  36  SER A C   
219 O O   . SER A 37  ? 0.4661 0.4031 0.5663 0.0837  -0.0737 0.0147  36  SER A O   
220 C CB  . SER A 37  ? 0.8316 0.7596 0.9390 0.1301  -0.1400 0.0386  36  SER A CB  
221 O OG  . SER A 37  ? 0.9189 0.8630 1.0957 0.1368  -0.1194 0.0270  36  SER A OG  
222 N N   . GLY A 38  ? 0.5323 0.4866 0.5838 0.0821  -0.1141 0.0266  37  GLY A N   
223 C CA  . GLY A 38  ? 0.4232 0.3971 0.4896 0.0678  -0.1019 0.0174  37  GLY A CA  
224 C C   . GLY A 38  ? 0.5537 0.5335 0.5867 0.0660  -0.1171 0.0215  37  GLY A C   
225 O O   . GLY A 38  ? 0.5950 0.5649 0.5927 0.0755  -0.1353 0.0304  37  GLY A O   
226 N N   . TYR A 39  ? 0.6275 0.6182 0.6679 0.0550  -0.1071 0.0156  38  TYR A N   
227 C CA  . TYR A 39  ? 0.5321 0.5208 0.5393 0.0561  -0.1149 0.0187  38  TYR A CA  
228 C C   . TYR A 39  ? 0.5736 0.5697 0.6063 0.0486  -0.1117 0.0066  38  TYR A C   
229 O O   . TYR A 39  ? 0.5781 0.5850 0.6526 0.0386  -0.0991 -0.0009 38  TYR A O   
230 C CB  . TYR A 39  ? 0.4756 0.4591 0.4390 0.0501  -0.0992 0.0369  38  TYR A CB  
231 C CG  . TYR A 39  ? 0.4855 0.4763 0.4559 0.0338  -0.0773 0.0413  38  TYR A CG  
232 C CD1 . TYR A 39  ? 0.3738 0.3622 0.3588 0.0200  -0.0626 0.0386  38  TYR A CD1 
233 C CD2 . TYR A 39  ? 0.5551 0.5504 0.5128 0.0333  -0.0704 0.0495  38  TYR A CD2 
234 C CE1 . TYR A 39  ? 0.4330 0.4241 0.4140 0.0029  -0.0451 0.0444  38  TYR A CE1 
235 C CE2 . TYR A 39  ? 0.4121 0.4137 0.3750 0.0190  -0.0543 0.0581  38  TYR A CE2 
236 C CZ  . TYR A 39  ? 0.4388 0.4385 0.4103 0.0021  -0.0435 0.0558  38  TYR A CZ  
237 O OH  . TYR A 39  ? 0.3754 0.3774 0.3420 -0.0144 -0.0299 0.0659  38  TYR A OH  
238 N N   . HIS A 40  ? 0.5698 0.5546 0.5730 0.0533  -0.1203 0.0047  39  HIS A N   
239 C CA  . HIS A 40  ? 0.5396 0.5194 0.5571 0.0459  -0.1175 -0.0067 39  HIS A CA  
240 C C   . HIS A 40  ? 0.4008 0.3769 0.4030 0.0408  -0.0914 0.0058  39  HIS A C   
241 O O   . HIS A 40  ? 0.5776 0.5419 0.5420 0.0504  -0.0856 0.0153  39  HIS A O   
242 C CB  . HIS A 40  ? 0.4280 0.3857 0.4147 0.0531  -0.1399 -0.0180 39  HIS A CB  
243 C CG  . HIS A 40  ? 0.4415 0.4064 0.4509 0.0533  -0.1728 -0.0293 39  HIS A CG  
244 N ND1 . HIS A 40  ? 0.4821 0.4595 0.5435 0.0403  -0.1875 -0.0436 39  HIS A ND1 
245 C CD2 . HIS A 40  ? 0.5300 0.4950 0.5222 0.0643  -0.1958 -0.0247 39  HIS A CD2 
246 C CE1 . HIS A 40  ? 0.4735 0.4631 0.5534 0.0439  -0.2205 -0.0467 39  HIS A CE1 
247 N NE2 . HIS A 40  ? 0.4858 0.4655 0.5214 0.0594  -0.2266 -0.0351 39  HIS A NE2 
248 N N   . ALA A 41  ? 0.3932 0.3799 0.4257 0.0264  -0.0747 0.0075  40  ALA A N   
249 C CA  . ALA A 41  ? 0.3582 0.3440 0.3774 0.0192  -0.0539 0.0238  40  ALA A CA  
250 C C   . ALA A 41  ? 0.4414 0.4106 0.4642 0.0180  -0.0484 0.0200  40  ALA A C   
251 O O   . ALA A 41  ? 0.5548 0.5181 0.5588 0.0222  -0.0364 0.0367  40  ALA A O   
252 C CB  . ALA A 41  ? 0.4233 0.4187 0.4589 0.0022  -0.0382 0.0274  40  ALA A CB  
253 N N   . ASN A 42  ? 0.4975 0.4595 0.5481 0.0119  -0.0580 0.0000  41  ASN A N   
254 C CA  . ASN A 42  ? 0.5234 0.4630 0.5815 0.0041  -0.0520 -0.0060 41  ASN A CA  
255 C C   . ASN A 42  ? 0.5342 0.4773 0.6052 -0.0101 -0.0283 0.0083  41  ASN A C   
256 O O   . ASN A 42  ? 0.4192 0.3797 0.4850 -0.0145 -0.0178 0.0223  41  ASN A O   
257 C CB  . ASN A 42  ? 0.3768 0.2839 0.3916 0.0207  -0.0522 -0.0040 41  ASN A CB  
258 C CG  . ASN A 42  ? 0.5621 0.4580 0.5477 0.0334  -0.0735 -0.0174 41  ASN A CG  
259 O OD1 . ASN A 42  ? 0.6578 0.5595 0.6616 0.0256  -0.0964 -0.0342 41  ASN A OD1 
260 N ND2 . ASN A 42  ? 0.4747 0.3558 0.4154 0.0533  -0.0659 -0.0078 41  ASN A ND2 
261 N N   . TYR A 43  ? 0.3897 0.3104 0.4715 -0.0200 -0.0209 0.0049  42  TYR A N   
262 C CA  . TYR A 43  ? 0.5497 0.4667 0.6349 -0.0334 0.0010  0.0218  42  TYR A CA  
263 C C   . TYR A 43  ? 0.4774 0.3561 0.5596 -0.0367 0.0075  0.0224  42  TYR A C   
264 O O   . TYR A 43  ? 0.4566 0.3110 0.5417 -0.0361 -0.0046 0.0032  42  TYR A O   
265 C CB  . TYR A 43  ? 0.5197 0.4580 0.6391 -0.0541 0.0126  0.0164  42  TYR A CB  
266 C CG  . TYR A 43  ? 0.4551 0.3940 0.6231 -0.0693 0.0104  -0.0031 42  TYR A CG  
267 C CD1 . TYR A 43  ? 0.4648 0.4203 0.6634 -0.0656 -0.0122 -0.0225 42  TYR A CD1 
268 C CD2 . TYR A 43  ? 0.4484 0.3739 0.6340 -0.0898 0.0293  0.0010  42  TYR A CD2 
269 C CE1 . TYR A 43  ? 0.5028 0.4673 0.7548 -0.0830 -0.0185 -0.0371 42  TYR A CE1 
270 C CE2 . TYR A 43  ? 0.3749 0.3062 0.6123 -0.1078 0.0275  -0.0145 42  TYR A CE2 
271 C CZ  . TYR A 43  ? 0.3794 0.3333 0.6535 -0.1049 0.0025  -0.0334 42  TYR A CZ  
272 O OH  . TYR A 43  ? 0.3927 0.3604 0.7273 -0.1259 -0.0035 -0.0458 42  TYR A OH  
273 N N   . CYS A 44  ? 0.4910 0.3595 0.5623 -0.0414 0.0249  0.0455  43  CYS A N   
274 C CA  . CYS A 44  ? 0.5620 0.3881 0.6290 -0.0437 0.0342  0.0511  43  CYS A CA  
275 C C   . CYS A 44  ? 0.6172 0.4386 0.7098 -0.0728 0.0484  0.0508  43  CYS A C   
276 O O   . CYS A 44  ? 0.6820 0.5257 0.7752 -0.0857 0.0606  0.0636  43  CYS A O   
277 C CB  . CYS A 44  ? 0.5108 0.3270 0.5501 -0.0254 0.0434  0.0835  43  CYS A CB  
278 S SG  . CYS A 44  ? 0.5357 0.3680 0.5524 0.0086  0.0349  0.0912  43  CYS A SG  
279 N N   . ASP A 45  ? 0.5457 0.3342 0.6552 -0.0853 0.0480  0.0361  44  ASP A N   
280 C CA  . ASP A 45  ? 0.5949 0.3764 0.7318 -0.1149 0.0646  0.0381  44  ASP A CA  
281 C C   . ASP A 45  ? 0.6801 0.4052 0.8164 -0.1244 0.0656  0.0324  44  ASP A C   
282 O O   . ASP A 45  ? 0.8037 0.4987 0.9267 -0.1136 0.0494  0.0150  44  ASP A O   
283 C CB  . ASP A 45  ? 0.5320 0.3566 0.7193 -0.1336 0.0629  0.0183  44  ASP A CB  
284 C CG  . ASP A 45  ? 0.5554 0.3855 0.7699 -0.1622 0.0900  0.0265  44  ASP A CG  
285 O OD1 . ASP A 45  ? 0.6165 0.4273 0.7936 -0.1643 0.1064  0.0501  44  ASP A OD1 
286 O OD2 . ASP A 45  ? 0.6950 0.5572 0.9577 -0.1762 0.0897  0.0110  44  ASP A OD2 
287 N N   . GLY A 46  ? 0.4377 0.6586 0.6792 -0.0097 -0.1337 -0.0181 45  GLY A N   
288 C CA  . GLY A 46  ? 0.4755 0.6974 0.7359 -0.0277 -0.1432 -0.0525 45  GLY A CA  
289 C C   . GLY A 46  ? 0.3795 0.5539 0.6398 -0.0340 -0.1128 -0.0624 45  GLY A C   
290 O O   . GLY A 46  ? 0.4214 0.5632 0.6510 -0.0251 -0.0914 -0.0470 45  GLY A O   
291 N N   . GLU A 47  ? 0.4460 0.6165 0.7446 -0.0495 -0.1131 -0.0871 46  GLU A N   
292 C CA  . GLU A 47  ? 0.5099 0.6387 0.8151 -0.0542 -0.0833 -0.0936 46  GLU A CA  
293 C C   . GLU A 47  ? 0.4761 0.5824 0.7282 -0.0576 -0.0791 -0.1134 46  GLU A C   
294 O O   . GLU A 47  ? 0.5162 0.6384 0.7313 -0.0586 -0.0996 -0.1302 46  GLU A O   
295 C CB  . GLU A 47  ? 0.7678 0.9011 1.1487 -0.0678 -0.0797 -0.1063 46  GLU A CB  
296 C CG  . GLU A 47  ? 1.0093 1.1541 1.4505 -0.0601 -0.0677 -0.0786 46  GLU A CG  
297 C CD  . GLU A 47  ? 1.1813 1.2876 1.6418 -0.0532 -0.0275 -0.0649 46  GLU A CD  
298 O OE1 . GLU A 47  ? 1.2240 1.3153 1.7105 -0.0641 -0.0159 -0.0810 46  GLU A OE1 
299 O OE2 . GLU A 47  ? 1.2352 1.3239 1.6814 -0.0350 -0.0070 -0.0382 46  GLU A OE2 
300 N N   . CYS A 48  ? 0.3797 0.4484 0.6265 -0.0568 -0.0513 -0.1092 47  CYS A N   
301 C CA  . CYS A 48  ? 0.5795 0.6256 0.7899 -0.0594 -0.0413 -0.1239 47  CYS A CA  
302 C C   . CYS A 48  ? 0.7035 0.7286 0.9541 -0.0710 -0.0242 -0.1421 47  CYS A C   
303 O O   . CYS A 48  ? 0.8110 0.8087 1.0694 -0.0675 0.0008  -0.1282 47  CYS A O   
304 C CB  . CYS A 48  ? 0.5488 0.5708 0.7220 -0.0479 -0.0253 -0.0986 47  CYS A CB  
305 S SG  . CYS A 48  ? 0.5171 0.5585 0.6497 -0.0339 -0.0405 -0.0742 47  CYS A SG  
306 N N   . PRO A 49  ? 0.7403 0.7774 1.0183 -0.0846 -0.0393 -0.1732 48  PRO A N   
307 C CA  . PRO A 49  ? 0.7509 0.7679 1.0805 -0.0970 -0.0229 -0.1906 48  PRO A CA  
308 C C   . PRO A 49  ? 0.8795 0.8718 1.1784 -0.1014 -0.0156 -0.2181 48  PRO A C   
309 O O   . PRO A 49  ? 0.9465 0.9448 1.1898 -0.0979 -0.0326 -0.2349 48  PRO A O   
310 C CB  . PRO A 49  ? 0.7433 0.7892 1.1342 -0.1111 -0.0492 -0.2084 48  PRO A CB  
311 C CG  . PRO A 49  ? 0.7594 0.8340 1.0998 -0.1087 -0.0861 -0.2202 48  PRO A CG  
312 C CD  . PRO A 49  ? 0.7351 0.8073 1.0094 -0.0895 -0.0761 -0.1908 48  PRO A CD  
313 N N   . PHE A 50  ? 1.0117 0.9756 1.3444 -0.1057 0.0127  -0.2203 49  PHE A N   
314 C CA  . PHE A 50  ? 1.1452 1.0826 1.4649 -0.1110 0.0226  -0.2496 49  PHE A CA  
315 C C   . PHE A 50  ? 1.2438 1.1872 1.6106 -0.1279 0.0017  -0.2843 49  PHE A C   
316 O O   . PHE A 50  ? 1.2927 1.2469 1.7254 -0.1318 0.0061  -0.2696 49  PHE A O   
317 C CB  . PHE A 50  ? 1.1649 1.0713 1.5070 -0.1067 0.0622  -0.2319 49  PHE A CB  
318 C CG  . PHE A 50  ? 1.2505 1.1339 1.5414 -0.0973 0.0799  -0.2331 49  PHE A CG  
319 C CD1 . PHE A 50  ? 1.3137 1.1979 1.5451 -0.0933 0.0659  -0.2560 49  PHE A CD1 
320 C CD2 . PHE A 50  ? 1.2586 1.1212 1.5614 -0.0897 0.1120  -0.2075 49  PHE A CD2 
321 C CE1 . PHE A 50  ? 1.3242 1.1872 1.5136 -0.0813 0.0883  -0.2524 49  PHE A CE1 
322 C CE2 . PHE A 50  ? 1.2712 1.1155 1.5396 -0.0807 0.1303  -0.2040 49  PHE A CE2 
323 C CZ  . PHE A 50  ? 1.2870 1.1314 1.5007 -0.0759 0.1207  -0.2255 49  PHE A CZ  
324 N N   . PRO A 51  ? 1.2641 1.2021 1.5870 -0.1315 -0.0204 -0.3217 50  PRO A N   
325 C CA  . PRO A 51  ? 1.3223 1.2443 1.5589 -0.1201 -0.0191 -0.3387 50  PRO A CA  
326 C C   . PRO A 51  ? 1.4569 1.4083 1.6308 -0.1039 -0.0338 -0.3131 50  PRO A C   
327 O O   . PRO A 51  ? 1.5221 1.5019 1.6764 -0.1051 -0.0699 -0.3249 50  PRO A O   
328 C CB  . PRO A 51  ? 1.3103 1.2216 1.5227 -0.1272 -0.0454 -0.3832 50  PRO A CB  
329 C CG  . PRO A 51  ? 1.2906 1.2308 1.5663 -0.1425 -0.0773 -0.3840 50  PRO A CG  
330 C CD  . PRO A 51  ? 1.2570 1.2035 1.6133 -0.1446 -0.0487 -0.3463 50  PRO A CD  
331 N N   . LEU A 52  ? 1.4998 1.4450 1.6489 -0.0891 -0.0070 -0.2763 51  LEU A N   
332 C CA  . LEU A 52  ? 1.5638 1.5287 1.6547 -0.0722 -0.0140 -0.2508 51  LEU A CA  
333 C C   . LEU A 52  ? 1.6472 1.6086 1.6664 -0.0623 -0.0247 -0.2780 51  LEU A C   
334 O O   . LEU A 52  ? 1.7360 1.6671 1.7244 -0.0544 0.0001  -0.2881 51  LEU A O   
339 N N   . ALA A 53  ? 1.5840 1.5748 1.5746 -0.0606 -0.0604 -0.2889 52  ALA A N   
340 C CA  . ALA A 53  ? 1.5524 1.5411 1.4598 -0.0464 -0.0739 -0.3132 52  ALA A CA  
341 C C   . ALA A 53  ? 1.5342 1.5094 1.3862 -0.0218 -0.0388 -0.2836 52  ALA A C   
342 O O   . ALA A 53  ? 1.4973 1.4862 1.3662 -0.0147 -0.0247 -0.2389 52  ALA A O   
343 C CB  . ALA A 53  ? 1.5049 1.5358 1.3895 -0.0432 -0.1167 -0.3131 52  ALA A CB  
344 N N   . ASP A 54  ? 1.5591 1.5048 1.3490 -0.0086 -0.0238 -0.3085 53  ASP A N   
345 C CA  . ASP A 54  ? 1.5174 1.4490 1.2623 0.0169  0.0153  -0.2782 53  ASP A CA  
346 C C   . ASP A 54  ? 1.4831 1.4510 1.1956 0.0361  0.0088  -0.2368 53  ASP A C   
347 O O   . ASP A 54  ? 1.4403 1.4090 1.1542 0.0515  0.0388  -0.1934 53  ASP A O   
348 C CB  . ASP A 54  ? 1.5721 1.4661 1.2411 0.0334  0.0305  -0.3150 53  ASP A CB  
349 C CG  . ASP A 54  ? 1.6334 1.4942 1.3267 0.0120  0.0197  -0.3708 53  ASP A CG  
350 O OD1 . ASP A 54  ? 1.5814 1.4597 1.3183 -0.0118 -0.0195 -0.3937 53  ASP A OD1 
351 O OD2 . ASP A 54  ? 1.7413 1.5578 1.4166 0.0192  0.0520  -0.3897 53  ASP A OD2 
352 N N   . HIS A 55  ? 1.4984 1.4973 1.1896 0.0346  -0.0317 -0.2480 54  HIS A N   
353 C CA  . HIS A 55  ? 1.4749 1.5111 1.1440 0.0520  -0.0400 -0.2075 54  HIS A CA  
354 C C   . HIS A 55  ? 1.3546 1.4187 1.1006 0.0348  -0.0561 -0.1806 54  HIS A C   
355 O O   . HIS A 55  ? 1.3674 1.4667 1.1073 0.0415  -0.0787 -0.1616 54  HIS A O   
356 C CB  . HIS A 55  ? 1.6057 1.6612 1.1951 0.0672  -0.0731 -0.2301 54  HIS A CB  
357 C CG  . HIS A 55  ? 1.6478 1.7394 1.2048 0.0919  -0.0745 -0.1844 54  HIS A CG  
358 N ND1 . HIS A 55  ? 1.6165 1.7504 1.2045 0.0857  -0.1076 -0.1675 54  HIS A ND1 
359 C CD2 . HIS A 55  ? 1.6798 1.7719 1.1846 0.1240  -0.0429 -0.1474 54  HIS A CD2 
360 C CE1 . HIS A 55  ? 1.6199 1.7776 1.1740 0.1125  -0.0977 -0.1238 54  HIS A CE1 
361 N NE2 . HIS A 55  ? 1.6660 1.7997 1.1708 0.1361  -0.0584 -0.1101 54  HIS A NE2 
362 N N   . LEU A 56  ? 1.2328 1.2796 1.0478 0.0154  -0.0430 -0.1781 55  LEU A N   
363 C CA  . LEU A 56  ? 1.0825 1.1459 0.9583 0.0055  -0.0490 -0.1483 55  LEU A CA  
364 C C   . LEU A 56  ? 1.0022 1.0558 0.8882 0.0160  -0.0209 -0.1044 55  LEU A C   
365 O O   . LEU A 56  ? 0.9341 0.9867 0.8663 0.0082  -0.0202 -0.0819 55  LEU A O   
370 N N   . ASN A 57  ? 1.0866 1.1309 0.9291 0.0344  0.0019  -0.0930 56  ASN A N   
371 C CA  . ASN A 57  ? 1.0523 1.0903 0.9104 0.0456  0.0283  -0.0484 56  ASN A CA  
372 C C   . ASN A 57  ? 0.9209 0.9406 0.8429 0.0288  0.0350  -0.0343 56  ASN A C   
373 O O   . ASN A 57  ? 0.9151 0.9375 0.8658 0.0304  0.0361  0.0012  56  ASN A O   
374 C CB  . ASN A 57  ? 1.1559 1.2223 1.0021 0.0618  0.0211  -0.0115 56  ASN A CB  
375 C CG  . ASN A 57  ? 1.3058 1.3962 1.0865 0.0782  0.0052  -0.0256 56  ASN A CG  
376 O OD1 . ASN A 57  ? 1.3925 1.4883 1.1564 0.0683  -0.0202 -0.0654 56  ASN A OD1 
377 N ND2 . ASN A 57  ? 1.3373 1.4431 1.0830 0.1046  0.0190  0.0088  56  ASN A ND2 
378 N N   . SER A 58  ? 0.7194 0.7189 0.6625 0.0136  0.0384  -0.0623 57  SER A N   
379 C CA  . SER A 58  ? 0.6698 0.6524 0.6646 -0.0001 0.0419  -0.0516 57  SER A CA  
380 C C   . SER A 58  ? 0.7430 0.7092 0.7555 0.0053  0.0657  -0.0229 57  SER A C   
381 O O   . SER A 58  ? 0.8391 0.7961 0.8351 0.0146  0.0887  -0.0253 57  SER A O   
382 C CB  . SER A 58  ? 0.6277 0.5958 0.6438 -0.0154 0.0415  -0.0861 57  SER A CB  
383 O OG  . SER A 58  ? 0.7092 0.6951 0.7183 -0.0213 0.0182  -0.1131 57  SER A OG  
384 N N   . THR A 59  ? 0.6302 0.5911 0.6773 0.0002  0.0592  0.0043  58  THR A N   
385 C CA  . THR A 59  ? 0.6084 0.5552 0.6861 0.0010  0.0740  0.0317  58  THR A CA  
386 C C   . THR A 59  ? 0.5394 0.4661 0.6348 -0.0077 0.0864  0.0140  58  THR A C   
387 O O   . THR A 59  ? 0.4677 0.3900 0.5601 -0.0162 0.0807  -0.0152 58  THR A O   
388 C CB  . THR A 59  ? 0.5724 0.5146 0.6801 -0.0043 0.0553  0.0600  58  THR A CB  
389 O OG1 . THR A 59  ? 0.5795 0.5096 0.6898 -0.0147 0.0387  0.0427  58  THR A OG1 
390 C CG2 . THR A 59  ? 0.5541 0.5145 0.6542 0.0046  0.0459  0.0808  58  THR A CG2 
391 N N   . ASN A 60  ? 0.5110 0.4275 0.6325 -0.0049 0.1047  0.0351  59  ASN A N   
392 C CA  . ASN A 60  ? 0.4673 0.3655 0.6112 -0.0110 0.1190  0.0252  59  ASN A CA  
393 C C   . ASN A 60  ? 0.3547 0.2429 0.5144 -0.0220 0.1005  0.0222  59  ASN A C   
394 O O   . ASN A 60  ? 0.4074 0.2842 0.5756 -0.0270 0.1093  0.0029  59  ASN A O   
395 C CB  . ASN A 60  ? 0.4562 0.3495 0.6330 -0.0043 0.1403  0.0568  59  ASN A CB  
396 C CG  . ASN A 60  ? 0.4421 0.3356 0.6003 0.0109  0.1723  0.0545  59  ASN A CG  
397 O OD1 . ASN A 60  ? 0.5109 0.3972 0.6319 0.0135  0.1817  0.0184  59  ASN A OD1 
398 N ND2 . ASN A 60  ? 0.4900 0.3898 0.6745 0.0219  0.1889  0.0933  59  ASN A ND2 
399 N N   . HIS A 61  ? 0.5046 0.3940 0.6675 -0.0238 0.0769  0.0417  60  HIS A N   
400 C CA  . HIS A 61  ? 0.4533 0.3276 0.6174 -0.0291 0.0605  0.0392  60  HIS A CA  
401 C C   . HIS A 61  ? 0.4733 0.3509 0.6199 -0.0315 0.0567  0.0116  60  HIS A C   
402 O O   . HIS A 61  ? 0.4316 0.2960 0.5824 -0.0330 0.0587  0.0040  60  HIS A O   
403 C CB  . HIS A 61  ? 0.3863 0.2539 0.5525 -0.0297 0.0340  0.0624  60  HIS A CB  
404 C CG  . HIS A 61  ? 0.4789 0.3231 0.6324 -0.0308 0.0181  0.0590  60  HIS A CG  
405 N ND1 . HIS A 61  ? 0.4819 0.3207 0.6115 -0.0289 0.0104  0.0435  60  HIS A ND1 
406 C CD2 . HIS A 61  ? 0.5268 0.3508 0.6842 -0.0305 0.0099  0.0705  60  HIS A CD2 
407 C CE1 . HIS A 61  ? 0.5688 0.3811 0.6832 -0.0256 0.0019  0.0449  60  HIS A CE1 
408 N NE2 . HIS A 61  ? 0.6236 0.4264 0.7505 -0.0264 -0.0007 0.0601  60  HIS A NE2 
409 N N   . ALA A 62  ? 0.3709 0.2676 0.5004 -0.0299 0.0521  0.0003  61  ALA A N   
410 C CA  . ALA A 62  ? 0.4637 0.3702 0.5861 -0.0328 0.0455  -0.0236 61  ALA A CA  
411 C C   . ALA A 62  ? 0.4125 0.3146 0.5513 -0.0388 0.0617  -0.0489 61  ALA A C   
412 O O   . ALA A 62  ? 0.4560 0.3570 0.6115 -0.0430 0.0608  -0.0613 61  ALA A O   
413 C CB  . ALA A 62  ? 0.4245 0.3560 0.5247 -0.0286 0.0349  -0.0281 61  ALA A CB  
414 N N   . ILE A 63  ? 0.5401 0.4376 0.6791 -0.0379 0.0789  -0.0549 62  ILE A N   
415 C CA  . ILE A 63  ? 0.4594 0.3464 0.6179 -0.0438 0.0959  -0.0801 62  ILE A CA  
416 C C   . ILE A 63  ? 0.3565 0.2254 0.5486 -0.0458 0.1093  -0.0686 62  ILE A C   
417 O O   . ILE A 63  ? 0.3906 0.2545 0.6106 -0.0517 0.1171  -0.0846 62  ILE A O   
418 C CB  . ILE A 63  ? 0.5010 0.3802 0.6475 -0.0386 0.1159  -0.0873 62  ILE A CB  
419 C CG1 . ILE A 63  ? 0.4903 0.3861 0.5921 -0.0310 0.1056  -0.0953 62  ILE A CG1 
420 C CG2 . ILE A 63  ? 0.5672 0.4293 0.7359 -0.0455 0.1331  -0.1176 62  ILE A CG2 
421 C CD1 . ILE A 63  ? 0.6931 0.5768 0.7702 -0.0209 0.1288  -0.1055 62  ILE A CD1 
422 N N   . VAL A 64  ? 0.5731 0.4334 0.7655 -0.0401 0.1107  -0.0387 63  VAL A N   
423 C CA  . VAL A 64  ? 0.5828 0.4260 0.7961 -0.0380 0.1206  -0.0232 63  VAL A CA  
424 C C   . VAL A 64  ? 0.4932 0.3330 0.7025 -0.0365 0.1110  -0.0239 63  VAL A C   
425 O O   . VAL A 64  ? 0.4089 0.2393 0.6412 -0.0352 0.1272  -0.0257 63  VAL A O   
426 C CB  . VAL A 64  ? 0.5620 0.3988 0.7732 -0.0325 0.1144  0.0094  63  VAL A CB  
427 C CG1 . VAL A 64  ? 0.5120 0.3387 0.7262 -0.0260 0.1149  0.0251  63  VAL A CG1 
428 C CG2 . VAL A 64  ? 0.3381 0.1779 0.5656 -0.0308 0.1326  0.0170  63  VAL A CG2 
429 N N   . GLN A 65  ? 0.4732 0.3193 0.6559 -0.0346 0.0883  -0.0197 64  GLN A N   
430 C CA  . GLN A 65  ? 0.3808 0.2196 0.5542 -0.0292 0.0819  -0.0174 64  GLN A CA  
431 C C   . GLN A 65  ? 0.4448 0.2967 0.6462 -0.0336 0.0912  -0.0371 64  GLN A C   
432 O O   . GLN A 65  ? 0.3864 0.2293 0.6011 -0.0274 0.1026  -0.0322 64  GLN A O   
433 C CB  . GLN A 65  ? 0.4130 0.2536 0.5560 -0.0261 0.0573  -0.0096 64  GLN A CB  
434 C CG  . GLN A 65  ? 0.4830 0.3094 0.6102 -0.0170 0.0531  -0.0061 64  GLN A CG  
435 C CD  . GLN A 65  ? 0.4516 0.2726 0.5511 -0.0135 0.0302  0.0017  64  GLN A CD  
436 O OE1 . GLN A 65  ? 0.5857 0.3980 0.6741 -0.0153 0.0152  0.0133  64  GLN A OE1 
437 N NE2 . GLN A 65  ? 0.4838 0.3105 0.5805 -0.0087 0.0279  -0.0023 64  GLN A NE2 
438 N N   . THR A 66  ? 0.4256 0.2982 0.6363 -0.0430 0.0859  -0.0583 65  THR A N   
439 C CA  . THR A 66  ? 0.4681 0.3555 0.7138 -0.0508 0.0873  -0.0797 65  THR A CA  
440 C C   . THR A 66  ? 0.4880 0.3616 0.7791 -0.0540 0.1130  -0.0839 65  THR A C   
441 O O   . THR A 66  ? 0.5736 0.4501 0.9052 -0.0548 0.1218  -0.0842 65  THR A O   
442 C CB  . THR A 66  ? 0.4630 0.3712 0.7000 -0.0596 0.0717  -0.1053 65  THR A CB  
443 O OG1 . THR A 66  ? 0.6311 0.5548 0.8302 -0.0541 0.0511  -0.0960 65  THR A OG1 
444 C CG2 . THR A 66  ? 0.6144 0.5385 0.8943 -0.0704 0.0650  -0.1290 65  THR A CG2 
445 N N   . LEU A 67  ? 0.5296 0.3886 0.8202 -0.0545 0.1276  -0.0831 66  LEU A N   
446 C CA  . LEU A 67  ? 0.5740 0.4333 0.8982 -0.0513 0.1505  -0.0790 66  LEU A CA  
447 C C   . LEU A 67  ? 0.4257 0.2805 0.7532 -0.0372 0.1631  -0.0509 66  LEU A C   
448 O O   . LEU A 67  ? 0.4425 0.3046 0.8101 -0.0341 0.1801  -0.0480 66  LEU A O   
449 C CB  . LEU A 67  ? 0.3949 0.2468 0.7106 -0.0492 0.1630  -0.0758 66  LEU A CB  
450 C CG  . LEU A 67  ? 0.4176 0.2664 0.7355 -0.0593 0.1642  -0.1064 66  LEU A CG  
451 C CD1 . LEU A 67  ? 0.4844 0.3211 0.7926 -0.0531 0.1819  -0.0948 66  LEU A CD1 
452 C CD2 . LEU A 67  ? 0.5867 0.4432 0.9472 -0.0665 0.1705  -0.1277 66  LEU A CD2 
453 N N   . VAL A 68  ? 0.3694 0.2100 0.6544 -0.0279 0.1546  -0.0303 67  VAL A N   
454 C CA  . VAL A 68  ? 0.4760 0.3039 0.7451 -0.0120 0.1636  -0.0058 67  VAL A CA  
455 C C   . VAL A 68  ? 0.5093 0.3370 0.7928 -0.0067 0.1699  -0.0050 67  VAL A C   
456 O O   . VAL A 68  ? 0.5125 0.3392 0.8118 0.0048  0.1923  0.0104  67  VAL A O   
457 C CB  . VAL A 68  ? 0.5461 0.3535 0.7613 -0.0043 0.1440  0.0106  67  VAL A CB  
458 C CG1 . VAL A 68  ? 0.4989 0.2843 0.6811 0.0144  0.1481  0.0295  67  VAL A CG1 
459 C CG2 . VAL A 68  ? 0.4483 0.2586 0.6627 -0.0060 0.1427  0.0196  67  VAL A CG2 
460 N N   . ASN A 69  ? 0.5774 0.4077 0.8598 -0.0139 0.1530  -0.0186 68  ASN A N   
461 C CA  . ASN A 69  ? 0.4759 0.3095 0.7809 -0.0083 0.1589  -0.0159 68  ASN A CA  
462 C C   . ASN A 69  ? 0.3679 0.2211 0.7446 -0.0133 0.1798  -0.0191 68  ASN A C   
463 O O   . ASN A 69  ? 0.5591 0.4129 0.9610 -0.0009 0.1998  -0.0020 68  ASN A O   
464 C CB  . ASN A 69  ? 0.3382 0.1953 0.6322 -0.0169 0.1303  -0.0301 68  ASN A CB  
465 C CG  . ASN A 69  ? 0.4284 0.3037 0.7653 -0.0146 0.1347  -0.0280 68  ASN A CG  
466 O OD1 . ASN A 69  ? 0.4034 0.3035 0.7991 -0.0291 0.1318  -0.0434 68  ASN A OD1 
467 N ND2 . ASN A 69  ? 0.4426 0.3039 0.7526 0.0042  0.1410  -0.0091 68  ASN A ND2 
468 N N   . SER A 70  ? 0.4165 0.2861 0.8251 -0.0292 0.1756  -0.0403 69  SER A N   
469 C CA  . SER A 70  ? 0.3456 0.2339 0.8256 -0.0346 0.1887  -0.0487 69  SER A CA  
470 C C   . SER A 70  ? 0.5465 0.4319 1.0495 -0.0174 0.2232  -0.0230 69  SER A C   
471 O O   . SER A 70  ? 0.7187 0.6152 1.2847 -0.0120 0.2410  -0.0163 69  SER A O   
472 C CB  . SER A 70  ? 0.6884 0.5847 1.1776 -0.0505 0.1755  -0.0789 69  SER A CB  
473 O OG  . SER A 70  ? 0.6730 0.5579 1.1307 -0.0452 0.1867  -0.0723 69  SER A OG  
474 N N   . VAL A 71  ? 0.6571 0.5285 1.1118 -0.0080 0.2316  -0.0068 70  VAL A N   
475 C CA  . VAL A 71  ? 0.7071 0.5776 1.1742 0.0077  0.2634  0.0198  70  VAL A CA  
476 C C   . VAL A 71  ? 0.6958 0.5452 1.1038 0.0256  0.2705  0.0486  70  VAL A C   
477 O O   . VAL A 71  ? 0.6287 0.4731 1.0320 0.0407  0.2973  0.0746  70  VAL A O   
478 C CB  . VAL A 71  ? 0.6449 0.5133 1.0997 0.0085  0.2679  0.0208  70  VAL A CB  
479 C CG1 . VAL A 71  ? 0.6978 0.5779 1.1977 -0.0056 0.2630  -0.0086 70  VAL A CG1 
480 C CG2 . VAL A 71  ? 0.6642 0.5147 1.0456 0.0096  0.2450  0.0251  70  VAL A CG2 
481 N N   . ASN A 72  ? 0.6251 0.4595 0.9829 0.0269  0.2462  0.0426  71  ASN A N   
482 C CA  . ASN A 72  ? 0.6741 0.4820 0.9636 0.0489  0.2469  0.0621  71  ASN A CA  
483 C C   . ASN A 72  ? 0.6086 0.4100 0.8773 0.0492  0.2269  0.0519  71  ASN A C   
484 O O   . ASN A 72  ? 0.5652 0.3546 0.7934 0.0440  0.1983  0.0397  71  ASN A O   
485 C CB  . ASN A 72  ? 0.7532 0.5376 0.9758 0.0580  0.2327  0.0691  71  ASN A CB  
486 C CG  . ASN A 72  ? 0.9448 0.6955 1.0907 0.0840  0.2312  0.0851  71  ASN A CG  
487 O OD1 . ASN A 72  ? 0.9233 0.6691 1.0620 0.0979  0.2479  0.0937  71  ASN A OD1 
488 N ND2 . ASN A 72  ? 1.0808 0.8065 1.1692 0.0911  0.2105  0.0892  71  ASN A ND2 
489 N N   . SER A 73  ? 0.5241 0.3348 0.8267 0.0556  0.2436  0.0604  72  SER A N   
490 C CA  . SER A 73  ? 0.6788 0.4898 0.9783 0.0566  0.2284  0.0528  72  SER A CA  
491 C C   . SER A 73  ? 0.6895 0.4678 0.9011 0.0786  0.2206  0.0615  72  SER A C   
492 O O   . SER A 73  ? 0.6480 0.4243 0.8523 0.0834  0.2118  0.0591  72  SER A O   
493 C CB  . SER A 73  ? 0.6259 0.4624 1.0059 0.0552  0.2482  0.0615  72  SER A CB  
494 O OG  . SER A 73  ? 0.6981 0.5262 1.0659 0.0750  0.2812  0.0909  72  SER A OG  
495 N N   . LYS A 74  ? 0.8258 0.5766 0.9730 0.0926  0.2226  0.0708  73  LYS A N   
496 C CA  . LYS A 74  ? 0.8544 0.5662 0.9141 0.1107  0.2064  0.0713  73  LYS A CA  
497 C C   . LYS A 74  ? 0.8126 0.5177 0.8559 0.0943  0.1685  0.0531  73  LYS A C   
498 O O   . LYS A 74  ? 0.7391 0.4220 0.7390 0.1006  0.1504  0.0480  73  LYS A O   
499 C CB  . LYS A 74  ? 0.9796 0.6612 0.9774 0.1297  0.2135  0.0841  73  LYS A CB  
500 C CG  . LYS A 74  ? 1.1023 0.7625 1.0564 0.1595  0.2435  0.1021  73  LYS A CG  
501 C CD  . LYS A 74  ? 1.0771 0.7528 1.0631 0.1680  0.2824  0.1251  73  LYS A CD  
502 C CE  . LYS A 74  ? 1.0965 0.7526 1.0418 0.1985  0.3187  0.1474  73  LYS A CE  
503 N NZ  . LYS A 74  ? 1.0947 0.7659 1.0744 0.2075  0.3609  0.1756  73  LYS A NZ  
504 N N   . ILE A 75  ? 0.7219 0.4467 0.8029 0.0732  0.1591  0.0446  74  ILE A N   
505 C CA  . ILE A 75  ? 0.6997 0.4308 0.7767 0.0544  0.1273  0.0305  74  ILE A CA  
506 C C   . ILE A 75  ? 0.6599 0.4301 0.7865 0.0387  0.1218  0.0173  74  ILE A C   
507 O O   . ILE A 75  ? 0.6711 0.4671 0.8563 0.0290  0.1365  0.0117  74  ILE A O   
508 C CB  . ILE A 75  ? 0.7204 0.4601 0.8118 0.0406  0.1216  0.0292  74  ILE A CB  
509 C CG1 . ILE A 75  ? 0.7545 0.4669 0.8074 0.0566  0.1277  0.0460  74  ILE A CG1 
510 C CG2 . ILE A 75  ? 0.8300 0.5808 0.9109 0.0244  0.0896  0.0208  74  ILE A CG2 
511 C CD1 . ILE A 75  ? 0.6792 0.3493 0.6575 0.0718  0.1049  0.0507  74  ILE A CD1 
512 N N   . PRO A 76  ? 0.5779 0.3515 0.6827 0.0362  0.0989  0.0125  75  PRO A N   
513 C CA  . PRO A 76  ? 0.5146 0.3263 0.6588 0.0250  0.0907  0.0034  75  PRO A CA  
514 C C   . PRO A 76  ? 0.5781 0.4218 0.7480 0.0036  0.0768  -0.0119 75  PRO A C   
515 O O   . PRO A 76  ? 0.5167 0.3516 0.6702 -0.0021 0.0717  -0.0130 75  PRO A O   
516 C CB  . PRO A 76  ? 0.6542 0.4539 0.7596 0.0318  0.0713  0.0074  75  PRO A CB  
517 C CG  . PRO A 76  ? 0.6238 0.3887 0.6796 0.0339  0.0573  0.0103  75  PRO A CG  
518 C CD  . PRO A 76  ? 0.6263 0.3673 0.6710 0.0439  0.0774  0.0161  75  PRO A CD  
519 N N   . LYS A 77  ? 0.5217 0.4012 0.7306 -0.0064 0.0704  -0.0230 76  LYS A N   
520 C CA  . LYS A 77  ? 0.3948 0.3008 0.6126 -0.0227 0.0548  -0.0405 76  LYS A CA  
521 C C   . LYS A 77  ? 0.4903 0.3984 0.6665 -0.0213 0.0343  -0.0351 76  LYS A C   
522 O O   . LYS A 77  ? 0.4138 0.3073 0.5662 -0.0109 0.0289  -0.0209 76  LYS A O   
523 C CB  . LYS A 77  ? 0.5133 0.4558 0.7771 -0.0322 0.0463  -0.0548 76  LYS A CB  
524 C CG  . LYS A 77  ? 0.6823 0.6269 1.0061 -0.0377 0.0649  -0.0609 76  LYS A CG  
525 C CD  . LYS A 77  ? 0.7296 0.7122 1.1064 -0.0503 0.0476  -0.0762 76  LYS A CD  
526 C CE  . LYS A 77  ? 0.7804 0.7646 1.2309 -0.0600 0.0638  -0.0842 76  LYS A CE  
527 N NZ  . LYS A 77  ? 0.7399 0.7065 1.2192 -0.0441 0.0974  -0.0562 76  LYS A NZ  
528 N N   . ALA A 78  ? 0.4717 0.3952 0.6406 -0.0301 0.0257  -0.0453 77  ALA A N   
529 C CA  . ALA A 78  ? 0.6241 0.5555 0.7632 -0.0274 0.0102  -0.0360 77  ALA A CA  
530 C C   . ALA A 78  ? 0.5478 0.5047 0.6898 -0.0231 -0.0043 -0.0326 77  ALA A C   
531 O O   . ALA A 78  ? 0.4213 0.3986 0.5912 -0.0262 -0.0063 -0.0428 77  ALA A O   
532 C CB  . ALA A 78  ? 0.6657 0.6095 0.7957 -0.0330 0.0104  -0.0462 77  ALA A CB  
533 N N   . CYS A 79  ? 0.5312 0.4118 0.5744 0.0991  0.0079  0.1069  78  CYS A N   
534 C CA  . CYS A 79  ? 0.5446 0.4346 0.5790 0.0817  0.0043  0.0918  78  CYS A CA  
535 C C   . CYS A 79  ? 0.3950 0.2734 0.4279 0.0751  0.0063  0.0713  78  CYS A C   
536 O O   . CYS A 79  ? 0.5039 0.3866 0.5441 0.0870  0.0109  0.0665  78  CYS A O   
537 C CB  . CYS A 79  ? 0.4953 0.4196 0.5205 0.0821  -0.0033 0.0924  78  CYS A CB  
538 S SG  . CYS A 79  ? 0.7673 0.6998 0.7888 0.0667  0.0006  0.0845  78  CYS A SG  
539 N N   . CYS A 80  ? 0.4894 0.3539 0.5146 0.0553  0.0027  0.0634  79  CYS A N   
540 C CA  . CYS A 80  ? 0.5626 0.4096 0.5735 0.0443  0.0014  0.0455  79  CYS A CA  
541 C C   . CYS A 80  ? 0.5009 0.3867 0.5194 0.0463  -0.0026 0.0374  79  CYS A C   
542 O O   . CYS A 80  ? 0.4643 0.3727 0.4908 0.0367  -0.0099 0.0397  79  CYS A O   
543 C CB  . CYS A 80  ? 0.5369 0.3594 0.5383 0.0172  -0.0101 0.0461  79  CYS A CB  
544 S SG  . CYS A 80  ? 0.6283 0.4109 0.5903 -0.0031 -0.0166 0.0262  79  CYS A SG  
545 N N   . VAL A 81  ? 0.5017 0.3942 0.5233 0.0597  0.0047  0.0309  80  VAL A N   
546 C CA  . VAL A 81  ? 0.4641 0.3915 0.4958 0.0605  0.0002  0.0250  80  VAL A CA  
547 C C   . VAL A 81  ? 0.4896 0.4034 0.5149 0.0625  0.0116  0.0137  80  VAL A C   
548 O O   . VAL A 81  ? 0.5077 0.3840 0.5196 0.0696  0.0277  0.0112  80  VAL A O   
549 C CB  . VAL A 81  ? 0.4619 0.4234 0.5127 0.0735  -0.0058 0.0359  80  VAL A CB  
550 C CG1 . VAL A 81  ? 0.4182 0.3857 0.4587 0.0706  -0.0133 0.0453  80  VAL A CG1 
551 C CG2 . VAL A 81  ? 0.3587 0.3162 0.4289 0.0914  0.0030  0.0478  80  VAL A CG2 
552 N N   . PRO A 82  ? 0.4301 0.3678 0.4607 0.0569  0.0073  0.0072  81  PRO A N   
553 C CA  . PRO A 82  ? 0.4084 0.3362 0.4337 0.0599  0.0219  -0.0004 81  PRO A CA  
554 C C   . PRO A 82  ? 0.3862 0.3226 0.4407 0.0822  0.0398  0.0095  81  PRO A C   
555 O O   . PRO A 82  ? 0.3887 0.3651 0.4803 0.0903  0.0293  0.0235  81  PRO A O   
556 C CB  . PRO A 82  ? 0.3809 0.3430 0.4189 0.0514  0.0110  -0.0030 81  PRO A CB  
557 C CG  . PRO A 82  ? 0.4186 0.3879 0.4523 0.0398  -0.0050 -0.0018 81  PRO A CG  
558 C CD  . PRO A 82  ? 0.4544 0.4199 0.4911 0.0470  -0.0067 0.0070  81  PRO A CD  
559 N N   . THR A 83  ? 0.4834 0.3786 0.5192 0.0911  0.0671  0.0048  82  THR A N   
560 C CA  . THR A 83  ? 0.5394 0.4419 0.6135 0.1170  0.0933  0.0194  82  THR A CA  
561 C C   . THR A 83  ? 0.5527 0.4626 0.6363 0.1217  0.1151  0.0184  82  THR A C   
562 O O   . THR A 83  ? 0.5977 0.5277 0.7303 0.1435  0.1390  0.0364  82  THR A O   
563 C CB  . THR A 83  ? 0.5646 0.4043 0.6123 0.1311  0.1212  0.0183  82  THR A CB  
564 O OG1 . THR A 83  ? 0.5642 0.3333 0.5374 0.1165  0.1345  -0.0045 82  THR A OG1 
565 C CG2 . THR A 83  ? 0.5668 0.4041 0.6157 0.1281  0.1014  0.0249  82  THR A CG2 
566 N N   . LYS A 84  ? 0.5148 0.4109 0.5571 0.1017  0.1077  0.0019  83  LYS A N   
567 C CA  . LYS A 84  ? 0.5504 0.4544 0.5973 0.1028  0.1260  0.0018  83  LYS A CA  
568 C C   . LYS A 84  ? 0.6176 0.5321 0.6398 0.0775  0.1001  -0.0091 83  LYS A C   
569 O O   . LYS A 84  ? 0.5179 0.3982 0.4891 0.0594  0.0852  -0.0214 83  LYS A O   
570 C CB  . LYS A 84  ? 0.7389 0.5729 0.7338 0.1136  0.1702  -0.0065 83  LYS A CB  
571 C CG  . LYS A 84  ? 0.9183 0.7619 0.9260 0.1215  0.2001  -0.0002 83  LYS A CG  
572 C CD  . LYS A 84  ? 1.2297 0.9854 1.1570 0.1279  0.2462  -0.0134 83  LYS A CD  
573 C CE  . LYS A 84  ? 1.4163 1.1832 1.3598 0.1387  0.2827  -0.0030 83  LYS A CE  
574 N NZ  . LYS A 84  ? 1.6179 1.2875 1.4563 0.1376  0.3241  -0.0195 83  LYS A NZ  
575 N N   . LEU A 85  ? 0.5509 0.5133 0.6151 0.0753  0.0938  -0.0010 84  LEU A N   
576 C CA  . LEU A 85  ? 0.5404 0.5140 0.5901 0.0546  0.0721  -0.0079 84  LEU A CA  
577 C C   . LEU A 85  ? 0.5363 0.5112 0.5853 0.0525  0.0903  -0.0054 84  LEU A C   
578 O O   . LEU A 85  ? 0.4930 0.4730 0.5673 0.0684  0.1203  0.0049  84  LEU A O   
579 C CB  . LEU A 85  ? 0.4749 0.4944 0.5633 0.0482  0.0423  -0.0029 84  LEU A CB  
580 C CG  . LEU A 85  ? 0.5105 0.5286 0.5951 0.0495  0.0259  -0.0032 84  LEU A CG  
581 C CD1 . LEU A 85  ? 0.4797 0.5256 0.6064 0.0636  0.0247  0.0114  84  LEU A CD1 
582 C CD2 . LEU A 85  ? 0.4220 0.4509 0.5007 0.0361  0.0033  -0.0074 84  LEU A CD2 
583 N N   . ARG A 86  ? 0.4753 0.4471 0.5006 0.0343  0.0744  -0.0108 85  ARG A N   
584 C CA  . ARG A 86  ? 0.6505 0.6192 0.6671 0.0294  0.0894  -0.0073 85  ARG A CA  
585 C C   . ARG A 86  ? 0.5124 0.5189 0.5630 0.0167  0.0660  -0.0028 85  ARG A C   
586 O O   . ARG A 86  ? 0.4574 0.4707 0.5082 0.0079  0.0404  -0.0067 85  ARG A O   
587 C CB  . ARG A 86  ? 0.8041 0.7129 0.7393 0.0173  0.0954  -0.0164 85  ARG A CB  
588 C CG  . ARG A 86  ? 0.9738 0.8724 0.8860 0.0094  0.1083  -0.0113 85  ARG A CG  
589 C CD  . ARG A 86  ? 1.0753 0.9025 0.8901 -0.0039 0.1154  -0.0192 85  ARG A CD  
590 N NE  . ARG A 86  ? 1.0976 0.9141 0.8817 -0.0284 0.0741  -0.0199 85  ARG A NE  
591 C CZ  . ARG A 86  ? 1.0962 0.8754 0.8368 -0.0401 0.0563  -0.0273 85  ARG A CZ  
592 N NH1 . ARG A 86  ? 0.9902 0.7307 0.7038 -0.0286 0.0783  -0.0385 85  ARG A NH1 
593 N NH2 . ARG A 86  ? 1.1381 0.9186 0.8681 -0.0636 0.0170  -0.0199 85  ARG A NH2 
594 N N   . PRO A 87  ? 0.4902 0.5182 0.5715 0.0166  0.0786  0.0071  86  PRO A N   
595 C CA  . PRO A 87  ? 0.5573 0.6089 0.6635 0.0028  0.0591  0.0104  86  PRO A CA  
596 C C   . PRO A 87  ? 0.5701 0.5952 0.6324 -0.0101 0.0516  0.0080  86  PRO A C   
597 O O   . PRO A 87  ? 0.5081 0.4969 0.5173 -0.0122 0.0617  0.0058  86  PRO A O   
598 C CB  . PRO A 87  ? 0.5014 0.5794 0.6532 0.0052  0.0781  0.0254  86  PRO A CB  
599 C CG  . PRO A 87  ? 0.5340 0.6173 0.7064 0.0242  0.1040  0.0334  86  PRO A CG  
600 C CD  . PRO A 87  ? 0.5932 0.6278 0.6998 0.0311  0.1138  0.0192  86  PRO A CD  
601 N N   . MET A 88  ? 0.5667 0.6047 0.6480 -0.0200 0.0335  0.0101  87  MET A N   
602 C CA  . MET A 88  ? 0.5185 0.5396 0.5753 -0.0308 0.0263  0.0161  87  MET A CA  
603 C C   . MET A 88  ? 0.5983 0.6339 0.6882 -0.0374 0.0260  0.0240  87  MET A C   
604 O O   . MET A 88  ? 0.5612 0.6128 0.6858 -0.0384 0.0184  0.0203  87  MET A O   
605 C CB  . MET A 88  ? 0.4448 0.4583 0.4911 -0.0341 0.0057  0.0152  87  MET A CB  
606 C CG  . MET A 88  ? 0.5993 0.6280 0.6797 -0.0300 -0.0037 0.0112  87  MET A CG  
607 S SD  . MET A 88  ? 0.8411 0.8675 0.9427 -0.0353 -0.0078 0.0218  87  MET A SD  
608 C CE  . MET A 88  ? 0.6025 0.6187 0.6825 -0.0436 -0.0179 0.0408  87  MET A CE  
609 N N   . SER A 89  ? 0.6012 0.6245 0.6730 -0.0446 0.0330  0.0352  88  SER A N   
610 C CA  . SER A 89  ? 0.5668 0.5987 0.6685 -0.0517 0.0354  0.0451  88  SER A CA  
611 C C   . SER A 89  ? 0.4509 0.4780 0.5673 -0.0552 0.0183  0.0469  88  SER A C   
612 O O   . SER A 89  ? 0.4526 0.4692 0.5515 -0.0551 0.0076  0.0529  88  SER A O   
613 C CB  . SER A 89  ? 0.6661 0.6825 0.7385 -0.0573 0.0508  0.0596  88  SER A CB  
614 O OG  . SER A 89  ? 0.8138 0.8253 0.8675 -0.0502 0.0765  0.0584  88  SER A OG  
615 N N   . MET A 90  ? 0.4424 0.4737 0.5919 -0.0592 0.0167  0.0440  89  MET A N   
616 C CA  . MET A 90  ? 0.5413 0.5558 0.6997 -0.0587 0.0094  0.0429  89  MET A CA  
617 C C   . MET A 90  ? 0.4249 0.4261 0.6043 -0.0684 0.0132  0.0484  89  MET A C   
618 O O   . MET A 90  ? 0.3501 0.3590 0.5470 -0.0788 0.0133  0.0453  89  MET A O   
619 C CB  . MET A 90  ? 0.6474 0.6584 0.8039 -0.0536 0.0028  0.0255  89  MET A CB  
620 C CG  . MET A 90  ? 0.7789 0.7795 0.9269 -0.0426 0.0016  0.0268  89  MET A CG  
621 S SD  . MET A 90  ? 1.1753 1.1665 1.3100 -0.0361 -0.0008 0.0075  89  MET A SD  
622 C CE  . MET A 90  ? 0.5109 0.4719 0.6411 -0.0485 -0.0012 -0.0047 89  MET A CE  
623 N N   . LEU A 91  ? 0.3405 0.3219 0.5240 -0.0657 0.0157  0.0603  90  LEU A N   
624 C CA  . LEU A 91  ? 0.3897 0.3454 0.5898 -0.0731 0.0215  0.0638  90  LEU A CA  
625 C C   . LEU A 91  ? 0.4097 0.3300 0.6037 -0.0668 0.0249  0.0494  90  LEU A C   
626 O O   . LEU A 91  ? 0.4922 0.4064 0.6860 -0.0513 0.0304  0.0550  90  LEU A O   
627 C CB  . LEU A 91  ? 0.4244 0.3747 0.6339 -0.0720 0.0266  0.0905  90  LEU A CB  
628 C CG  . LEU A 91  ? 0.5333 0.4885 0.7513 -0.0855 0.0323  0.1033  90  LEU A CG  
629 C CD1 . LEU A 91  ? 0.5988 0.5825 0.7987 -0.0878 0.0344  0.1054  90  LEU A CD1 
630 C CD2 . LEU A 91  ? 0.5060 0.4459 0.7335 -0.0846 0.0367  0.1309  90  LEU A CD2 
631 N N   . TYR A 92  ? 0.4035 0.2966 0.5899 -0.0801 0.0223  0.0328  91  TYR A N   
632 C CA  . TYR A 92  ? 0.4972 0.3409 0.6561 -0.0765 0.0285  0.0144  91  TYR A CA  
633 C C   . TYR A 92  ? 0.5583 0.3489 0.7011 -0.0970 0.0271  0.0022  91  TYR A C   
634 O O   . TYR A 92  ? 0.5627 0.3673 0.7235 -0.1185 0.0138  0.0063  91  TYR A O   
635 C CB  . TYR A 92  ? 0.6002 0.4564 0.7345 -0.0736 0.0184  -0.0027 91  TYR A CB  
636 C CG  . TYR A 92  ? 0.6108 0.4942 0.7478 -0.0930 -0.0039 -0.0102 91  TYR A CG  
637 C CD1 . TYR A 92  ? 0.6573 0.5962 0.8217 -0.0911 -0.0092 0.0014  91  TYR A CD1 
638 C CD2 . TYR A 92  ? 0.6495 0.4994 0.7607 -0.1140 -0.0193 -0.0262 91  TYR A CD2 
639 C CE1 . TYR A 92  ? 0.7109 0.6797 0.8926 -0.1045 -0.0246 0.0014  91  TYR A CE1 
640 C CE2 . TYR A 92  ? 0.7163 0.5999 0.8444 -0.1330 -0.0441 -0.0247 91  TYR A CE2 
641 C CZ  . TYR A 92  ? 0.7410 0.6885 0.9123 -0.1257 -0.0444 -0.0087 91  TYR A CZ  
642 O OH  . TYR A 92  ? 0.7175 0.7033 0.9200 -0.1407 -0.0644 -0.0006 91  TYR A OH  
643 N N   . TYR A 93  ? 0.6770 0.4016 0.7843 -0.0907 0.0432  -0.0115 92  TYR A N   
644 C CA  . TYR A 93  ? 0.8209 0.4735 0.8932 -0.1126 0.0425  -0.0280 92  TYR A CA  
645 C C   . TYR A 93  ? 0.8224 0.4683 0.8582 -0.1415 0.0111  -0.0490 92  TYR A C   
646 O O   . TYR A 93  ? 0.8239 0.4910 0.8401 -0.1352 0.0024  -0.0576 92  TYR A O   
647 C CB  . TYR A 93  ? 0.8721 0.4430 0.9042 -0.0936 0.0768  -0.0380 92  TYR A CB  
648 C CG  . TYR A 93  ? 0.9048 0.4667 0.9788 -0.0692 0.1076  -0.0123 92  TYR A CG  
649 C CD1 . TYR A 93  ? 0.8500 0.4141 0.9587 -0.0803 0.1049  0.0049  92  TYR A CD1 
650 C CD2 . TYR A 93  ? 0.9862 0.5382 1.0709 -0.0349 0.1397  -0.0006 92  TYR A CD2 
651 C CE1 . TYR A 93  ? 0.9660 0.5220 1.1150 -0.0581 0.1304  0.0331  92  TYR A CE1 
652 C CE2 . TYR A 93  ? 1.0998 0.6494 1.2343 -0.0123 0.1651  0.0303  92  TYR A CE2 
653 C CZ  . TYR A 93  ? 1.0991 0.6538 1.2618 -0.0239 0.1574  0.0465  92  TYR A CZ  
654 O OH  . TYR A 93  ? 1.0950 0.6656 1.3022 -0.0019 0.1736  0.0785  92  TYR A OH  
655 N N   . ASP A 94  ? 0.8123 0.4309 0.8435 -0.1752 -0.0087 -0.0531 93  ASP A N   
656 C CA  . ASP A 94  ? 1.0496 0.6377 1.0338 -0.2087 -0.0421 -0.0719 93  ASP A CA  
657 C C   . ASP A 94  ? 1.2354 0.7075 1.1301 -0.2120 -0.0246 -0.0987 93  ASP A C   
658 O O   . ASP A 94  ? 1.2270 0.6604 1.1124 -0.1816 0.0168  -0.0989 93  ASP A O   
659 C CB  . ASP A 94  ? 1.1122 0.7231 1.1363 -0.2482 -0.0752 -0.0597 93  ASP A CB  
660 C CG  . ASP A 94  ? 1.1352 0.7044 1.1743 -0.2565 -0.0593 -0.0530 93  ASP A CG  
661 O OD1 . ASP A 94  ? 1.1657 0.6718 1.1746 -0.2355 -0.0249 -0.0599 93  ASP A OD1 
662 O OD2 . ASP A 94  ? 1.1647 0.7722 1.2512 -0.2783 -0.0755 -0.0379 93  ASP A OD2 
663 N N   . ASP A 95  ? 1.3248 0.7679 1.1695 -0.2362 -0.0522 -0.1146 94  ASP A N   
664 C CA  . ASP A 95  ? 1.3335 0.6836 1.0935 -0.2306 -0.0327 -0.1371 94  ASP A CA  
665 C C   . ASP A 95  ? 1.2634 0.5625 1.0281 -0.2372 -0.0194 -0.1366 94  ASP A C   
666 O O   . ASP A 95  ? 1.3398 0.5577 1.0406 -0.2274 0.0064  -0.1520 94  ASP A O   
667 C CB  . ASP A 95  ? 1.4314 0.7588 1.1198 -0.2560 -0.0662 -0.1527 94  ASP A CB  
668 C CG  . ASP A 95  ? 1.4466 0.8196 1.1714 -0.2969 -0.1170 -0.1414 94  ASP A CG  
669 O OD1 . ASP A 95  ? 1.4651 0.8586 1.2503 -0.3089 -0.1203 -0.1284 94  ASP A OD1 
670 O OD2 . ASP A 95  ? 1.4906 0.8812 1.1873 -0.3159 -0.1525 -0.1412 94  ASP A OD2 
671 N N   . GLY A 96  ? 1.1414 0.4886 0.9820 -0.2530 -0.0343 -0.1169 95  GLY A N   
672 C CA  . GLY A 96  ? 1.2636 0.5700 1.1203 -0.2595 -0.0230 -0.1118 95  GLY A CA  
673 C C   . GLY A 96  ? 1.2284 0.5417 1.1316 -0.2255 0.0153  -0.0913 95  GLY A C   
674 O O   . GLY A 96  ? 1.2610 0.5524 1.1904 -0.2265 0.0254  -0.0791 95  GLY A O   
675 N N   . GLN A 97  ? 1.1690 0.5159 1.0829 -0.1957 0.0355  -0.0849 96  GLN A N   
676 C CA  . GLN A 97  ? 1.1465 0.5175 1.1108 -0.1607 0.0710  -0.0599 96  GLN A CA  
677 C C   . GLN A 97  ? 1.0636 0.4965 1.1033 -0.1729 0.0602  -0.0312 96  GLN A C   
678 O O   . GLN A 97  ? 1.0993 0.5412 1.1768 -0.1525 0.0820  -0.0074 96  GLN A O   
679 C CB  . GLN A 97  ? 1.1987 0.5026 1.1374 -0.1335 0.1089  -0.0605 96  GLN A CB  
680 C CG  . GLN A 97  ? 1.1439 0.4812 1.1295 -0.0892 0.1463  -0.0348 96  GLN A CG  
681 C CD  . GLN A 97  ? 1.1909 0.4673 1.1477 -0.0597 0.1883  -0.0373 96  GLN A CD  
682 O OE1 . GLN A 97  ? 1.2698 0.4763 1.1520 -0.0660 0.1964  -0.0652 96  GLN A OE1 
683 N NE2 . GLN A 97  ? 1.0547 0.3605 1.0715 -0.0284 0.2158  -0.0055 96  GLN A NE2 
684 N N   . ASN A 98  ? 1.0302 0.5124 1.0943 -0.2048 0.0272  -0.0301 97  ASN A N   
685 C CA  . ASN A 98  ? 0.9888 0.5542 1.1267 -0.2072 0.0195  0.0005  97  ASN A CA  
686 C C   . ASN A 98  ? 0.8245 0.4762 0.9899 -0.1808 0.0200  0.0116  97  ASN A C   
687 O O   . ASN A 98  ? 0.7713 0.4388 0.9121 -0.1778 0.0081  -0.0042 97  ASN A O   
688 C CB  . ASN A 98  ? 0.9755 0.5645 1.1332 -0.2487 -0.0141 0.0034  97  ASN A CB  
689 C CG  . ASN A 98  ? 1.0913 0.6038 1.2061 -0.2747 -0.0196 -0.0185 97  ASN A CG  
690 O OD1 . ASN A 98  ? 0.9763 0.4480 1.0970 -0.2773 -0.0026 -0.0126 97  ASN A OD1 
691 N ND2 . ASN A 98  ? 1.2324 0.7325 1.3071 -0.2902 -0.0470 -0.0412 97  ASN A ND2 
692 N N   . ILE A 99  ? 0.7394 0.4395 0.9481 -0.1640 0.0327  0.0391  98  ILE A N   
693 C CA  . ILE A 99  ? 0.6007 0.3685 0.8236 -0.1424 0.0331  0.0491  98  ILE A CA  
694 C C   . ILE A 99  ? 0.6008 0.4293 0.8440 -0.1567 0.0145  0.0505  98  ILE A C   
695 O O   . ILE A 99  ? 0.6834 0.5307 0.9589 -0.1763 0.0096  0.0643  98  ILE A O   
696 C CB  . ILE A 99  ? 0.6548 0.4462 0.9038 -0.1251 0.0480  0.0795  98  ILE A CB  
697 C CG1 . ILE A 99  ? 0.7417 0.4774 0.9897 -0.1102 0.0682  0.0878  98  ILE A CG1 
698 C CG2 . ILE A 99  ? 0.5009 0.3449 0.7478 -0.1065 0.0451  0.0863  98  ILE A CG2 
699 C CD1 . ILE A 99  ? 0.7780 0.5037 1.0131 -0.0836 0.0794  0.0827  98  ILE A CD1 
700 N N   . ILE A 100 ? 0.4572 0.3162 0.6872 -0.1451 0.0076  0.0399  99  ILE A N   
701 C CA  . ILE A 100 ? 0.4541 0.3684 0.7071 -0.1529 -0.0055 0.0431  99  ILE A CA  
702 C C   . ILE A 100 ? 0.4025 0.3605 0.6562 -0.1301 0.0055  0.0519  99  ILE A C   
703 O O   . ILE A 100 ? 0.4119 0.3630 0.6393 -0.1124 0.0080  0.0434  99  ILE A O   
704 C CB  . ILE A 100 ? 0.6466 0.5522 0.8785 -0.1641 -0.0279 0.0225  99  ILE A CB  
705 C CG1 . ILE A 100 ? 0.8414 0.6929 1.0574 -0.1948 -0.0450 0.0119  99  ILE A CG1 
706 C CG2 . ILE A 100 ? 0.5318 0.5005 0.7989 -0.1665 -0.0391 0.0321  99  ILE A CG2 
707 C CD1 . ILE A 100 ? 0.9297 0.8006 1.1964 -0.2208 -0.0530 0.0321  99  ILE A CD1 
708 N N   . LYS A 101 ? 0.4498 0.4469 0.7304 -0.1318 0.0140  0.0697  100 LYS A N   
709 C CA  . LYS A 101 ? 0.5686 0.5950 0.8368 -0.1140 0.0253  0.0744  100 LYS A CA  
710 C C   . LYS A 101 ? 0.5408 0.6002 0.8274 -0.1137 0.0189  0.0687  100 LYS A C   
711 O O   . LYS A 101 ? 0.5837 0.6655 0.9135 -0.1285 0.0135  0.0782  100 LYS A O   
712 C CB  . LYS A 101 ? 0.5964 0.6336 0.8693 -0.1132 0.0461  0.0973  100 LYS A CB  
713 C CG  . LYS A 101 ? 0.6134 0.6592 0.8499 -0.0977 0.0597  0.1000  100 LYS A CG  
714 C CD  . LYS A 101 ? 0.5539 0.6297 0.8102 -0.0929 0.0765  0.1039  100 LYS A CD  
715 C CE  . LYS A 101 ? 0.6853 0.7510 0.8893 -0.0777 0.0923  0.1008  100 LYS A CE  
716 N NZ  . LYS A 101 ? 0.7506 0.8381 0.9746 -0.0674 0.1173  0.1055  100 LYS A NZ  
717 N N   . LYS A 102 ? 0.4359 0.5005 0.6966 -0.0978 0.0182  0.0578  101 LYS A N   
718 C CA  . LYS A 102 ? 0.4181 0.5106 0.6965 -0.0948 0.0111  0.0538  101 LYS A CA  
719 C C   . LYS A 102 ? 0.3996 0.4936 0.6461 -0.0749 0.0189  0.0460  101 LYS A C   
720 O O   . LYS A 102 ? 0.4438 0.5145 0.6531 -0.0680 0.0157  0.0367  101 LYS A O   
721 C CB  . LYS A 102 ? 0.5467 0.6271 0.8261 -0.1092 -0.0164 0.0406  101 LYS A CB  
722 C CG  . LYS A 102 ? 0.5514 0.6574 0.8424 -0.1064 -0.0304 0.0384  101 LYS A CG  
723 C CD  . LYS A 102 ? 0.5615 0.7153 0.9178 -0.1138 -0.0305 0.0619  101 LYS A CD  
724 C CE  . LYS A 102 ? 0.6594 0.8426 1.0342 -0.1064 -0.0424 0.0658  101 LYS A CE  
725 N NZ  . LYS A 102 ? 0.7507 0.9063 1.0843 -0.1175 -0.0740 0.0474  101 LYS A NZ  
726 N N   . ASP A 103 ? 0.5284 0.6490 0.7949 -0.0659 0.0302  0.0529  102 ASP A N   
727 C CA  . ASP A 103 ? 0.5584 0.6742 0.7951 -0.0488 0.0372  0.0445  102 ASP A CA  
728 C C   . ASP A 103 ? 0.5652 0.6899 0.8093 -0.0478 0.0152  0.0347  102 ASP A C   
729 O O   . ASP A 103 ? 0.5323 0.6866 0.8193 -0.0501 0.0081  0.0443  102 ASP A O   
730 C CB  . ASP A 103 ? 0.6379 0.7668 0.8873 -0.0355 0.0684  0.0574  102 ASP A CB  
731 C CG  . ASP A 103 ? 0.8290 0.9274 1.0297 -0.0322 0.0933  0.0605  102 ASP A CG  
732 O OD1 . ASP A 103 ? 0.7250 0.8060 0.9032 -0.0432 0.0834  0.0603  102 ASP A OD1 
733 O OD2 . ASP A 103 ? 1.0350 1.1215 1.2154 -0.0186 0.1238  0.0643  102 ASP A OD2 
734 N N   . ILE A 104 ? 0.5376 0.6381 0.7428 -0.0449 0.0041  0.0197  103 ILE A N   
735 C CA  . ILE A 104 ? 0.4632 0.5641 0.6625 -0.0433 -0.0136 0.0105  103 ILE A CA  
736 C C   . ILE A 104 ? 0.3181 0.4284 0.5137 -0.0272 -0.0048 0.0115  103 ILE A C   
737 O O   . ILE A 104 ? 0.3077 0.3996 0.4717 -0.0184 0.0066  0.0070  103 ILE A O   
738 C CB  . ILE A 104 ? 0.5512 0.6205 0.7142 -0.0435 -0.0209 -0.0024 103 ILE A CB  
739 C CG1 . ILE A 104 ? 0.6073 0.6566 0.7703 -0.0548 -0.0208 -0.0022 103 ILE A CG1 
740 C CG2 . ILE A 104 ? 0.6203 0.6829 0.7691 -0.0445 -0.0365 -0.0113 103 ILE A CG2 
741 C CD1 . ILE A 104 ? 0.6207 0.6681 0.7992 -0.0733 -0.0356 -0.0031 103 ILE A CD1 
742 N N   . GLN A 105 ? 0.3700 0.5065 0.5988 -0.0253 -0.0124 0.0199  104 GLN A N   
743 C CA  . GLN A 105 ? 0.4274 0.5716 0.6611 -0.0076 -0.0008 0.0246  104 GLN A CA  
744 C C   . GLN A 105 ? 0.4050 0.5274 0.5990 -0.0018 -0.0100 0.0115  104 GLN A C   
745 O O   . GLN A 105 ? 0.5244 0.6348 0.6976 -0.0106 -0.0280 0.0026  104 GLN A O   
746 C CB  . GLN A 105 ? 0.5610 0.7461 0.8550 -0.0070 -0.0091 0.0452  104 GLN A CB  
747 C CG  . GLN A 105 ? 0.6570 0.8721 1.0078 -0.0082 0.0079  0.0663  104 GLN A CG  
748 C CD  . GLN A 105 ? 0.6685 0.8908 1.0431 0.0171  0.0471  0.0806  104 GLN A CD  
749 O OE1 . GLN A 105 ? 0.7387 0.9359 1.0858 0.0258  0.0808  0.0766  104 GLN A OE1 
750 N NE2 . GLN A 105 ? 0.7200 0.9709 1.1413 0.0291  0.0445  0.0989  104 GLN A NE2 
751 N N   . ASN A 106 ? 0.4594 0.5709 0.6404 0.0134  0.0064  0.0114  105 ASN A N   
752 C CA  . ASN A 106 ? 0.4577 0.5513 0.6097 0.0191  -0.0005 0.0037  105 ASN A CA  
753 C C   . ASN A 106 ? 0.3849 0.4561 0.5018 0.0107  -0.0096 -0.0075 105 ASN A C   
754 O O   . ASN A 106 ? 0.4569 0.5246 0.5641 0.0093  -0.0219 -0.0107 105 ASN A O   
755 C CB  . ASN A 106 ? 0.4110 0.5255 0.5851 0.0210  -0.0185 0.0117  105 ASN A CB  
756 C CG  . ASN A 106 ? 0.4635 0.6077 0.6887 0.0323  -0.0100 0.0315  105 ASN A CG  
757 O OD1 . ASN A 106 ? 0.5305 0.6662 0.7618 0.0470  0.0189  0.0354  105 ASN A OD1 
758 N ND2 . ASN A 106 ? 0.4341 0.6095 0.6946 0.0249  -0.0346 0.0465  105 ASN A ND2 
759 N N   . MET A 107 ? 0.4233 0.4786 0.5219 0.0056  -0.0019 -0.0097 106 MET A N   
760 C CA  . MET A 107 ? 0.4131 0.4550 0.4949 -0.0013 -0.0100 -0.0117 106 MET A CA  
761 C C   . MET A 107 ? 0.3268 0.3472 0.3814 -0.0035 -0.0098 -0.0104 106 MET A C   
762 O O   . MET A 107 ? 0.3804 0.3967 0.4336 -0.0071 -0.0187 -0.0061 106 MET A O   
763 C CB  . MET A 107 ? 0.3153 0.3586 0.4044 -0.0101 -0.0097 -0.0085 106 MET A CB  
764 C CG  . MET A 107 ? 0.3061 0.3582 0.4139 -0.0144 -0.0154 -0.0110 106 MET A CG  
765 S SD  . MET A 107 ? 0.4522 0.4860 0.5462 -0.0127 -0.0206 -0.0166 106 MET A SD  
766 C CE  . MET A 107 ? 0.7206 0.7427 0.8197 -0.0139 -0.0135 -0.0071 106 MET A CE  
767 N N   . ILE A 108 ? 0.3430 0.3459 0.3750 -0.0025 0.0014  -0.0122 107 ILE A N   
768 C CA  . ILE A 108 ? 0.4835 0.4524 0.4742 -0.0112 -0.0023 -0.0127 107 ILE A CA  
769 C C   . ILE A 108 ? 0.5138 0.4598 0.4865 -0.0022 0.0087  -0.0189 107 ILE A C   
770 O O   . ILE A 108 ? 0.4882 0.4315 0.4649 0.0111  0.0301  -0.0210 107 ILE A O   
771 C CB  . ILE A 108 ? 0.4369 0.3805 0.3893 -0.0220 0.0034  -0.0114 107 ILE A CB  
772 C CG1 . ILE A 108 ? 0.5078 0.4726 0.4815 -0.0303 -0.0074 -0.0015 107 ILE A CG1 
773 C CG2 . ILE A 108 ? 0.6028 0.5004 0.4978 -0.0380 -0.0073 -0.0125 107 ILE A CG2 
774 C CD1 . ILE A 108 ? 0.5397 0.4810 0.4742 -0.0417 -0.0033 0.0035  107 ILE A CD1 
775 N N   . VAL A 109 ? 0.5361 0.4660 0.4954 -0.0085 -0.0039 -0.0183 108 VAL A N   
776 C CA  . VAL A 109 ? 0.4876 0.3883 0.4280 -0.0010 0.0062  -0.0234 108 VAL A CA  
777 C C   . VAL A 109 ? 0.4488 0.2887 0.3242 -0.0096 0.0182  -0.0320 108 VAL A C   
778 O O   . VAL A 109 ? 0.6527 0.4638 0.4865 -0.0327 0.0005  -0.0314 108 VAL A O   
779 C CB  . VAL A 109 ? 0.5104 0.4121 0.4598 -0.0068 -0.0108 -0.0178 108 VAL A CB  
780 C CG1 . VAL A 109 ? 0.7140 0.5798 0.6427 0.0005  0.0006  -0.0223 108 VAL A CG1 
781 C CG2 . VAL A 109 ? 0.3458 0.2932 0.3420 0.0028  -0.0160 -0.0110 108 VAL A CG2 
782 N N   . GLU A 110 ? 0.5166 0.3336 0.3817 0.0088  0.0490  -0.0375 109 GLU A N   
783 C CA  . GLU A 110 ? 0.6757 0.4193 0.4663 0.0050  0.0718  -0.0483 109 GLU A CA  
784 C C   . GLU A 110 ? 0.7515 0.4417 0.5092 0.0064  0.0777  -0.0552 109 GLU A C   
785 O O   . GLU A 110 ? 0.6745 0.2911 0.3528 -0.0138 0.0744  -0.0658 109 GLU A O   
786 C CB  . GLU A 110 ? 0.7568 0.5015 0.5580 0.0279  0.1131  -0.0469 109 GLU A CB  
787 C CG  . GLU A 110 ? 1.0159 0.6834 0.7283 0.0219  0.1413  -0.0575 109 GLU A CG  
788 C CD  . GLU A 110 ? 1.1152 0.7995 0.8526 0.0432  0.1823  -0.0496 109 GLU A CD  
789 O OE1 . GLU A 110 ? 1.1819 0.9143 0.9522 0.0362  0.1698  -0.0410 109 GLU A OE1 
790 O OE2 . GLU A 110 ? 1.2353 0.8842 0.9647 0.0678  0.2296  -0.0492 109 GLU A OE2 
791 N N   . GLU A 111 ? 0.7684 0.4909 0.5823 0.0273  0.0837  -0.0479 110 GLU A N   
792 C CA  . GLU A 111 ? 0.8106 0.4867 0.6033 0.0308  0.0900  -0.0510 110 GLU A CA  
793 C C   . GLU A 111 ? 0.6548 0.3844 0.5098 0.0366  0.0692  -0.0379 110 GLU A C   
794 O O   . GLU A 111 ? 0.4876 0.2836 0.4024 0.0488  0.0633  -0.0273 110 GLU A O   
795 C CB  . GLU A 111 ? 0.9784 0.6116 0.7601 0.0595  0.1385  -0.0530 110 GLU A CB  
796 C CG  . GLU A 111 ? 1.1745 0.7292 0.8720 0.0554  0.1699  -0.0681 110 GLU A CG  
797 C CD  . GLU A 111 ? 1.3560 0.8644 1.0487 0.0897  0.2283  -0.0670 110 GLU A CD  
798 O OE1 . GLU A 111 ? 1.3799 0.9158 1.1361 0.1146  0.2391  -0.0528 110 GLU A OE1 
799 O OE2 . GLU A 111 ? 1.4621 0.9194 1.0958 0.0894  0.2594  -0.0731 110 GLU A OE2 
800 N N   . CYS A 112 ? 0.6860 0.3800 0.5197 0.0254  0.0578  -0.0385 111 CYS A N   
801 C CA  . CYS A 112 ? 0.5779 0.3115 0.4608 0.0318  0.0438  -0.0247 111 CYS A CA  
802 C C   . CYS A 112 ? 0.5821 0.2778 0.4633 0.0507  0.0661  -0.0214 111 CYS A C   
803 O O   . CYS A 112 ? 0.7196 0.3423 0.5493 0.0516  0.0889  -0.0329 111 CYS A O   
804 C CB  . CYS A 112 ? 0.6136 0.3482 0.4908 0.0035  0.0122  -0.0198 111 CYS A CB  
805 S SG  . CYS A 112 ? 0.6267 0.4090 0.5203 -0.0151 -0.0124 -0.0157 111 CYS A SG  
806 N N   . GLY A 113 ? 0.5538 0.2920 0.4850 0.0658  0.0613  -0.0051 112 GLY A N   
807 C CA  . GLY A 113 ? 0.6635 0.3718 0.6025 0.0852  0.0801  0.0041  112 GLY A CA  
808 C C   . GLY A 113 ? 0.6687 0.4260 0.6533 0.0932  0.0641  0.0246  112 GLY A C   
809 O O   . GLY A 113 ? 0.6473 0.4643 0.6605 0.0920  0.0465  0.0315  112 GLY A O   
810 N N   . CYS A 114 ? 0.5991 0.3223 0.5820 0.1002  0.0717  0.0342  113 CYS A N   
811 C CA  . CYS A 114 ? 0.6248 0.3852 0.6416 0.1081  0.0591  0.0563  113 CYS A CA  
812 C C   . CYS A 114 ? 0.6060 0.4121 0.6697 0.1352  0.0642  0.0759  113 CYS A C   
813 O O   . CYS A 114 ? 0.6672 0.4523 0.7487 0.1577  0.0886  0.0845  113 CYS A O   
814 C CB  . CYS A 114 ? 0.9075 0.6140 0.9089 0.1057  0.0656  0.0633  113 CYS A CB  
815 S SG  . CYS A 114 ? 0.7532 0.4109 0.7095 0.0660  0.0497  0.0485  113 CYS A SG  
816 N N   . SER A 115 ? 0.6553 0.5204 0.7385 0.1319  0.0412  0.0851  114 SER A N   
817 C CA  . SER A 115 ? 0.5357 0.4487 0.6625 0.1488  0.0339  0.1076  114 SER A CA  
818 C C   . SER A 115 ? 0.5302 0.4665 0.6566 0.1471  0.0114  0.1286  114 SER A C   
819 O O   . SER A 115 ? 0.5211 0.4437 0.6157 0.1336  0.0053  0.1234  114 SER A O   
820 C CB  . SER A 115 ? 0.4413 0.3955 0.5808 0.1419  0.0237  0.0992  114 SER A CB  
821 O OG  . SER A 115 ? 0.4902 0.4194 0.6219 0.1429  0.0465  0.0811  114 SER A OG  
822 O OXT . SER A 115 ? 0.5736 0.5423 0.7311 0.1583  -0.0013 0.1543  114 SER A OXT 
# 
